data_5F3W
#
_entry.id   5F3W
#
_cell.length_a   84.303
_cell.length_b   130.111
_cell.length_c   166.656
_cell.angle_alpha   90.00
_cell.angle_beta   90.00
_cell.angle_gamma   90.00
#
_symmetry.space_group_name_H-M   'P 21 21 21'
#
loop_
_entity.id
_entity.type
_entity.pdbx_description
1 polymer 'DNA double-strand break repair protein Mre11'
2 polymer 'DNA double-strand break repair Rad50 ATPase,DNA double-strand break repair Rad50 ATPase'
3 polymer '27-MER DNA'
4 polymer '27-MER DNA'
5 non-polymer 'MAGNESIUM ION'
6 non-polymer 'PHOSPHOTHIOPHOSPHORIC ACID-ADENYLATE ESTER'
7 water water
#
loop_
_entity_poly.entity_id
_entity_poly.type
_entity_poly.pdbx_seq_one_letter_code
_entity_poly.pdbx_strand_id
1 'polypeptide(L)'
;MGSSHHHHHHSSGLVPRGSHMMFVHIADNHLGYRQYNLDDREKDIYDSFKLCIKKILEIKPDVVLHSGDLFNDLRPPVKA
LRIAMQAFKKLHENNIKVYIVAGNHEMPRRLGEESPLALLKDYVKILDGKDVINVNGEEIFICGTYYHKKSKREEMLDKL
KNFESEAKNYKKKILMLHQGINPYIPLDYELEHFDLPKFSYYALGHIHKRILERFNDGILAYSGSTEIIYRNEYEDYKKE
GKGFYLVDFSGNDLDISDIEKIDIECREFVEVNIKDKKSFNEAVNKIERCKNKPVVFGKIKREFKPWFDTLKDKILINKA
IIVDDEFIDMPDNVDIESLNIKELLVDYANRQGIDGDLVLSLYKALLNNENWKELLDEYYNTKFRG
;
A,C
2 'polypeptide(L)'
;MSMILKEIRMNNFKSHVNSRIKFEKGIVAIIGENGSGKSSIFEAVFFALFGAGSNFNYDTIITKGKKSVYVELDFEVNGN
NYKIIREYDSGRGGAKLYKNGKPYATTISAVNKAVNEILGVDRNMFLNSIYIKQGEIAKFLSLKPSEKLETVAKLLGIDE
FEKCYQKMGEIVKEYEKRLERIEGELNYKEMESLKARLKEMSNLEKEKEKLTKFVEYLDKVRRIFGRNGFQAYLREKYVP
LIQKYLNEAFSEFDLPYSFVELTKDFEVRVHAPNGVLTIDNLSGGEQIAVALSLRLAIANALIGNRVECIILDEPTVYLD
ENRRAKLAEIFRKVKSIPQMIIITHHRELEDVADVIINVKKDGNVSKVKING
;
B,D
3 'polydeoxyribonucleotide'
;(DA)(DA)(DA)(DG)(DT)(DT)(DG)(DG)(DG)(DA)(DT)(DT)(DG)(DA)(DG)(DA)(DC)(DA)(DC)(DA)
(DC)(DA)(DT)(DT)(DC)(DG)(DT)
;
E
4 'polydeoxyribonucleotide'
;(DT)(DT)(DA)(DC)(DG)(DA)(DA)(DT)(DG)(DT)(DG)(DT)(DG)(DT)(DC)(DT)(DC)(DA)(DA)(DT)
(DC)(DC)(DC)(DA)(DA)(DC)(DT)
;
F
#
# COMPACT_ATOMS: atom_id res chain seq x y z
N HIS A 20 -51.19 -12.90 -17.49
CA HIS A 20 -50.67 -14.24 -17.67
C HIS A 20 -49.16 -14.21 -17.91
N MET A 21 -48.41 -13.74 -16.92
CA MET A 21 -46.97 -13.57 -17.06
C MET A 21 -46.28 -13.89 -15.74
N MET A 22 -44.98 -14.19 -15.84
CA MET A 22 -44.15 -14.45 -14.67
C MET A 22 -42.80 -13.79 -14.88
N PHE A 23 -42.20 -13.31 -13.77
CA PHE A 23 -40.88 -12.71 -13.80
C PHE A 23 -40.12 -13.17 -12.56
N VAL A 24 -38.81 -12.92 -12.57
CA VAL A 24 -37.90 -13.36 -11.50
C VAL A 24 -37.31 -12.14 -10.83
N HIS A 25 -37.38 -12.10 -9.50
CA HIS A 25 -36.75 -11.06 -8.68
C HIS A 25 -35.58 -11.68 -7.92
N ILE A 26 -34.37 -11.23 -8.25
CA ILE A 26 -33.14 -11.75 -7.62
C ILE A 26 -32.24 -10.57 -7.30
N ALA A 27 -31.47 -10.70 -6.21
CA ALA A 27 -30.59 -9.62 -5.80
C ALA A 27 -29.49 -10.17 -4.90
N ASP A 28 -28.50 -9.31 -4.65
CA ASP A 28 -27.41 -9.54 -3.69
C ASP A 28 -26.71 -10.88 -3.96
N ASN A 29 -26.02 -10.93 -5.09
CA ASN A 29 -25.23 -12.09 -5.46
C ASN A 29 -23.80 -11.99 -4.98
N HIS A 30 -23.26 -10.78 -4.88
CA HIS A 30 -21.92 -10.50 -4.34
C HIS A 30 -20.86 -11.38 -4.99
N LEU A 31 -20.87 -11.43 -6.32
CA LEU A 31 -19.86 -12.19 -7.05
C LEU A 31 -18.47 -11.63 -6.75
N GLY A 32 -17.55 -12.51 -6.41
CA GLY A 32 -16.20 -12.11 -6.05
C GLY A 32 -15.94 -12.06 -4.58
N TYR A 33 -16.96 -12.21 -3.74
CA TYR A 33 -16.76 -12.21 -2.29
C TYR A 33 -15.89 -13.37 -1.88
N ARG A 34 -14.72 -13.06 -1.32
CA ARG A 34 -13.73 -14.06 -0.92
C ARG A 34 -13.71 -14.09 0.60
N GLN A 35 -14.72 -14.75 1.18
CA GLN A 35 -14.81 -14.81 2.63
C GLN A 35 -13.65 -15.62 3.19
N TYR A 36 -13.09 -15.14 4.31
CA TYR A 36 -11.98 -15.78 4.99
C TYR A 36 -10.76 -15.94 4.08
N ASN A 37 -10.69 -15.17 2.98
CA ASN A 37 -9.63 -15.31 1.98
C ASN A 37 -9.48 -16.76 1.55
N LEU A 38 -10.61 -17.44 1.40
CA LEU A 38 -10.64 -18.88 1.16
C LEU A 38 -11.16 -19.13 -0.23
N ASP A 39 -10.43 -19.95 -1.00
CA ASP A 39 -10.83 -20.26 -2.37
C ASP A 39 -12.19 -20.94 -2.42
N ASP A 40 -12.42 -21.88 -1.50
CA ASP A 40 -13.67 -22.64 -1.50
C ASP A 40 -14.86 -21.72 -1.31
N ARG A 41 -14.76 -20.75 -0.40
CA ARG A 41 -15.87 -19.83 -0.17
C ARG A 41 -16.07 -18.87 -1.33
N GLU A 42 -15.00 -18.61 -2.11
CA GLU A 42 -15.16 -17.77 -3.29
C GLU A 42 -15.93 -18.49 -4.39
N LYS A 43 -15.64 -19.77 -4.60
CA LYS A 43 -16.35 -20.53 -5.63
C LYS A 43 -17.79 -20.79 -5.24
N ASP A 44 -18.08 -20.92 -3.94
CA ASP A 44 -19.45 -21.17 -3.49
C ASP A 44 -20.38 -20.04 -3.90
N ILE A 45 -19.85 -18.82 -4.03
CA ILE A 45 -20.66 -17.71 -4.52
C ILE A 45 -20.91 -17.86 -6.01
N TYR A 46 -19.87 -18.27 -6.76
CA TYR A 46 -20.02 -18.46 -8.20
C TYR A 46 -20.98 -19.60 -8.49
N ASP A 47 -20.81 -20.73 -7.79
CA ASP A 47 -21.66 -21.89 -8.04
C ASP A 47 -23.13 -21.56 -7.79
N SER A 48 -23.44 -21.01 -6.60
CA SER A 48 -24.81 -20.66 -6.28
C SER A 48 -25.38 -19.68 -7.30
N PHE A 49 -24.54 -18.75 -7.77
CA PHE A 49 -24.99 -17.84 -8.82
C PHE A 49 -25.22 -18.58 -10.13
N LYS A 50 -24.28 -19.47 -10.51
CA LYS A 50 -24.50 -20.30 -11.69
C LYS A 50 -25.77 -21.11 -11.56
N LEU A 51 -26.01 -21.70 -10.38
CA LEU A 51 -27.21 -22.52 -10.18
C LEU A 51 -28.46 -21.66 -10.20
N CYS A 52 -28.38 -20.42 -9.72
CA CYS A 52 -29.52 -19.52 -9.84
C CYS A 52 -29.84 -19.24 -11.30
N ILE A 53 -28.80 -18.98 -12.09
CA ILE A 53 -28.97 -18.85 -13.54
C ILE A 53 -29.51 -20.15 -14.13
N LYS A 54 -28.99 -21.28 -13.66
CA LYS A 54 -29.49 -22.57 -14.13
C LYS A 54 -30.98 -22.72 -13.87
N LYS A 55 -31.43 -22.44 -12.64
CA LYS A 55 -32.85 -22.54 -12.32
C LYS A 55 -33.67 -21.51 -13.11
N ILE A 56 -33.13 -20.30 -13.30
CA ILE A 56 -33.83 -19.29 -14.08
C ILE A 56 -34.05 -19.77 -15.51
N LEU A 57 -33.03 -20.39 -16.09
CA LEU A 57 -33.17 -20.93 -17.44
C LEU A 57 -34.22 -22.02 -17.50
N GLU A 58 -34.34 -22.83 -16.44
CA GLU A 58 -35.35 -23.88 -16.37
C GLU A 58 -36.77 -23.31 -16.33
N ILE A 59 -36.94 -22.13 -15.74
CA ILE A 59 -38.28 -21.58 -15.54
C ILE A 59 -38.84 -20.97 -16.81
N LYS A 60 -37.98 -20.37 -17.65
CA LYS A 60 -38.35 -19.54 -18.78
C LYS A 60 -39.20 -18.36 -18.35
N PRO A 61 -38.67 -17.44 -17.54
CA PRO A 61 -39.46 -16.26 -17.17
C PRO A 61 -39.35 -15.17 -18.23
N ASP A 62 -40.37 -14.31 -18.24
CA ASP A 62 -40.43 -13.26 -19.26
C ASP A 62 -39.38 -12.18 -19.00
N VAL A 63 -39.28 -11.73 -17.75
CA VAL A 63 -38.35 -10.67 -17.36
C VAL A 63 -37.62 -11.09 -16.10
N VAL A 64 -36.36 -10.72 -15.99
CA VAL A 64 -35.58 -10.90 -14.76
C VAL A 64 -35.26 -9.52 -14.20
N LEU A 65 -35.65 -9.28 -12.95
CA LEU A 65 -35.39 -8.03 -12.25
C LEU A 65 -34.29 -8.25 -11.22
N HIS A 66 -33.08 -7.79 -11.55
CA HIS A 66 -31.95 -7.83 -10.63
C HIS A 66 -31.81 -6.46 -9.97
N SER A 67 -32.02 -6.41 -8.65
CA SER A 67 -32.12 -5.12 -7.95
C SER A 67 -30.84 -4.75 -7.20
N GLY A 68 -29.68 -5.17 -7.69
CA GLY A 68 -28.42 -4.60 -7.26
C GLY A 68 -27.49 -5.61 -6.63
N ASP A 69 -26.24 -5.17 -6.46
CA ASP A 69 -25.18 -5.93 -5.80
C ASP A 69 -24.93 -7.27 -6.49
N LEU A 70 -24.85 -7.24 -7.83
CA LEU A 70 -24.43 -8.42 -8.56
C LEU A 70 -22.98 -8.78 -8.23
N PHE A 71 -22.09 -7.79 -8.32
CA PHE A 71 -20.70 -7.96 -7.93
C PHE A 71 -20.50 -7.48 -6.49
N ASN A 72 -19.38 -7.92 -5.91
CA ASN A 72 -19.05 -7.53 -4.54
C ASN A 72 -18.20 -6.26 -4.47
N ASP A 73 -17.47 -5.93 -5.52
CA ASP A 73 -16.56 -4.80 -5.51
C ASP A 73 -16.71 -4.03 -6.82
N LEU A 74 -16.08 -2.86 -6.87
CA LEU A 74 -16.07 -2.06 -8.08
C LEU A 74 -15.00 -2.53 -9.05
N ARG A 75 -14.06 -3.33 -8.57
CA ARG A 75 -12.97 -3.88 -9.39
C ARG A 75 -12.92 -5.39 -9.18
N PRO A 76 -13.98 -6.10 -9.55
CA PRO A 76 -14.07 -7.52 -9.21
C PRO A 76 -13.07 -8.32 -10.02
N PRO A 77 -12.82 -9.58 -9.63
CA PRO A 77 -11.89 -10.41 -10.40
C PRO A 77 -12.42 -10.70 -11.80
N VAL A 78 -11.48 -10.94 -12.72
CA VAL A 78 -11.85 -11.24 -14.11
C VAL A 78 -12.77 -12.47 -14.15
N LYS A 79 -12.52 -13.44 -13.28
CA LYS A 79 -13.36 -14.64 -13.24
C LYS A 79 -14.80 -14.29 -12.93
N ALA A 80 -15.02 -13.42 -11.93
CA ALA A 80 -16.38 -13.00 -11.62
C ALA A 80 -17.01 -12.23 -12.76
N LEU A 81 -16.19 -11.48 -13.52
CA LEU A 81 -16.72 -10.76 -14.67
C LEU A 81 -17.13 -11.73 -15.78
N ARG A 82 -16.31 -12.76 -16.03
CA ARG A 82 -16.67 -13.76 -17.03
C ARG A 82 -17.93 -14.52 -16.63
N ILE A 83 -17.98 -14.98 -15.38
CA ILE A 83 -19.13 -15.77 -14.91
C ILE A 83 -20.42 -14.96 -15.01
N ALA A 84 -20.38 -13.68 -14.63
CA ALA A 84 -21.58 -12.85 -14.71
C ALA A 84 -21.98 -12.61 -16.16
N MET A 85 -21.00 -12.32 -17.02
CA MET A 85 -21.28 -12.05 -18.43
C MET A 85 -21.95 -13.25 -19.09
N GLN A 86 -21.31 -14.42 -19.01
CA GLN A 86 -21.84 -15.62 -19.65
C GLN A 86 -23.21 -16.00 -19.11
N ALA A 87 -23.58 -15.50 -17.93
CA ALA A 87 -24.91 -15.77 -17.39
C ALA A 87 -25.97 -14.93 -18.06
N PHE A 88 -25.76 -13.61 -18.13
CA PHE A 88 -26.74 -12.72 -18.73
C PHE A 88 -26.74 -12.77 -20.25
N LYS A 89 -25.65 -13.26 -20.87
CA LYS A 89 -25.72 -13.57 -22.29
C LYS A 89 -26.68 -14.72 -22.55
N LYS A 90 -26.64 -15.74 -21.69
CA LYS A 90 -27.62 -16.83 -21.78
C LYS A 90 -29.04 -16.29 -21.64
N LEU A 91 -29.23 -15.33 -20.74
CA LEU A 91 -30.57 -14.78 -20.52
C LEU A 91 -31.02 -13.92 -21.70
N HIS A 92 -30.10 -13.15 -22.28
CA HIS A 92 -30.49 -12.27 -23.39
C HIS A 92 -30.75 -13.05 -24.67
N GLU A 93 -29.95 -14.09 -24.92
CA GLU A 93 -30.15 -14.89 -26.13
C GLU A 93 -31.45 -15.67 -26.10
N ASN A 94 -31.96 -15.97 -24.90
CA ASN A 94 -33.23 -16.66 -24.74
C ASN A 94 -34.42 -15.70 -24.66
N ASN A 95 -34.26 -14.47 -25.16
CA ASN A 95 -35.34 -13.49 -25.24
C ASN A 95 -35.91 -13.18 -23.85
N ILE A 96 -35.05 -13.16 -22.84
CA ILE A 96 -35.40 -12.69 -21.51
C ILE A 96 -34.76 -11.32 -21.33
N LYS A 97 -35.58 -10.28 -21.20
CA LYS A 97 -35.05 -8.96 -20.94
C LYS A 97 -34.73 -8.84 -19.45
N VAL A 98 -33.48 -8.51 -19.14
CA VAL A 98 -33.01 -8.39 -17.77
C VAL A 98 -32.83 -6.91 -17.46
N TYR A 99 -33.45 -6.47 -16.36
CA TYR A 99 -33.31 -5.11 -15.87
C TYR A 99 -32.48 -5.11 -14.60
N ILE A 100 -31.55 -4.16 -14.48
CA ILE A 100 -30.69 -4.07 -13.30
C ILE A 100 -30.56 -2.62 -12.86
N VAL A 101 -30.40 -2.43 -11.56
CA VAL A 101 -30.03 -1.14 -10.98
C VAL A 101 -28.72 -1.32 -10.23
N ALA A 102 -27.84 -0.32 -10.33
CA ALA A 102 -26.54 -0.41 -9.70
C ALA A 102 -26.68 -0.43 -8.17
N GLY A 103 -25.88 -1.28 -7.53
CA GLY A 103 -25.85 -1.38 -6.09
C GLY A 103 -24.80 -0.47 -5.47
N ASN A 104 -24.71 -0.53 -4.13
CA ASN A 104 -23.73 0.28 -3.42
C ASN A 104 -22.31 -0.22 -3.67
N HIS A 105 -22.14 -1.52 -3.92
CA HIS A 105 -20.85 -2.08 -4.27
C HIS A 105 -20.53 -1.94 -5.75
N GLU A 106 -21.39 -1.28 -6.52
CA GLU A 106 -21.18 -1.14 -7.96
C GLU A 106 -21.22 0.30 -8.45
N MET A 107 -21.56 1.27 -7.60
CA MET A 107 -21.55 2.67 -8.00
C MET A 107 -20.12 3.18 -8.06
N PRO A 108 -19.65 3.68 -9.21
CA PRO A 108 -18.26 4.16 -9.30
C PRO A 108 -18.01 5.30 -8.34
N ARG A 109 -16.92 5.19 -7.57
CA ARG A 109 -16.57 6.20 -6.58
C ARG A 109 -15.78 7.35 -7.20
N ARG A 110 -14.93 7.06 -8.18
CA ARG A 110 -14.21 8.08 -8.92
C ARG A 110 -14.96 8.35 -10.23
N LEU A 111 -14.46 9.31 -11.00
CA LEU A 111 -15.24 9.83 -12.14
C LEU A 111 -15.04 9.02 -13.41
N GLY A 112 -13.84 9.08 -13.98
CA GLY A 112 -13.63 8.52 -15.31
C GLY A 112 -13.74 7.01 -15.40
N GLU A 113 -13.62 6.31 -14.28
CA GLU A 113 -13.69 4.86 -14.30
C GLU A 113 -15.14 4.39 -14.36
N GLU A 114 -15.35 3.20 -14.91
CA GLU A 114 -16.69 2.68 -15.16
C GLU A 114 -17.05 1.58 -14.16
N SER A 115 -18.37 1.36 -14.04
CA SER A 115 -18.93 0.30 -13.23
C SER A 115 -18.81 -1.06 -13.93
N PRO A 116 -18.68 -2.15 -13.18
CA PRO A 116 -18.63 -3.48 -13.80
C PRO A 116 -19.87 -3.81 -14.63
N LEU A 117 -21.01 -3.19 -14.31
CA LEU A 117 -22.23 -3.51 -15.04
C LEU A 117 -22.19 -3.05 -16.49
N ALA A 118 -21.23 -2.18 -16.84
CA ALA A 118 -21.12 -1.72 -18.22
C ALA A 118 -20.75 -2.84 -19.18
N LEU A 119 -20.17 -3.94 -18.68
CA LEU A 119 -19.87 -5.08 -19.53
C LEU A 119 -21.13 -5.83 -19.94
N LEU A 120 -22.23 -5.64 -19.22
CA LEU A 120 -23.48 -6.32 -19.48
C LEU A 120 -24.47 -5.43 -20.26
N LYS A 121 -23.97 -4.39 -20.93
CA LYS A 121 -24.86 -3.43 -21.58
C LYS A 121 -25.65 -4.08 -22.73
N ASP A 122 -25.07 -5.09 -23.38
CA ASP A 122 -25.71 -5.72 -24.52
C ASP A 122 -26.61 -6.88 -24.14
N TYR A 123 -26.67 -7.22 -22.85
CA TYR A 123 -27.55 -8.27 -22.36
C TYR A 123 -28.53 -7.80 -21.30
N VAL A 124 -28.28 -6.66 -20.67
CA VAL A 124 -29.07 -6.19 -19.54
C VAL A 124 -29.32 -4.70 -19.70
N LYS A 125 -30.56 -4.27 -19.42
CA LYS A 125 -30.90 -2.86 -19.38
C LYS A 125 -30.63 -2.33 -17.97
N ILE A 126 -29.65 -1.44 -17.85
CA ILE A 126 -29.37 -0.81 -16.57
C ILE A 126 -30.36 0.33 -16.36
N LEU A 127 -31.20 0.19 -15.34
CA LEU A 127 -32.33 1.08 -15.14
C LEU A 127 -31.90 2.35 -14.41
N ASP A 128 -32.13 3.50 -15.04
CA ASP A 128 -32.04 4.79 -14.38
C ASP A 128 -33.15 5.68 -14.94
N GLY A 129 -34.38 5.21 -14.81
CA GLY A 129 -35.53 5.91 -15.36
C GLY A 129 -36.71 4.96 -15.52
N LYS A 130 -37.49 5.21 -16.56
CA LYS A 130 -38.72 4.48 -16.81
C LYS A 130 -38.55 3.56 -18.02
N ASP A 131 -39.49 2.64 -18.14
CA ASP A 131 -39.60 1.75 -19.30
C ASP A 131 -40.90 0.98 -19.20
N VAL A 132 -41.54 0.75 -20.35
CA VAL A 132 -42.78 -0.03 -20.42
C VAL A 132 -42.55 -1.22 -21.33
N ILE A 133 -43.19 -2.34 -21.01
CA ILE A 133 -43.05 -3.57 -21.77
C ILE A 133 -44.43 -4.14 -22.07
N ASN A 134 -44.57 -4.73 -23.26
CA ASN A 134 -45.76 -5.48 -23.63
C ASN A 134 -45.47 -6.96 -23.45
N VAL A 135 -46.16 -7.60 -22.51
CA VAL A 135 -46.00 -9.03 -22.25
C VAL A 135 -47.37 -9.68 -22.33
N ASN A 136 -47.56 -10.53 -23.35
CA ASN A 136 -48.81 -11.28 -23.53
C ASN A 136 -50.03 -10.37 -23.53
N GLY A 137 -49.86 -9.13 -23.99
CA GLY A 137 -50.97 -8.24 -24.19
C GLY A 137 -51.33 -7.33 -23.03
N GLU A 138 -50.35 -6.88 -22.25
CA GLU A 138 -50.63 -5.98 -21.15
C GLU A 138 -49.39 -5.14 -20.87
N GLU A 139 -49.61 -3.84 -20.65
CA GLU A 139 -48.52 -2.90 -20.39
C GLU A 139 -48.23 -2.84 -18.90
N ILE A 140 -46.98 -3.12 -18.53
CA ILE A 140 -46.52 -3.06 -17.15
C ILE A 140 -45.40 -2.03 -17.05
N PHE A 141 -45.49 -1.16 -16.05
CA PHE A 141 -44.57 -0.04 -15.87
C PHE A 141 -43.43 -0.44 -14.95
N ILE A 142 -42.20 -0.38 -15.47
CA ILE A 142 -41.00 -0.63 -14.68
C ILE A 142 -40.21 0.67 -14.56
N CYS A 143 -39.72 0.94 -13.36
CA CYS A 143 -38.87 2.11 -13.13
C CYS A 143 -37.89 1.79 -12.01
N GLY A 144 -36.76 2.48 -12.02
CA GLY A 144 -35.74 2.25 -11.00
C GLY A 144 -34.62 3.24 -11.12
N THR A 145 -33.79 3.27 -10.08
CA THR A 145 -32.61 4.14 -10.06
C THR A 145 -31.49 3.45 -9.28
N TYR A 146 -30.30 4.03 -9.39
CA TYR A 146 -29.12 3.46 -8.75
C TYR A 146 -29.16 3.69 -7.24
N TYR A 147 -28.10 3.23 -6.57
CA TYR A 147 -28.00 3.40 -5.12
C TYR A 147 -27.67 4.86 -4.81
N HIS A 148 -28.56 5.52 -4.07
CA HIS A 148 -28.33 6.88 -3.59
C HIS A 148 -27.81 6.82 -2.17
N LYS A 149 -26.66 7.43 -1.92
CA LYS A 149 -26.17 7.53 -0.56
C LYS A 149 -27.10 8.41 0.27
N LYS A 150 -27.01 8.24 1.58
CA LYS A 150 -27.93 8.91 2.50
C LYS A 150 -27.90 10.43 2.37
N SER A 151 -26.83 10.99 1.80
CA SER A 151 -26.72 12.44 1.65
C SER A 151 -27.70 12.96 0.60
N LYS A 152 -27.77 12.30 -0.56
CA LYS A 152 -28.59 12.77 -1.68
C LYS A 152 -29.98 12.13 -1.67
N ARG A 153 -30.63 12.13 -0.51
CA ARG A 153 -31.99 11.58 -0.43
C ARG A 153 -33.00 12.48 -1.15
N GLU A 154 -32.84 13.81 -1.05
CA GLU A 154 -33.76 14.70 -1.75
C GLU A 154 -33.67 14.54 -3.26
N GLU A 155 -32.48 14.21 -3.78
CA GLU A 155 -32.37 13.87 -5.20
C GLU A 155 -33.09 12.57 -5.48
N MET A 156 -32.99 11.61 -4.56
CA MET A 156 -33.75 10.36 -4.70
C MET A 156 -35.24 10.62 -4.63
N LEU A 157 -35.67 11.42 -3.65
CA LEU A 157 -37.09 11.76 -3.54
C LEU A 157 -37.58 12.51 -4.77
N ASP A 158 -36.73 13.31 -5.39
CA ASP A 158 -37.10 13.99 -6.63
C ASP A 158 -37.24 12.98 -7.77
N LYS A 159 -36.45 11.91 -7.75
CA LYS A 159 -36.61 10.85 -8.74
C LYS A 159 -37.86 10.03 -8.49
N LEU A 160 -38.24 9.84 -7.22
CA LEU A 160 -39.42 9.04 -6.91
C LEU A 160 -40.70 9.79 -7.24
N LYS A 161 -40.72 11.10 -7.02
CA LYS A 161 -41.90 11.87 -7.39
C LYS A 161 -42.02 12.00 -8.90
N ASN A 162 -40.90 11.98 -9.62
CA ASN A 162 -40.96 11.93 -11.08
C ASN A 162 -41.49 10.59 -11.56
N PHE A 163 -41.00 9.49 -10.97
CA PHE A 163 -41.52 8.17 -11.30
C PHE A 163 -42.98 8.00 -10.89
N GLU A 164 -43.46 8.84 -9.97
CA GLU A 164 -44.85 8.78 -9.54
C GLU A 164 -45.78 9.38 -10.60
N SER A 165 -45.40 10.51 -11.18
CA SER A 165 -46.23 11.17 -12.17
C SER A 165 -46.34 10.36 -13.45
N GLU A 166 -45.26 9.70 -13.85
CA GLU A 166 -45.22 8.95 -15.11
C GLU A 166 -45.88 7.58 -15.03
N ALA A 167 -46.49 7.22 -13.89
CA ALA A 167 -47.00 5.88 -13.70
C ALA A 167 -48.51 5.78 -13.54
N LYS A 168 -49.22 6.89 -13.29
CA LYS A 168 -50.63 6.82 -12.94
C LYS A 168 -51.46 6.15 -14.05
N ASN A 169 -51.00 6.22 -15.29
CA ASN A 169 -51.77 5.65 -16.39
C ASN A 169 -51.81 4.13 -16.33
N TYR A 170 -50.81 3.50 -15.72
CA TYR A 170 -50.67 2.06 -15.74
C TYR A 170 -51.20 1.43 -14.46
N LYS A 171 -52.07 0.44 -14.61
CA LYS A 171 -52.60 -0.28 -13.47
C LYS A 171 -51.61 -1.30 -12.91
N LYS A 172 -50.58 -1.65 -13.69
CA LYS A 172 -49.51 -2.55 -13.25
C LYS A 172 -48.20 -1.78 -13.31
N LYS A 173 -47.49 -1.73 -12.19
CA LYS A 173 -46.28 -0.93 -12.08
C LYS A 173 -45.33 -1.58 -11.08
N ILE A 174 -44.02 -1.48 -11.35
CA ILE A 174 -43.00 -2.06 -10.51
C ILE A 174 -41.89 -1.04 -10.29
N LEU A 175 -41.29 -1.08 -9.10
CA LEU A 175 -40.25 -0.15 -8.70
C LEU A 175 -39.03 -0.93 -8.23
N MET A 176 -37.88 -0.64 -8.84
CA MET A 176 -36.61 -1.31 -8.51
C MET A 176 -35.71 -0.35 -7.75
N LEU A 177 -35.39 -0.69 -6.50
CA LEU A 177 -34.51 0.15 -5.68
C LEU A 177 -33.50 -0.72 -4.95
N HIS A 178 -32.33 -0.16 -4.69
CA HIS A 178 -31.28 -0.81 -3.89
C HIS A 178 -30.98 0.08 -2.68
N GLN A 179 -31.97 0.21 -1.79
CA GLN A 179 -31.85 1.06 -0.61
C GLN A 179 -32.28 0.29 0.63
N GLY A 180 -32.23 0.97 1.77
CA GLY A 180 -32.75 0.42 3.01
C GLY A 180 -33.92 1.23 3.52
N ILE A 181 -35.03 0.57 3.82
CA ILE A 181 -36.25 1.22 4.29
C ILE A 181 -36.34 1.13 5.80
N ASN A 182 -36.83 2.19 6.42
CA ASN A 182 -36.77 2.36 7.87
C ASN A 182 -37.35 1.19 8.68
N PRO A 183 -38.58 0.73 8.45
CA PRO A 183 -39.15 -0.30 9.34
C PRO A 183 -38.50 -1.67 9.24
N TYR A 184 -37.46 -1.83 8.43
CA TYR A 184 -36.83 -3.13 8.24
C TYR A 184 -35.40 -3.20 8.74
N ILE A 185 -34.60 -2.15 8.54
CA ILE A 185 -33.25 -2.06 9.08
C ILE A 185 -33.08 -0.76 9.85
N PRO A 186 -33.04 -0.79 11.16
CA PRO A 186 -32.88 0.46 11.90
C PRO A 186 -31.45 0.96 11.84
N LEU A 187 -30.48 0.05 11.65
CA LEU A 187 -29.08 0.43 11.66
C LEU A 187 -28.74 1.41 10.53
N ASP A 188 -28.73 0.93 9.29
CA ASP A 188 -28.36 1.77 8.14
C ASP A 188 -29.46 1.71 7.09
N TYR A 189 -30.52 2.50 7.31
CA TYR A 189 -31.57 2.70 6.31
C TYR A 189 -31.41 4.09 5.70
N GLU A 190 -31.65 4.19 4.40
CA GLU A 190 -31.49 5.46 3.70
C GLU A 190 -32.82 6.11 3.30
N LEU A 191 -33.94 5.39 3.39
CA LEU A 191 -35.24 5.96 3.07
C LEU A 191 -36.27 5.47 4.07
N GLU A 192 -37.33 6.26 4.24
CA GLU A 192 -38.45 5.89 5.09
C GLU A 192 -39.51 5.15 4.28
N HIS A 193 -40.56 4.70 4.97
CA HIS A 193 -41.62 3.96 4.29
C HIS A 193 -42.58 4.92 3.57
N PHE A 194 -42.84 6.08 4.16
CA PHE A 194 -43.78 7.03 3.56
C PHE A 194 -43.22 7.74 2.35
N ASP A 195 -41.91 7.60 2.08
CA ASP A 195 -41.33 8.16 0.87
C ASP A 195 -41.62 7.31 -0.36
N LEU A 196 -42.08 6.08 -0.17
CA LEU A 196 -42.35 5.19 -1.29
C LEU A 196 -43.74 5.43 -1.84
N PRO A 197 -43.89 5.82 -3.11
CA PRO A 197 -45.23 5.92 -3.70
C PRO A 197 -45.82 4.54 -3.92
N LYS A 198 -47.12 4.52 -4.22
CA LYS A 198 -47.83 3.26 -4.39
C LYS A 198 -47.42 2.59 -5.70
N PHE A 199 -46.95 1.35 -5.60
CA PHE A 199 -46.62 0.52 -6.75
C PHE A 199 -47.16 -0.88 -6.51
N SER A 200 -47.36 -1.61 -7.61
CA SER A 200 -47.87 -2.97 -7.51
C SER A 200 -46.83 -3.92 -6.91
N TYR A 201 -45.55 -3.61 -7.06
CA TYR A 201 -44.50 -4.48 -6.57
C TYR A 201 -43.24 -3.66 -6.32
N TYR A 202 -42.51 -4.02 -5.25
CA TYR A 202 -41.27 -3.34 -4.87
C TYR A 202 -40.14 -4.38 -4.88
N ALA A 203 -39.27 -4.29 -5.88
CA ALA A 203 -38.13 -5.20 -6.01
C ALA A 203 -36.90 -4.50 -5.43
N LEU A 204 -36.57 -4.83 -4.18
CA LEU A 204 -35.57 -4.11 -3.41
C LEU A 204 -34.34 -4.97 -3.15
N GLY A 205 -33.32 -4.35 -2.56
CA GLY A 205 -32.09 -5.03 -2.25
C GLY A 205 -31.30 -4.34 -1.16
N HIS A 206 -30.06 -4.80 -1.01
CA HIS A 206 -29.01 -4.34 -0.10
C HIS A 206 -29.16 -4.91 1.31
N ILE A 207 -30.26 -5.58 1.65
CA ILE A 207 -30.33 -6.33 2.89
C ILE A 207 -30.47 -7.81 2.55
N HIS A 208 -29.71 -8.63 3.24
CA HIS A 208 -29.59 -10.04 2.89
C HIS A 208 -30.55 -10.92 3.68
N LYS A 209 -31.36 -10.34 4.55
CA LYS A 209 -32.51 -11.05 5.11
C LYS A 209 -33.65 -10.98 4.11
N ARG A 210 -34.18 -12.15 3.75
CA ARG A 210 -35.25 -12.23 2.76
C ARG A 210 -36.56 -11.77 3.40
N ILE A 211 -37.15 -10.70 2.85
CA ILE A 211 -38.34 -10.07 3.42
C ILE A 211 -39.45 -10.08 2.37
N LEU A 212 -40.66 -10.36 2.82
CA LEU A 212 -41.82 -10.40 1.92
C LEU A 212 -43.05 -10.03 2.75
N GLU A 213 -43.64 -8.88 2.44
CA GLU A 213 -44.82 -8.45 3.19
C GLU A 213 -45.61 -7.46 2.35
N ARG A 214 -46.83 -7.21 2.80
CA ARG A 214 -47.75 -6.30 2.13
C ARG A 214 -47.37 -4.85 2.43
N PHE A 215 -47.64 -3.95 1.48
CA PHE A 215 -47.23 -2.56 1.63
C PHE A 215 -47.93 -1.61 0.66
N ASN A 216 -48.73 -0.68 1.20
CA ASN A 216 -49.41 0.35 0.40
C ASN A 216 -50.20 -0.27 -0.75
N ASP A 217 -51.14 -1.15 -0.37
CA ASP A 217 -51.99 -1.84 -1.34
C ASP A 217 -51.16 -2.52 -2.43
N GLY A 218 -50.02 -3.04 -2.03
CA GLY A 218 -49.11 -3.69 -2.95
C GLY A 218 -48.24 -4.69 -2.20
N ILE A 219 -47.17 -5.12 -2.86
CA ILE A 219 -46.25 -6.09 -2.30
C ILE A 219 -44.84 -5.52 -2.32
N LEU A 220 -44.26 -5.29 -1.14
CA LEU A 220 -42.86 -4.92 -0.99
C LEU A 220 -42.04 -6.17 -0.72
N ALA A 221 -40.93 -6.32 -1.43
CA ALA A 221 -40.15 -7.54 -1.35
C ALA A 221 -38.66 -7.24 -1.37
N TYR A 222 -37.92 -7.90 -0.48
CA TYR A 222 -36.46 -7.90 -0.48
C TYR A 222 -35.98 -9.30 -0.85
N SER A 223 -35.48 -9.46 -2.08
CA SER A 223 -34.86 -10.71 -2.48
C SER A 223 -33.61 -10.90 -1.65
N GLY A 224 -33.60 -11.93 -0.80
CA GLY A 224 -32.44 -12.19 0.04
C GLY A 224 -31.19 -12.45 -0.76
N SER A 225 -30.05 -12.61 -0.08
CA SER A 225 -28.83 -12.93 -0.79
C SER A 225 -28.90 -14.34 -1.35
N THR A 226 -27.92 -14.67 -2.19
CA THR A 226 -27.86 -15.99 -2.82
C THR A 226 -26.95 -16.95 -2.06
N GLU A 227 -25.85 -16.45 -1.52
CA GLU A 227 -24.99 -17.24 -0.64
C GLU A 227 -24.82 -16.45 0.65
N ILE A 228 -24.46 -17.18 1.71
CA ILE A 228 -24.27 -16.56 3.03
C ILE A 228 -23.03 -15.67 2.97
N ILE A 229 -23.24 -14.36 3.05
CA ILE A 229 -22.16 -13.39 2.91
C ILE A 229 -21.63 -12.97 4.28
N TYR A 230 -22.41 -12.17 5.01
CA TYR A 230 -22.04 -11.79 6.36
C TYR A 230 -22.63 -12.80 7.34
N ARG A 231 -21.85 -13.11 8.38
CA ARG A 231 -22.18 -14.23 9.26
C ARG A 231 -23.47 -14.04 10.03
N ASN A 232 -24.00 -12.82 10.09
CA ASN A 232 -25.26 -12.55 10.79
C ASN A 232 -26.48 -12.97 9.98
N GLU A 233 -26.28 -13.71 8.89
CA GLU A 233 -27.34 -13.99 7.94
C GLU A 233 -27.65 -15.46 7.80
N TYR A 234 -27.01 -16.33 8.60
CA TYR A 234 -27.46 -17.70 8.72
C TYR A 234 -28.66 -17.81 9.66
N GLU A 235 -28.80 -16.84 10.57
CA GLU A 235 -30.01 -16.72 11.38
C GLU A 235 -31.25 -16.62 10.50
N ASP A 236 -31.14 -15.98 9.33
CA ASP A 236 -32.25 -15.90 8.39
C ASP A 236 -32.28 -17.06 7.42
N TYR A 237 -31.12 -17.63 7.07
CA TYR A 237 -31.07 -18.67 6.05
C TYR A 237 -31.87 -19.91 6.46
N LYS A 238 -31.78 -20.31 7.74
CA LYS A 238 -32.46 -21.52 8.17
C LYS A 238 -33.96 -21.33 8.34
N LYS A 239 -34.40 -20.12 8.66
CA LYS A 239 -35.83 -19.86 8.72
C LYS A 239 -36.43 -19.77 7.32
N GLU A 240 -35.91 -18.86 6.51
CA GLU A 240 -36.36 -18.65 5.14
C GLU A 240 -35.16 -18.86 4.21
N GLY A 241 -35.21 -19.92 3.41
CA GLY A 241 -34.09 -20.26 2.55
C GLY A 241 -33.71 -19.14 1.60
N LYS A 242 -32.45 -19.16 1.17
CA LYS A 242 -31.92 -18.15 0.27
C LYS A 242 -32.08 -18.57 -1.18
N GLY A 243 -32.26 -17.58 -2.04
CA GLY A 243 -32.54 -17.81 -3.44
C GLY A 243 -33.19 -16.59 -4.07
N PHE A 244 -34.17 -16.80 -4.94
CA PHE A 244 -34.87 -15.71 -5.60
C PHE A 244 -36.38 -15.91 -5.53
N TYR A 245 -37.11 -14.90 -5.99
CA TYR A 245 -38.57 -14.91 -6.04
C TYR A 245 -39.07 -15.19 -7.45
N LEU A 246 -40.22 -15.84 -7.53
CA LEU A 246 -40.94 -16.04 -8.78
C LEU A 246 -42.34 -15.46 -8.60
N VAL A 247 -42.63 -14.37 -9.31
CA VAL A 247 -43.88 -13.63 -9.14
C VAL A 247 -44.76 -13.85 -10.37
N ASP A 248 -46.05 -14.11 -10.12
CA ASP A 248 -47.05 -14.29 -11.18
C ASP A 248 -47.92 -13.05 -11.22
N PHE A 249 -47.67 -12.18 -12.18
CA PHE A 249 -48.46 -10.96 -12.35
C PHE A 249 -49.60 -11.16 -13.35
N SER A 250 -50.28 -12.31 -13.27
CA SER A 250 -51.39 -12.60 -14.19
C SER A 250 -52.64 -11.81 -13.81
N GLY A 251 -53.01 -11.83 -12.54
CA GLY A 251 -54.14 -11.05 -12.09
C GLY A 251 -53.86 -9.56 -12.15
N ASN A 252 -54.94 -8.78 -12.02
CA ASN A 252 -54.81 -7.33 -12.10
C ASN A 252 -53.95 -6.79 -10.98
N ASP A 253 -54.02 -7.40 -9.79
CA ASP A 253 -53.26 -7.01 -8.61
C ASP A 253 -52.34 -8.16 -8.23
N LEU A 254 -51.69 -8.04 -7.07
CA LEU A 254 -50.72 -9.03 -6.60
C LEU A 254 -50.97 -9.38 -5.14
N ASP A 255 -50.77 -10.65 -4.80
CA ASP A 255 -50.84 -11.15 -3.44
C ASP A 255 -49.61 -12.00 -3.16
N ILE A 256 -49.54 -12.56 -1.95
CA ILE A 256 -48.45 -13.48 -1.61
C ILE A 256 -48.71 -14.88 -2.19
N SER A 257 -49.96 -15.24 -2.47
CA SER A 257 -50.26 -16.58 -2.95
C SER A 257 -49.53 -16.88 -4.26
N ASP A 258 -49.52 -15.92 -5.19
CA ASP A 258 -48.88 -16.12 -6.49
C ASP A 258 -47.41 -15.75 -6.47
N ILE A 259 -46.75 -15.83 -5.33
CA ILE A 259 -45.31 -15.62 -5.20
C ILE A 259 -44.73 -16.84 -4.52
N GLU A 260 -44.05 -17.69 -5.28
CA GLU A 260 -43.34 -18.83 -4.73
C GLU A 260 -41.85 -18.50 -4.69
N LYS A 261 -41.24 -18.65 -3.51
CA LYS A 261 -39.81 -18.43 -3.36
C LYS A 261 -39.07 -19.71 -3.72
N ILE A 262 -38.09 -19.58 -4.62
CA ILE A 262 -37.27 -20.70 -5.04
C ILE A 262 -35.95 -20.62 -4.30
N ASP A 263 -35.63 -21.66 -3.54
CA ASP A 263 -34.44 -21.70 -2.72
C ASP A 263 -33.32 -22.44 -3.43
N ILE A 264 -32.10 -21.89 -3.30
CA ILE A 264 -30.91 -22.54 -3.80
C ILE A 264 -30.16 -23.09 -2.59
N GLU A 265 -29.30 -24.05 -2.83
CA GLU A 265 -28.54 -24.69 -1.76
C GLU A 265 -27.22 -23.96 -1.56
N CYS A 266 -26.93 -23.61 -0.32
CA CYS A 266 -25.73 -22.87 0.05
C CYS A 266 -24.79 -23.76 0.85
N ARG A 267 -23.64 -23.20 1.23
CA ARG A 267 -22.71 -23.91 2.09
C ARG A 267 -23.26 -23.98 3.50
N GLU A 268 -23.33 -25.19 4.05
CA GLU A 268 -23.86 -25.36 5.39
C GLU A 268 -22.88 -24.83 6.43
N PHE A 269 -23.43 -24.23 7.47
CA PHE A 269 -22.66 -23.77 8.63
C PHE A 269 -23.17 -24.49 9.86
N VAL A 270 -22.24 -24.94 10.70
CA VAL A 270 -22.57 -25.68 11.92
C VAL A 270 -21.96 -24.95 13.12
N GLU A 271 -22.83 -24.49 14.03
CA GLU A 271 -22.39 -23.82 15.24
C GLU A 271 -22.40 -24.82 16.39
N VAL A 272 -21.29 -24.89 17.12
CA VAL A 272 -21.15 -25.79 18.25
C VAL A 272 -20.54 -25.04 19.42
N ASN A 273 -20.98 -25.42 20.63
CA ASN A 273 -20.45 -24.82 21.85
C ASN A 273 -19.86 -25.93 22.72
N ILE A 274 -18.92 -26.69 22.15
CA ILE A 274 -18.36 -27.85 22.83
C ILE A 274 -17.49 -27.40 24.00
N LYS A 275 -18.07 -27.32 25.19
CA LYS A 275 -17.29 -27.16 26.40
C LYS A 275 -17.51 -28.32 27.36
N ASP A 276 -18.45 -29.21 27.05
CA ASP A 276 -18.73 -30.43 27.79
C ASP A 276 -18.83 -31.57 26.78
N LYS A 277 -18.86 -32.80 27.28
CA LYS A 277 -19.07 -33.93 26.38
C LYS A 277 -20.52 -34.06 25.95
N LYS A 278 -21.46 -33.43 26.67
CA LYS A 278 -22.84 -33.46 26.23
C LYS A 278 -23.05 -32.59 25.00
N SER A 279 -22.19 -31.60 24.81
CA SER A 279 -22.23 -30.72 23.65
C SER A 279 -21.34 -31.21 22.52
N PHE A 280 -20.61 -32.31 22.71
CA PHE A 280 -19.78 -32.88 21.67
C PHE A 280 -20.53 -33.83 20.75
N ASN A 281 -21.52 -34.56 21.28
CA ASN A 281 -22.39 -35.34 20.40
C ASN A 281 -23.26 -34.44 19.53
N GLU A 282 -23.56 -33.23 20.01
CA GLU A 282 -24.28 -32.26 19.20
C GLU A 282 -23.48 -31.88 17.96
N ALA A 283 -22.15 -31.94 18.05
CA ALA A 283 -21.31 -31.61 16.90
C ALA A 283 -21.31 -32.74 15.88
N VAL A 284 -20.74 -33.89 16.25
CA VAL A 284 -20.49 -34.97 15.28
C VAL A 284 -21.78 -35.41 14.59
N ASN A 285 -22.88 -35.51 15.35
CA ASN A 285 -24.14 -35.96 14.75
C ASN A 285 -24.71 -34.93 13.78
N LYS A 286 -24.39 -33.66 13.97
CA LYS A 286 -24.82 -32.62 13.03
C LYS A 286 -23.85 -32.46 11.87
N ILE A 287 -22.55 -32.54 12.13
CA ILE A 287 -21.56 -32.47 11.06
C ILE A 287 -21.77 -33.60 10.07
N GLU A 288 -22.26 -34.75 10.55
CA GLU A 288 -22.54 -35.87 9.66
C GLU A 288 -23.90 -35.75 8.99
N ARG A 289 -24.89 -35.21 9.71
CA ARG A 289 -26.24 -35.06 9.17
C ARG A 289 -26.46 -33.68 8.56
N CYS A 290 -25.56 -33.27 7.66
CA CYS A 290 -25.74 -32.06 6.89
C CYS A 290 -25.32 -32.34 5.45
N LYS A 291 -25.68 -31.40 4.56
CA LYS A 291 -25.56 -31.61 3.12
C LYS A 291 -24.13 -31.63 2.64
N ASN A 292 -23.49 -30.47 2.59
CA ASN A 292 -22.11 -30.33 2.13
C ASN A 292 -21.17 -30.17 3.31
N LYS A 293 -19.87 -30.16 2.99
CA LYS A 293 -18.81 -30.05 3.98
C LYS A 293 -18.98 -28.74 4.72
N PRO A 294 -19.33 -28.78 6.00
CA PRO A 294 -19.80 -27.58 6.68
C PRO A 294 -18.64 -26.74 7.21
N VAL A 295 -19.00 -25.61 7.81
CA VAL A 295 -18.07 -24.68 8.45
C VAL A 295 -18.44 -24.60 9.92
N VAL A 296 -17.49 -24.96 10.78
CA VAL A 296 -17.71 -24.95 12.23
C VAL A 296 -17.12 -23.67 12.82
N PHE A 297 -17.80 -23.13 13.82
CA PHE A 297 -17.35 -21.91 14.50
C PHE A 297 -17.87 -21.91 15.93
N GLY A 298 -17.29 -21.03 16.75
CA GLY A 298 -17.67 -20.86 18.13
C GLY A 298 -16.49 -21.06 19.07
N LYS A 299 -16.78 -21.65 20.23
CA LYS A 299 -15.77 -21.86 21.27
C LYS A 299 -15.75 -23.32 21.69
N ILE A 300 -14.54 -23.88 21.79
CA ILE A 300 -14.33 -25.25 22.24
C ILE A 300 -13.19 -25.26 23.25
N LYS A 301 -13.42 -25.91 24.39
CA LYS A 301 -12.36 -26.02 25.40
C LYS A 301 -11.14 -26.69 24.81
N ARG A 302 -9.96 -26.16 25.16
CA ARG A 302 -8.72 -26.67 24.59
C ARG A 302 -8.53 -28.16 24.89
N GLU A 303 -9.04 -28.62 26.03
CA GLU A 303 -8.97 -30.05 26.33
C GLU A 303 -9.93 -30.87 25.48
N PHE A 304 -10.86 -30.22 24.78
CA PHE A 304 -11.78 -30.87 23.85
C PHE A 304 -11.41 -30.67 22.39
N LYS A 305 -10.58 -29.68 22.08
CA LYS A 305 -10.28 -29.37 20.68
C LYS A 305 -9.55 -30.50 19.95
N PRO A 306 -8.47 -31.09 20.49
CA PRO A 306 -7.71 -32.06 19.68
C PRO A 306 -8.50 -33.31 19.33
N TRP A 307 -9.42 -33.75 20.19
CA TRP A 307 -10.26 -34.88 19.83
C TRP A 307 -11.41 -34.48 18.93
N PHE A 308 -11.56 -33.19 18.64
CA PHE A 308 -12.46 -32.71 17.60
C PHE A 308 -11.72 -32.48 16.29
N ASP A 309 -10.40 -32.35 16.33
CA ASP A 309 -9.58 -32.15 15.14
C ASP A 309 -9.60 -33.37 14.23
N THR A 310 -10.15 -34.49 14.69
CA THR A 310 -10.24 -35.72 13.91
C THR A 310 -11.16 -35.55 12.70
N LEU A 311 -11.96 -34.49 12.68
CA LEU A 311 -12.97 -34.25 11.65
C LEU A 311 -12.59 -33.09 10.74
N LYS A 312 -11.31 -32.72 10.68
CA LYS A 312 -10.87 -31.71 9.73
C LYS A 312 -10.91 -32.21 8.29
N ASP A 313 -11.28 -33.46 8.07
CA ASP A 313 -11.48 -34.01 6.73
C ASP A 313 -12.93 -33.96 6.29
N LYS A 314 -13.88 -34.10 7.21
CA LYS A 314 -15.31 -33.98 6.92
C LYS A 314 -15.83 -32.55 7.03
N ILE A 315 -14.94 -31.56 7.17
CA ILE A 315 -15.35 -30.17 7.24
C ILE A 315 -14.57 -29.36 6.21
N LEU A 316 -15.11 -28.19 5.89
CA LEU A 316 -14.44 -27.27 4.99
C LEU A 316 -13.35 -26.49 5.73
N ILE A 317 -13.77 -25.64 6.67
CA ILE A 317 -12.85 -24.86 7.48
C ILE A 317 -13.37 -24.79 8.91
N ASN A 318 -12.47 -24.46 9.83
CA ASN A 318 -12.74 -24.47 11.27
C ASN A 318 -12.46 -23.08 11.82
N LYS A 319 -13.49 -22.28 11.99
CA LYS A 319 -13.37 -20.93 12.56
C LYS A 319 -13.84 -20.90 14.01
N ALA A 320 -13.37 -21.86 14.81
CA ALA A 320 -13.75 -21.97 16.21
C ALA A 320 -12.62 -21.53 17.12
N ILE A 321 -12.98 -20.95 18.26
CA ILE A 321 -12.02 -20.44 19.23
C ILE A 321 -11.61 -21.57 20.17
N ILE A 322 -10.32 -21.64 20.47
CA ILE A 322 -9.77 -22.57 21.46
C ILE A 322 -9.64 -21.81 22.77
N VAL A 323 -10.47 -22.16 23.76
CA VAL A 323 -10.51 -21.45 25.03
C VAL A 323 -9.74 -22.24 26.08
N ASP A 324 -8.95 -21.52 26.88
CA ASP A 324 -8.17 -22.12 27.96
C ASP A 324 -9.02 -22.17 29.23
N ASP A 325 -9.24 -23.37 29.76
CA ASP A 325 -10.03 -23.58 30.97
C ASP A 325 -11.42 -22.96 30.86
N ASN A 340 -20.38 7.30 35.12
CA ASN A 340 -19.98 6.07 35.78
C ASN A 340 -18.91 6.35 36.83
N ILE A 341 -17.96 7.22 36.47
CA ILE A 341 -16.83 7.50 37.35
C ILE A 341 -17.25 8.36 38.54
N LYS A 342 -18.31 9.15 38.39
CA LYS A 342 -18.74 10.05 39.46
C LYS A 342 -19.07 9.28 40.73
N GLU A 343 -19.58 8.06 40.59
CA GLU A 343 -19.88 7.23 41.75
C GLU A 343 -18.61 6.63 42.36
N LEU A 344 -17.67 6.21 41.51
CA LEU A 344 -16.49 5.51 42.00
C LEU A 344 -15.47 6.44 42.65
N LEU A 345 -15.43 7.71 42.25
CA LEU A 345 -14.47 8.64 42.86
C LEU A 345 -14.80 8.88 44.33
N VAL A 346 -16.07 9.10 44.64
CA VAL A 346 -16.47 9.27 46.03
C VAL A 346 -16.26 7.98 46.81
N ASP A 347 -16.68 6.85 46.22
CA ASP A 347 -16.46 5.55 46.85
C ASP A 347 -14.99 5.32 47.12
N TYR A 348 -14.10 5.87 46.29
CA TYR A 348 -12.67 5.74 46.49
C TYR A 348 -12.16 6.69 47.57
N ALA A 349 -12.59 7.95 47.52
CA ALA A 349 -12.13 8.93 48.50
C ALA A 349 -12.57 8.56 49.91
N ASN A 350 -13.84 8.17 50.07
CA ASN A 350 -14.32 7.74 51.38
C ASN A 350 -13.62 6.47 51.85
N ARG A 351 -13.27 5.58 50.90
CA ARG A 351 -12.56 4.37 51.27
C ARG A 351 -11.16 4.67 51.78
N GLN A 352 -10.53 5.73 51.27
CA GLN A 352 -9.24 6.16 51.78
C GLN A 352 -9.36 6.93 53.08
N GLY A 353 -10.56 7.32 53.48
CA GLY A 353 -10.79 8.05 54.70
C GLY A 353 -10.91 9.55 54.53
N ILE A 354 -11.43 10.03 53.40
CA ILE A 354 -11.51 11.44 53.08
C ILE A 354 -12.90 11.75 52.56
N ASP A 355 -13.44 12.90 52.97
CA ASP A 355 -14.76 13.33 52.51
C ASP A 355 -14.81 13.38 50.99
N GLY A 356 -15.46 12.37 50.39
CA GLY A 356 -15.58 12.35 48.94
C GLY A 356 -16.44 13.48 48.43
N ASP A 357 -17.48 13.84 49.19
CA ASP A 357 -18.32 14.97 48.83
C ASP A 357 -17.48 16.23 48.62
N LEU A 358 -16.43 16.39 49.42
CA LEU A 358 -15.47 17.46 49.18
C LEU A 358 -14.63 17.17 47.95
N VAL A 359 -14.09 15.95 47.85
CA VAL A 359 -13.24 15.57 46.72
C VAL A 359 -13.99 15.76 45.41
N LEU A 360 -15.26 15.37 45.36
CA LEU A 360 -16.03 15.51 44.12
C LEU A 360 -16.36 16.97 43.84
N SER A 361 -16.95 17.66 44.82
CA SER A 361 -17.33 19.05 44.62
C SER A 361 -16.12 19.93 44.37
N LEU A 362 -14.96 19.55 44.89
CA LEU A 362 -13.72 20.25 44.56
C LEU A 362 -13.23 19.88 43.17
N TYR A 363 -13.43 18.61 42.79
CA TYR A 363 -13.06 18.17 41.44
C TYR A 363 -13.83 18.93 40.37
N LYS A 364 -15.09 19.27 40.65
CA LYS A 364 -15.86 20.07 39.71
C LYS A 364 -15.47 21.54 39.77
N ALA A 365 -15.10 22.04 40.96
CA ALA A 365 -14.76 23.44 41.13
C ALA A 365 -13.51 23.82 40.35
N LEU A 366 -12.54 22.91 40.25
CA LEU A 366 -11.28 23.22 39.58
C LEU A 366 -11.35 23.03 38.08
N LEU A 367 -12.18 22.09 37.60
CA LEU A 367 -12.30 21.90 36.16
C LEU A 367 -12.95 23.10 35.50
N ASN A 368 -13.92 23.72 36.17
CA ASN A 368 -14.44 25.01 35.75
C ASN A 368 -13.53 26.11 36.27
N ASN A 369 -13.77 27.34 35.83
CA ASN A 369 -13.02 28.48 36.34
C ASN A 369 -13.80 29.21 37.42
N GLU A 370 -14.41 28.45 38.34
CA GLU A 370 -15.06 29.02 39.49
C GLU A 370 -14.07 29.11 40.66
N ASN A 371 -14.47 29.82 41.71
CA ASN A 371 -13.57 30.13 42.81
C ASN A 371 -13.41 28.90 43.71
N TRP A 372 -12.25 28.27 43.63
CA TRP A 372 -11.92 27.22 44.58
C TRP A 372 -11.79 27.76 46.00
N LYS A 373 -11.29 28.99 46.13
CA LYS A 373 -11.19 29.62 47.45
C LYS A 373 -12.58 29.81 48.06
N GLU A 374 -13.52 30.34 47.28
CA GLU A 374 -14.87 30.52 47.79
C GLU A 374 -15.52 29.20 48.16
N LEU A 375 -15.06 28.09 47.58
CA LEU A 375 -15.62 26.78 47.90
C LEU A 375 -14.86 26.11 49.03
N LEU A 376 -13.53 26.29 49.08
CA LEU A 376 -12.74 25.68 50.15
C LEU A 376 -12.88 26.43 51.47
N ASP A 377 -12.91 27.77 51.42
CA ASP A 377 -13.05 28.55 52.64
C ASP A 377 -14.36 28.22 53.35
N GLU A 378 -15.39 27.83 52.58
CA GLU A 378 -16.62 27.35 53.20
C GLU A 378 -16.38 26.06 53.97
N TYR A 379 -15.63 25.13 53.38
CA TYR A 379 -15.37 23.86 54.05
C TYR A 379 -14.49 24.04 55.28
N TYR A 380 -13.43 24.86 55.16
CA TYR A 380 -12.51 25.05 56.28
C TYR A 380 -13.20 25.71 57.46
N ASN A 381 -14.13 26.62 57.21
CA ASN A 381 -14.86 27.28 58.29
C ASN A 381 -15.96 26.38 58.84
N THR A 382 -16.88 25.95 57.97
CA THR A 382 -18.10 25.31 58.42
C THR A 382 -17.89 23.81 58.70
N LYS A 383 -17.55 23.05 57.67
CA LYS A 383 -17.59 21.60 57.78
C LYS A 383 -16.19 21.00 57.91
N PHE A 384 -15.42 21.47 58.88
CA PHE A 384 -14.10 20.91 59.16
C PHE A 384 -14.01 20.48 60.62
N ARG A 385 -12.94 19.76 60.92
CA ARG A 385 -12.74 19.16 62.23
C ARG A 385 -11.40 19.56 62.84
N MET B 1 -16.65 15.90 26.63
CA MET B 1 -15.83 16.07 25.43
C MET B 1 -16.61 15.64 24.18
N SER B 2 -17.26 16.61 23.54
CA SER B 2 -18.00 16.38 22.31
C SER B 2 -17.34 17.17 21.19
N MET B 3 -16.15 16.74 20.79
CA MET B 3 -15.33 17.48 19.84
C MET B 3 -15.58 16.99 18.41
N ILE B 4 -15.86 17.94 17.52
CA ILE B 4 -16.14 17.67 16.12
C ILE B 4 -15.61 18.83 15.29
N LEU B 5 -14.96 18.51 14.17
CA LEU B 5 -14.47 19.54 13.26
C LEU B 5 -15.57 19.96 12.29
N LYS B 6 -15.47 21.20 11.80
CA LYS B 6 -16.48 21.75 10.89
C LYS B 6 -15.88 22.14 9.55
N GLU B 7 -15.08 23.20 9.48
CA GLU B 7 -14.50 23.61 8.20
C GLU B 7 -13.22 24.40 8.46
N ILE B 8 -12.39 24.49 7.42
CA ILE B 8 -11.09 25.12 7.54
C ILE B 8 -10.74 25.79 6.21
N ARG B 9 -10.20 27.00 6.29
CA ARG B 9 -9.65 27.71 5.14
C ARG B 9 -8.16 27.91 5.37
N MET B 10 -7.40 28.04 4.28
CA MET B 10 -5.96 28.18 4.41
C MET B 10 -5.41 28.91 3.19
N ASN B 11 -4.40 29.76 3.43
CA ASN B 11 -3.77 30.55 2.38
C ASN B 11 -2.26 30.36 2.42
N ASN B 12 -1.68 30.05 1.26
CA ASN B 12 -0.24 29.93 1.09
C ASN B 12 0.36 28.92 2.08
N PHE B 13 -0.43 27.98 2.58
CA PHE B 13 0.04 26.97 3.52
C PHE B 13 0.67 25.83 2.72
N LYS B 14 2.00 25.82 2.65
CA LYS B 14 2.76 24.80 1.92
C LYS B 14 2.30 24.73 0.47
N SER B 15 1.68 23.62 0.08
CA SER B 15 1.24 23.47 -1.30
C SER B 15 -0.11 24.14 -1.56
N HIS B 16 -0.89 24.42 -0.53
CA HIS B 16 -2.20 25.04 -0.67
C HIS B 16 -2.03 26.55 -0.73
N VAL B 17 -2.08 27.11 -1.94
CA VAL B 17 -2.10 28.56 -2.07
C VAL B 17 -3.44 29.11 -1.59
N ASN B 18 -4.54 28.46 -1.94
CA ASN B 18 -5.86 28.82 -1.43
C ASN B 18 -6.76 27.60 -1.49
N SER B 19 -7.37 27.25 -0.36
CA SER B 19 -8.22 26.07 -0.29
C SER B 19 -9.20 26.24 0.87
N ARG B 20 -10.47 25.96 0.61
CA ARG B 20 -11.51 25.97 1.63
C ARG B 20 -12.13 24.58 1.67
N ILE B 21 -12.12 23.96 2.85
CA ILE B 21 -12.52 22.56 2.98
C ILE B 21 -13.52 22.45 4.14
N LYS B 22 -14.71 21.94 3.83
CA LYS B 22 -15.74 21.68 4.83
C LYS B 22 -15.72 20.20 5.21
N PHE B 23 -15.91 19.93 6.50
CA PHE B 23 -15.96 18.57 7.01
C PHE B 23 -17.39 18.20 7.38
N GLU B 24 -17.68 16.91 7.32
CA GLU B 24 -18.99 16.39 7.70
C GLU B 24 -18.82 15.28 8.72
N LYS B 25 -19.92 14.92 9.37
CA LYS B 25 -19.91 13.87 10.36
C LYS B 25 -19.98 12.51 9.68
N GLY B 26 -19.14 11.58 10.13
CA GLY B 26 -19.11 10.26 9.53
C GLY B 26 -17.72 9.80 9.13
N ILE B 27 -17.64 8.92 8.14
CA ILE B 27 -16.36 8.36 7.68
C ILE B 27 -15.88 9.25 6.55
N VAL B 28 -15.02 10.22 6.87
CA VAL B 28 -14.49 11.16 5.90
C VAL B 28 -13.18 10.62 5.35
N ALA B 29 -13.10 10.48 4.03
CA ALA B 29 -11.93 9.90 3.37
C ALA B 29 -11.26 10.96 2.50
N ILE B 30 -9.97 11.17 2.72
CA ILE B 30 -9.17 12.11 1.94
C ILE B 30 -8.31 11.29 0.98
N ILE B 31 -8.51 11.50 -0.32
CA ILE B 31 -7.80 10.74 -1.34
C ILE B 31 -7.00 11.71 -2.19
N GLY B 32 -5.92 11.19 -2.78
CA GLY B 32 -5.10 11.97 -3.68
C GLY B 32 -3.82 11.24 -4.01
N GLU B 33 -3.01 11.90 -4.83
CA GLU B 33 -1.69 11.37 -5.19
C GLU B 33 -0.75 11.42 -3.99
N ASN B 34 0.47 10.92 -4.20
CA ASN B 34 1.54 11.19 -3.27
C ASN B 34 1.99 12.63 -3.45
N GLY B 35 2.06 13.37 -2.33
CA GLY B 35 2.36 14.78 -2.41
C GLY B 35 1.25 15.64 -2.98
N SER B 36 0.03 15.08 -3.09
CA SER B 36 -1.08 15.88 -3.63
C SER B 36 -1.47 16.99 -2.68
N GLY B 37 -1.48 16.71 -1.38
CA GLY B 37 -1.79 17.72 -0.38
C GLY B 37 -2.67 17.22 0.75
N LYS B 38 -2.75 15.90 0.92
CA LYS B 38 -3.65 15.32 1.92
C LYS B 38 -3.20 15.66 3.34
N SER B 39 -1.97 15.29 3.69
CA SER B 39 -1.48 15.52 5.05
C SER B 39 -1.39 17.00 5.37
N SER B 40 -1.06 17.84 4.39
CA SER B 40 -0.96 19.28 4.63
C SER B 40 -2.25 19.87 5.18
N ILE B 41 -3.39 19.25 4.93
CA ILE B 41 -4.64 19.76 5.47
C ILE B 41 -4.64 19.66 6.99
N PHE B 42 -4.02 18.62 7.53
CA PHE B 42 -3.99 18.45 8.98
C PHE B 42 -2.78 19.10 9.62
N GLU B 43 -1.73 19.37 8.85
CA GLU B 43 -0.67 20.26 9.33
C GLU B 43 -1.23 21.64 9.63
N ALA B 44 -2.25 22.05 8.87
CA ALA B 44 -2.89 23.34 9.10
C ALA B 44 -3.80 23.30 10.32
N VAL B 45 -4.53 22.20 10.52
CA VAL B 45 -5.36 22.07 11.72
C VAL B 45 -4.49 22.14 12.97
N PHE B 46 -3.33 21.47 12.93
CA PHE B 46 -2.39 21.54 14.05
C PHE B 46 -1.80 22.94 14.18
N PHE B 47 -1.64 23.64 13.07
CA PHE B 47 -1.09 25.00 13.11
C PHE B 47 -2.05 25.97 13.79
N ALA B 48 -3.35 25.80 13.58
CA ALA B 48 -4.32 26.73 14.16
C ALA B 48 -4.45 26.54 15.66
N LEU B 49 -4.47 25.29 16.12
CA LEU B 49 -4.61 25.02 17.55
C LEU B 49 -3.36 25.46 18.32
N PHE B 50 -2.19 25.01 17.89
CA PHE B 50 -0.92 25.37 18.50
C PHE B 50 -0.08 26.13 17.47
N GLY B 51 0.49 27.26 17.87
CA GLY B 51 1.29 28.06 16.98
C GLY B 51 2.50 27.34 16.42
N ALA B 52 3.23 27.96 15.51
CA ALA B 52 4.45 27.35 15.00
C ALA B 52 5.47 27.19 16.11
N GLY B 53 6.10 26.01 16.19
CA GLY B 53 7.22 25.79 17.06
C GLY B 53 8.55 26.05 16.35
N SER B 54 9.64 25.86 17.11
CA SER B 54 10.96 26.01 16.52
C SER B 54 11.20 24.98 15.43
N ASN B 55 10.79 23.73 15.67
CA ASN B 55 10.85 22.72 14.62
C ASN B 55 9.79 22.97 13.56
N PHE B 56 8.68 23.58 13.93
CA PHE B 56 7.64 24.00 12.99
C PHE B 56 7.99 25.39 12.43
N ASN B 57 9.10 25.42 11.71
CA ASN B 57 9.59 26.67 11.13
C ASN B 57 8.53 27.28 10.21
N TYR B 58 8.46 28.62 10.20
CA TYR B 58 7.62 29.28 9.23
C TYR B 58 8.11 28.99 7.81
N ASP B 59 9.42 29.03 7.61
CA ASP B 59 10.00 28.65 6.32
C ASP B 59 9.59 27.23 5.92
N THR B 60 9.27 26.39 6.91
CA THR B 60 8.80 25.05 6.61
C THR B 60 7.36 25.07 6.10
N ILE B 61 6.53 25.95 6.64
CA ILE B 61 5.10 25.90 6.39
C ILE B 61 4.59 27.00 5.46
N ILE B 62 5.35 28.07 5.23
CA ILE B 62 4.95 29.03 4.21
C ILE B 62 5.16 28.39 2.84
N THR B 63 4.28 28.74 1.90
CA THR B 63 4.52 28.37 0.51
C THR B 63 5.86 28.94 0.06
N LYS B 64 6.77 28.06 -0.36
CA LYS B 64 8.17 28.42 -0.53
C LYS B 64 8.36 29.68 -1.36
N GLY B 65 7.42 29.99 -2.25
CA GLY B 65 7.49 31.23 -2.99
C GLY B 65 6.91 32.42 -2.24
N LYS B 66 5.79 32.20 -1.54
CA LYS B 66 5.04 33.27 -0.91
C LYS B 66 5.72 33.73 0.38
N LYS B 67 5.15 34.76 1.01
CA LYS B 67 5.72 35.37 2.20
C LYS B 67 4.75 35.42 3.37
N SER B 68 3.48 35.09 3.16
CA SER B 68 2.47 35.15 4.22
C SER B 68 1.79 33.79 4.36
N VAL B 69 1.08 33.62 5.48
CA VAL B 69 0.32 32.40 5.76
C VAL B 69 -0.92 32.76 6.56
N TYR B 70 -2.07 32.28 6.11
CA TYR B 70 -3.34 32.52 6.78
C TYR B 70 -4.12 31.21 6.89
N VAL B 71 -4.64 30.93 8.08
CA VAL B 71 -5.45 29.74 8.33
C VAL B 71 -6.54 30.06 9.32
N GLU B 72 -7.81 29.84 8.94
CA GLU B 72 -8.92 29.94 9.88
C GLU B 72 -9.64 28.60 9.95
N LEU B 73 -10.00 28.21 11.18
CA LEU B 73 -10.51 26.88 11.47
C LEU B 73 -11.78 27.00 12.31
N ASP B 74 -12.83 26.31 11.89
CA ASP B 74 -14.07 26.22 12.65
C ASP B 74 -14.22 24.81 13.20
N PHE B 75 -14.71 24.71 14.44
CA PHE B 75 -14.87 23.40 15.08
C PHE B 75 -15.83 23.53 16.25
N GLU B 76 -16.27 22.37 16.75
CA GLU B 76 -17.13 22.26 17.91
C GLU B 76 -16.45 21.41 18.97
N VAL B 77 -16.77 21.69 20.23
CA VAL B 77 -16.31 20.90 21.36
C VAL B 77 -17.26 21.13 22.52
N ASN B 78 -17.77 20.03 23.07
CA ASN B 78 -18.81 20.02 24.12
C ASN B 78 -19.98 20.95 23.80
N GLY B 79 -20.25 21.17 22.51
CA GLY B 79 -21.48 21.81 22.09
C GLY B 79 -21.35 23.25 21.62
N ASN B 80 -20.20 23.89 21.81
CA ASN B 80 -20.02 25.28 21.42
C ASN B 80 -19.26 25.39 20.10
N ASN B 81 -19.52 26.47 19.38
CA ASN B 81 -18.93 26.71 18.06
C ASN B 81 -17.73 27.64 18.21
N TYR B 82 -16.56 27.17 17.79
CA TYR B 82 -15.32 27.93 17.91
C TYR B 82 -14.73 28.20 16.53
N LYS B 83 -13.90 29.23 16.48
CA LYS B 83 -13.27 29.67 15.24
C LYS B 83 -11.91 30.27 15.58
N ILE B 84 -10.85 29.72 14.98
CA ILE B 84 -9.49 30.17 15.22
C ILE B 84 -8.96 30.79 13.93
N ILE B 85 -8.28 31.93 14.06
CA ILE B 85 -7.65 32.60 12.93
C ILE B 85 -6.21 32.90 13.30
N ARG B 86 -5.27 32.34 12.56
CA ARG B 86 -3.84 32.58 12.74
C ARG B 86 -3.24 33.08 11.44
N GLU B 87 -2.40 34.10 11.53
CA GLU B 87 -1.80 34.70 10.35
C GLU B 87 -0.34 35.02 10.63
N TYR B 88 0.39 35.32 9.55
CA TYR B 88 1.79 35.74 9.62
C TYR B 88 2.07 36.50 8.35
N ASP B 89 2.20 37.82 8.46
CA ASP B 89 2.16 38.69 7.28
C ASP B 89 3.50 38.73 6.57
N SER B 90 4.49 39.42 7.14
CA SER B 90 5.81 39.49 6.55
C SER B 90 6.91 39.50 7.60
N GLY B 91 6.66 38.92 8.77
CA GLY B 91 7.58 38.96 9.88
C GLY B 91 6.83 38.99 11.19
N ARG B 92 5.59 39.46 11.14
CA ARG B 92 4.72 39.57 12.30
C ARG B 92 3.63 38.51 12.25
N GLY B 93 3.27 38.01 13.42
CA GLY B 93 2.25 36.98 13.54
C GLY B 93 1.14 37.40 14.48
N GLY B 94 -0.04 36.84 14.26
CA GLY B 94 -1.18 37.12 15.11
C GLY B 94 -2.11 35.92 15.14
N ALA B 95 -2.99 35.92 16.15
CA ALA B 95 -3.91 34.81 16.34
C ALA B 95 -5.19 35.31 16.99
N LYS B 96 -6.32 34.83 16.47
CA LYS B 96 -7.64 35.17 17.00
C LYS B 96 -8.40 33.91 17.34
N LEU B 97 -9.24 34.00 18.37
CA LEU B 97 -10.01 32.85 18.86
C LEU B 97 -11.42 33.31 19.19
N TYR B 98 -12.40 32.85 18.42
CA TYR B 98 -13.79 33.22 18.62
C TYR B 98 -14.55 32.07 19.26
N LYS B 99 -15.58 32.41 20.03
CA LYS B 99 -16.45 31.44 20.69
C LYS B 99 -17.90 31.80 20.40
N ASN B 100 -18.55 30.99 19.55
CA ASN B 100 -19.94 31.22 19.15
C ASN B 100 -20.12 32.60 18.51
N GLY B 101 -19.09 33.10 17.84
CA GLY B 101 -19.18 34.36 17.14
C GLY B 101 -18.25 35.43 17.65
N LYS B 102 -18.32 35.73 18.96
CA LYS B 102 -17.57 36.85 19.50
C LYS B 102 -16.19 36.41 19.97
N PRO B 103 -15.21 37.32 19.95
CA PRO B 103 -13.82 36.92 20.21
C PRO B 103 -13.53 36.69 21.68
N TYR B 104 -12.52 35.85 21.93
CA TYR B 104 -12.09 35.46 23.26
C TYR B 104 -10.63 35.82 23.53
N ALA B 105 -9.74 35.55 22.59
CA ALA B 105 -8.31 35.86 22.74
C ALA B 105 -7.80 36.50 21.45
N THR B 106 -6.90 37.46 21.60
CA THR B 106 -6.42 38.23 20.46
C THR B 106 -4.92 38.15 20.21
N THR B 107 -4.14 37.68 21.17
CA THR B 107 -2.70 37.50 20.96
C THR B 107 -2.39 36.01 20.78
N ILE B 108 -1.23 35.74 20.18
CA ILE B 108 -0.85 34.35 19.87
C ILE B 108 -0.76 33.53 21.13
N SER B 109 0.06 33.98 22.10
CA SER B 109 0.19 33.24 23.35
C SER B 109 -1.12 33.21 24.12
N ALA B 110 -1.96 34.24 23.95
CA ALA B 110 -3.28 34.21 24.59
C ALA B 110 -4.15 33.12 23.96
N VAL B 111 -4.08 32.96 22.64
CA VAL B 111 -4.81 31.88 21.98
C VAL B 111 -4.19 30.54 22.34
N ASN B 112 -2.86 30.45 22.31
CA ASN B 112 -2.17 29.20 22.64
C ASN B 112 -2.56 28.71 24.02
N LYS B 113 -2.48 29.58 25.02
CA LYS B 113 -2.84 29.19 26.38
C LYS B 113 -4.31 28.84 26.48
N ALA B 114 -5.15 29.44 25.64
CA ALA B 114 -6.59 29.22 25.71
C ALA B 114 -7.01 27.89 25.09
N VAL B 115 -6.40 27.53 23.96
CA VAL B 115 -6.73 26.26 23.31
C VAL B 115 -6.45 25.09 24.24
N ASN B 116 -5.32 25.14 24.95
CA ASN B 116 -4.96 24.08 25.88
C ASN B 116 -5.91 23.99 27.07
N GLU B 117 -6.77 24.98 27.27
CA GLU B 117 -7.75 24.95 28.35
C GLU B 117 -9.08 24.32 27.94
N ILE B 118 -9.38 24.26 26.65
CA ILE B 118 -10.67 23.75 26.21
C ILE B 118 -10.53 22.31 25.73
N LEU B 119 -9.39 21.99 25.12
CA LEU B 119 -9.13 20.62 24.71
C LEU B 119 -8.68 19.75 25.89
N GLY B 120 -7.93 20.33 26.82
CA GLY B 120 -7.31 19.52 27.85
C GLY B 120 -6.16 18.69 27.36
N VAL B 121 -5.62 19.00 26.19
CA VAL B 121 -4.53 18.24 25.58
C VAL B 121 -3.51 19.22 25.04
N ASP B 122 -2.24 18.99 25.35
CA ASP B 122 -1.17 19.89 24.90
C ASP B 122 -0.72 19.53 23.48
N ARG B 123 0.46 20.02 23.08
CA ARG B 123 1.01 19.66 21.78
C ARG B 123 1.34 18.17 21.72
N ASN B 124 1.90 17.62 22.80
CA ASN B 124 2.51 16.30 22.74
C ASN B 124 1.46 15.19 22.63
N MET B 125 0.36 15.31 23.37
CA MET B 125 -0.62 14.24 23.44
C MET B 125 -1.79 14.42 22.48
N PHE B 126 -1.85 15.52 21.74
CA PHE B 126 -2.85 15.65 20.69
C PHE B 126 -2.50 14.80 19.47
N LEU B 127 -1.22 14.51 19.28
CA LEU B 127 -0.77 13.65 18.20
C LEU B 127 -0.79 12.18 18.57
N ASN B 128 -1.06 11.85 19.84
CA ASN B 128 -1.20 10.46 20.27
C ASN B 128 -2.64 10.06 20.54
N SER B 129 -3.57 11.01 20.53
CA SER B 129 -4.96 10.74 20.86
C SER B 129 -5.90 11.01 19.68
N ILE B 130 -5.90 12.23 19.15
CA ILE B 130 -6.91 12.63 18.16
C ILE B 130 -6.35 12.62 16.75
N TYR B 131 -5.13 13.13 16.55
CA TYR B 131 -4.51 13.18 15.23
C TYR B 131 -3.36 12.17 15.23
N ILE B 132 -3.64 10.95 14.77
CA ILE B 132 -2.64 9.91 14.66
C ILE B 132 -2.02 9.98 13.27
N LYS B 133 -0.71 10.15 13.22
CA LYS B 133 0.01 10.38 11.97
C LYS B 133 0.46 9.04 11.39
N GLN B 134 1.40 9.07 10.45
CA GLN B 134 1.77 7.88 9.70
C GLN B 134 2.55 6.90 10.56
N GLY B 135 2.11 5.64 10.59
CA GLY B 135 2.81 4.59 11.29
C GLY B 135 2.64 4.62 12.79
N GLU B 136 2.45 5.81 13.36
CA GLU B 136 2.29 5.95 14.81
C GLU B 136 0.97 5.42 15.31
N ILE B 137 0.21 4.69 14.49
CA ILE B 137 -0.97 4.01 14.99
C ILE B 137 -0.57 3.02 16.07
N ALA B 138 0.50 2.26 15.83
CA ALA B 138 0.98 1.24 16.75
C ALA B 138 2.12 1.69 17.63
N LYS B 139 2.70 2.87 17.38
CA LYS B 139 3.81 3.34 18.19
C LYS B 139 3.42 3.47 19.65
N PHE B 140 2.18 3.91 19.92
CA PHE B 140 1.72 4.10 21.28
C PHE B 140 1.77 2.83 22.12
N LEU B 141 1.66 1.65 21.48
CA LEU B 141 1.68 0.38 22.19
C LEU B 141 3.10 -0.13 22.49
N SER B 142 4.05 0.09 21.58
CA SER B 142 5.43 -0.26 21.84
C SER B 142 6.22 0.86 22.51
N LEU B 143 5.53 1.90 22.98
CA LEU B 143 6.20 3.06 23.55
C LEU B 143 6.87 2.71 24.88
N LYS B 144 7.63 3.68 25.39
CA LYS B 144 8.29 3.53 26.68
C LYS B 144 7.25 3.42 27.79
N PRO B 145 7.49 2.57 28.80
CA PRO B 145 6.45 2.29 29.81
C PRO B 145 5.79 3.53 30.42
N SER B 146 6.59 4.50 30.88
CA SER B 146 6.01 5.71 31.43
C SER B 146 5.26 6.51 30.38
N GLU B 147 5.82 6.59 29.16
CA GLU B 147 5.15 7.30 28.09
C GLU B 147 3.88 6.60 27.65
N LYS B 148 3.80 5.28 27.84
CA LYS B 148 2.62 4.53 27.40
C LYS B 148 1.40 4.87 28.26
N LEU B 149 1.53 4.78 29.57
CA LEU B 149 0.42 5.13 30.44
C LEU B 149 0.21 6.64 30.49
N GLU B 150 1.22 7.43 30.15
CA GLU B 150 1.04 8.88 30.06
C GLU B 150 0.05 9.24 28.95
N THR B 151 0.14 8.57 27.80
CA THR B 151 -0.80 8.80 26.72
C THR B 151 -2.07 7.96 26.85
N VAL B 152 -2.02 6.84 27.57
CA VAL B 152 -3.23 6.07 27.84
C VAL B 152 -4.22 6.92 28.64
N ALA B 153 -3.71 7.76 29.54
CA ALA B 153 -4.59 8.59 30.36
C ALA B 153 -5.36 9.60 29.52
N LYS B 154 -4.76 10.12 28.45
CA LYS B 154 -5.41 11.17 27.67
C LYS B 154 -6.57 10.62 26.84
N LEU B 155 -6.35 9.53 26.11
CA LEU B 155 -7.44 8.96 25.33
C LEU B 155 -8.50 8.29 26.20
N LEU B 156 -8.22 8.04 27.47
CA LEU B 156 -9.19 7.52 28.42
C LEU B 156 -9.94 8.63 29.15
N GLY B 157 -9.60 9.89 28.93
CA GLY B 157 -10.17 10.95 29.72
C GLY B 157 -9.69 10.98 31.16
N ILE B 158 -8.63 10.25 31.47
CA ILE B 158 -8.10 10.23 32.83
C ILE B 158 -7.24 11.47 33.08
N ASP B 159 -6.61 12.02 32.05
CA ASP B 159 -5.75 13.19 32.21
C ASP B 159 -6.48 14.37 32.85
N GLU B 160 -7.82 14.36 32.83
CA GLU B 160 -8.60 15.37 33.54
C GLU B 160 -8.34 15.34 35.04
N PHE B 161 -7.89 14.20 35.57
CA PHE B 161 -7.54 14.13 36.99
C PHE B 161 -6.12 14.61 37.26
N GLU B 162 -5.21 14.44 36.30
CA GLU B 162 -3.87 14.99 36.46
C GLU B 162 -3.89 16.52 36.47
N LYS B 163 -4.80 17.12 35.71
CA LYS B 163 -4.98 18.57 35.77
C LYS B 163 -5.44 18.99 37.16
N CYS B 164 -6.29 18.19 37.79
CA CYS B 164 -6.66 18.46 39.18
C CYS B 164 -5.45 18.30 40.11
N TYR B 165 -4.66 17.25 39.90
CA TYR B 165 -3.54 16.95 40.78
C TYR B 165 -2.52 18.10 40.79
N GLN B 166 -2.31 18.75 39.63
CA GLN B 166 -1.37 19.86 39.58
C GLN B 166 -2.01 21.18 39.97
N LYS B 167 -3.27 21.41 39.59
CA LYS B 167 -3.98 22.58 40.08
C LYS B 167 -4.30 22.45 41.57
N MET B 168 -4.34 21.23 42.11
CA MET B 168 -4.40 21.07 43.54
C MET B 168 -3.08 21.48 44.20
N GLY B 169 -1.97 21.33 43.49
CA GLY B 169 -0.71 21.84 43.99
C GLY B 169 -0.72 23.34 44.19
N GLU B 170 -1.52 24.05 43.39
CA GLU B 170 -1.70 25.49 43.60
C GLU B 170 -2.30 25.76 44.97
N ILE B 171 -3.37 25.03 45.32
CA ILE B 171 -4.12 25.33 46.53
C ILE B 171 -3.32 24.95 47.77
N VAL B 172 -2.74 23.74 47.77
CA VAL B 172 -1.96 23.29 48.93
C VAL B 172 -0.82 24.25 49.21
N LYS B 173 -0.12 24.69 48.16
CA LYS B 173 1.03 25.57 48.35
C LYS B 173 0.61 27.01 48.61
N GLU B 174 -0.58 27.42 48.16
CA GLU B 174 -1.05 28.77 48.46
C GLU B 174 -1.70 28.87 49.83
N TYR B 175 -2.40 27.82 50.27
CA TYR B 175 -2.88 27.80 51.64
C TYR B 175 -1.74 27.69 52.65
N GLU B 176 -0.57 27.22 52.21
CA GLU B 176 0.61 27.27 53.06
C GLU B 176 1.19 28.67 53.11
N LYS B 177 0.99 29.48 52.06
CA LYS B 177 1.36 30.89 52.14
C LYS B 177 0.48 31.64 53.12
N ARG B 178 -0.73 31.16 53.36
CA ARG B 178 -1.62 31.77 54.34
C ARG B 178 -1.23 31.42 55.78
N LEU B 179 -0.27 30.51 55.97
CA LEU B 179 0.29 30.25 57.28
C LEU B 179 1.50 31.13 57.57
N GLU B 180 2.39 31.29 56.58
CA GLU B 180 3.49 32.24 56.73
C GLU B 180 2.98 33.66 56.89
N ARG B 181 1.85 33.97 56.25
CA ARG B 181 1.20 35.26 56.47
C ARG B 181 0.70 35.41 57.91
N ILE B 182 0.56 34.30 58.62
CA ILE B 182 0.09 34.31 60.01
C ILE B 182 1.27 34.05 60.93
N GLU B 183 2.21 33.21 60.48
CA GLU B 183 3.33 32.81 61.33
C GLU B 183 4.16 34.02 61.76
N GLY B 184 4.48 34.91 60.82
CA GLY B 184 5.25 36.10 61.16
C GLY B 184 4.55 37.02 62.13
N GLU B 185 3.24 36.88 62.29
CA GLU B 185 2.48 37.68 63.24
C GLU B 185 2.23 36.92 64.54
N LYS B 199 -2.77 42.90 77.37
CA LYS B 199 -3.75 42.10 78.09
C LYS B 199 -4.69 41.39 77.11
N GLU B 200 -4.18 41.14 75.90
CA GLU B 200 -4.95 40.50 74.85
C GLU B 200 -4.07 39.47 74.15
N MET B 201 -4.55 38.24 74.04
CA MET B 201 -3.70 37.17 73.55
C MET B 201 -4.51 35.90 73.35
N SER B 202 -3.91 34.96 72.61
CA SER B 202 -4.05 33.49 72.66
C SER B 202 -5.20 32.87 71.87
N ASN B 203 -5.98 33.62 71.09
CA ASN B 203 -6.98 32.99 70.24
C ASN B 203 -6.40 32.49 68.92
N LEU B 204 -5.07 32.43 68.80
CA LEU B 204 -4.40 31.92 67.63
C LEU B 204 -3.79 30.54 67.83
N GLU B 205 -3.72 30.05 69.08
CA GLU B 205 -3.35 28.66 69.30
C GLU B 205 -4.36 27.73 68.62
N LYS B 206 -5.62 28.14 68.57
CA LYS B 206 -6.62 27.37 67.84
C LYS B 206 -6.30 27.31 66.35
N GLU B 207 -5.66 28.34 65.82
CA GLU B 207 -5.33 28.39 64.40
C GLU B 207 -4.15 27.51 64.02
N LYS B 208 -3.27 27.18 64.97
CA LYS B 208 -2.15 26.30 64.65
C LYS B 208 -2.65 24.90 64.31
N GLU B 209 -3.54 24.34 65.12
CA GLU B 209 -4.12 23.04 64.82
C GLU B 209 -5.19 23.11 63.74
N LYS B 210 -5.82 24.27 63.54
CA LYS B 210 -6.94 24.35 62.61
C LYS B 210 -6.44 24.32 61.16
N LEU B 211 -5.40 25.08 60.85
CA LEU B 211 -4.92 25.20 59.48
C LEU B 211 -3.91 24.12 59.11
N THR B 212 -3.03 23.74 60.05
CA THR B 212 -2.01 22.74 59.74
C THR B 212 -2.65 21.39 59.45
N LYS B 213 -3.58 20.94 60.32
CA LYS B 213 -4.31 19.71 60.06
C LYS B 213 -5.16 19.82 58.80
N PHE B 214 -5.48 21.04 58.37
CA PHE B 214 -6.23 21.25 57.14
C PHE B 214 -5.32 21.16 55.92
N VAL B 215 -4.08 21.65 56.04
CA VAL B 215 -3.13 21.53 54.94
C VAL B 215 -2.73 20.07 54.76
N GLU B 216 -2.49 19.36 55.87
CA GLU B 216 -2.23 17.92 55.77
C GLU B 216 -3.42 17.20 55.14
N TYR B 217 -4.63 17.74 55.33
CA TYR B 217 -5.80 17.17 54.67
C TYR B 217 -5.77 17.44 53.17
N LEU B 218 -5.44 18.68 52.79
CA LEU B 218 -5.42 19.04 51.36
C LEU B 218 -4.40 18.22 50.58
N ASP B 219 -3.19 18.05 51.14
CA ASP B 219 -2.22 17.18 50.51
C ASP B 219 -2.70 15.73 50.50
N LYS B 220 -3.35 15.30 51.58
CA LYS B 220 -3.97 13.99 51.61
C LYS B 220 -5.08 13.84 50.57
N VAL B 221 -5.72 14.95 50.17
CA VAL B 221 -6.66 14.90 49.05
C VAL B 221 -5.92 14.97 47.73
N ARG B 222 -4.81 15.71 47.66
CA ARG B 222 -4.04 15.79 46.43
C ARG B 222 -3.51 14.43 46.00
N ARG B 223 -3.20 13.55 46.96
CA ARG B 223 -2.76 12.21 46.59
C ARG B 223 -3.88 11.38 45.98
N ILE B 224 -5.15 11.72 46.27
CA ILE B 224 -6.26 11.01 45.65
C ILE B 224 -6.27 11.27 44.14
N PHE B 225 -6.07 12.53 43.73
CA PHE B 225 -6.07 12.88 42.32
C PHE B 225 -4.79 12.47 41.60
N GLY B 226 -3.81 11.92 42.31
CA GLY B 226 -2.55 11.56 41.69
C GLY B 226 -2.67 10.39 40.73
N ARG B 227 -1.57 10.15 40.01
CA ARG B 227 -1.52 9.04 39.07
C ARG B 227 -1.73 7.70 39.77
N ASN B 228 -0.84 7.37 40.71
CA ASN B 228 -0.90 6.09 41.42
C ASN B 228 -2.09 6.00 42.37
N GLY B 229 -2.79 7.10 42.62
CA GLY B 229 -3.94 7.09 43.51
C GLY B 229 -5.19 6.58 42.84
N PHE B 230 -5.93 7.49 42.21
CA PHE B 230 -7.21 7.15 41.56
C PHE B 230 -7.09 6.98 40.06
N GLN B 231 -6.11 7.63 39.43
CA GLN B 231 -5.92 7.43 37.99
C GLN B 231 -5.60 5.97 37.68
N ALA B 232 -4.63 5.40 38.38
CA ALA B 232 -4.32 3.99 38.22
C ALA B 232 -5.49 3.11 38.64
N TYR B 233 -6.19 3.50 39.69
CA TYR B 233 -7.36 2.73 40.14
C TYR B 233 -8.46 2.76 39.09
N LEU B 234 -8.79 3.94 38.58
CA LEU B 234 -9.83 4.03 37.55
C LEU B 234 -9.37 3.32 36.27
N ARG B 235 -8.06 3.37 36.00
CA ARG B 235 -7.53 2.67 34.85
C ARG B 235 -7.70 1.16 35.01
N GLU B 236 -7.50 0.65 36.23
CA GLU B 236 -7.72 -0.77 36.48
C GLU B 236 -9.17 -1.16 36.20
N LYS B 237 -10.12 -0.34 36.66
CA LYS B 237 -11.53 -0.63 36.41
C LYS B 237 -11.94 -0.40 34.97
N TYR B 238 -11.07 0.18 34.14
CA TYR B 238 -11.35 0.36 32.72
C TYR B 238 -10.84 -0.78 31.85
N VAL B 239 -9.85 -1.54 32.33
CA VAL B 239 -9.24 -2.57 31.49
C VAL B 239 -10.23 -3.68 31.11
N PRO B 240 -10.99 -4.29 32.04
CA PRO B 240 -11.82 -5.44 31.66
C PRO B 240 -12.78 -5.13 30.51
N LEU B 241 -13.37 -3.94 30.50
CA LEU B 241 -14.25 -3.57 29.39
C LEU B 241 -13.47 -3.44 28.09
N ILE B 242 -12.28 -2.82 28.14
CA ILE B 242 -11.49 -2.63 26.93
C ILE B 242 -11.00 -3.97 26.40
N GLN B 243 -10.62 -4.89 27.29
CA GLN B 243 -10.08 -6.18 26.84
C GLN B 243 -11.13 -6.96 26.05
N LYS B 244 -12.40 -6.88 26.44
CA LYS B 244 -13.45 -7.58 25.71
C LYS B 244 -13.69 -6.93 24.35
N TYR B 245 -13.83 -5.60 24.32
CA TYR B 245 -13.98 -4.91 23.05
C TYR B 245 -12.76 -5.10 22.16
N LEU B 246 -11.57 -5.13 22.77
CA LEU B 246 -10.34 -5.33 22.00
C LEU B 246 -10.40 -6.65 21.22
N ASN B 247 -10.91 -7.70 21.86
CA ASN B 247 -10.99 -8.99 21.18
C ASN B 247 -12.14 -9.06 20.19
N GLU B 248 -13.26 -8.40 20.49
CA GLU B 248 -14.39 -8.40 19.55
C GLU B 248 -13.99 -7.75 18.23
N ALA B 249 -13.24 -6.65 18.29
CA ALA B 249 -12.79 -5.99 17.08
C ALA B 249 -11.57 -6.67 16.47
N PHE B 250 -10.76 -7.33 17.31
CA PHE B 250 -9.58 -8.01 16.78
C PHE B 250 -9.95 -9.29 16.06
N SER B 251 -11.01 -9.97 16.51
CA SER B 251 -11.44 -11.21 15.83
C SER B 251 -11.98 -10.94 14.44
N GLU B 252 -12.35 -9.70 14.13
CA GLU B 252 -12.77 -9.33 12.78
C GLU B 252 -11.62 -9.32 11.79
N PHE B 253 -10.37 -9.34 12.27
CA PHE B 253 -9.24 -9.46 11.37
C PHE B 253 -8.92 -10.90 11.03
N ASP B 254 -9.70 -11.86 11.54
CA ASP B 254 -9.57 -13.28 11.18
C ASP B 254 -8.17 -13.80 11.49
N LEU B 255 -7.58 -13.32 12.58
CA LEU B 255 -6.21 -13.74 12.88
C LEU B 255 -6.20 -14.98 13.77
N PRO B 256 -5.04 -15.90 13.65
CA PRO B 256 -5.04 -17.23 14.30
C PRO B 256 -4.54 -17.18 15.73
N TYR B 257 -5.36 -16.64 16.63
CA TYR B 257 -4.98 -16.50 18.03
C TYR B 257 -6.17 -16.75 18.93
N SER B 258 -5.90 -17.30 20.11
CA SER B 258 -6.93 -17.60 21.10
C SER B 258 -7.68 -16.35 21.49
N PHE B 259 -7.02 -15.46 22.23
CA PHE B 259 -7.64 -14.20 22.63
C PHE B 259 -6.55 -13.20 22.99
N VAL B 260 -6.90 -11.92 22.92
CA VAL B 260 -5.96 -10.82 23.14
C VAL B 260 -6.06 -10.39 24.60
N GLU B 261 -4.98 -10.56 25.35
CA GLU B 261 -4.93 -10.16 26.75
C GLU B 261 -4.33 -8.76 26.88
N LEU B 262 -4.95 -7.95 27.74
CA LEU B 262 -4.48 -6.60 28.02
C LEU B 262 -4.14 -6.49 29.49
N THR B 263 -2.87 -6.20 29.78
CA THR B 263 -2.41 -6.05 31.16
C THR B 263 -2.95 -4.76 31.76
N LYS B 264 -2.81 -4.63 33.08
CA LYS B 264 -3.18 -3.39 33.74
C LYS B 264 -2.33 -2.22 33.23
N ASP B 265 -1.09 -2.49 32.83
CA ASP B 265 -0.20 -1.46 32.31
C ASP B 265 -0.37 -1.25 30.80
N PHE B 266 -1.40 -1.84 30.20
CA PHE B 266 -1.77 -1.62 28.81
C PHE B 266 -0.70 -2.06 27.82
N GLU B 267 0.22 -2.94 28.24
CA GLU B 267 1.06 -3.64 27.29
C GLU B 267 0.39 -4.97 26.95
N VAL B 268 0.41 -5.32 25.67
CA VAL B 268 -0.48 -6.36 25.14
C VAL B 268 0.27 -7.69 25.04
N ARG B 269 -0.42 -8.76 25.42
CA ARG B 269 0.03 -10.12 25.22
C ARG B 269 -1.01 -10.88 24.42
N VAL B 270 -0.55 -11.64 23.42
CA VAL B 270 -1.44 -12.37 22.51
C VAL B 270 -1.29 -13.86 22.79
N HIS B 271 -2.42 -14.55 22.87
CA HIS B 271 -2.46 -15.97 23.23
C HIS B 271 -2.47 -16.81 21.95
N ALA B 272 -1.35 -17.46 21.67
CA ALA B 272 -1.28 -18.48 20.64
C ALA B 272 -1.57 -19.84 21.25
N PRO B 273 -1.92 -20.85 20.44
CA PRO B 273 -2.17 -22.18 21.01
C PRO B 273 -0.98 -22.74 21.78
N ASN B 274 0.21 -22.74 21.19
CA ASN B 274 1.38 -23.28 21.85
C ASN B 274 2.39 -22.19 22.21
N GLY B 275 1.91 -21.11 22.82
CA GLY B 275 2.79 -20.04 23.23
C GLY B 275 2.02 -18.75 23.42
N VAL B 276 2.74 -17.75 23.94
CA VAL B 276 2.20 -16.42 24.17
C VAL B 276 3.18 -15.39 23.63
N LEU B 277 2.71 -14.50 22.77
CA LEU B 277 3.55 -13.55 22.07
C LEU B 277 3.21 -12.12 22.48
N THR B 278 4.19 -11.23 22.31
CA THR B 278 4.03 -9.81 22.60
C THR B 278 4.19 -9.01 21.32
N ILE B 279 3.95 -7.70 21.44
CA ILE B 279 4.04 -6.81 20.28
C ILE B 279 5.44 -6.77 19.71
N ASP B 280 6.45 -7.16 20.50
CA ASP B 280 7.82 -7.23 19.99
C ASP B 280 7.94 -8.27 18.89
N ASN B 281 7.21 -9.38 19.01
CA ASN B 281 7.32 -10.49 18.07
C ASN B 281 6.43 -10.32 16.85
N LEU B 282 5.29 -9.64 16.99
CA LEU B 282 4.31 -9.56 15.91
C LEU B 282 4.90 -8.88 14.68
N SER B 283 4.25 -9.11 13.54
CA SER B 283 4.63 -8.42 12.31
C SER B 283 4.05 -7.01 12.29
N GLY B 284 4.60 -6.18 11.40
CA GLY B 284 4.16 -4.80 11.33
C GLY B 284 2.66 -4.67 11.12
N GLY B 285 2.11 -5.47 10.21
CA GLY B 285 0.68 -5.39 9.94
C GLY B 285 -0.18 -5.83 11.12
N GLU B 286 0.31 -6.79 11.89
CA GLU B 286 -0.45 -7.26 13.04
C GLU B 286 -0.39 -6.27 14.20
N GLN B 287 0.71 -5.50 14.30
CA GLN B 287 0.74 -4.39 15.25
C GLN B 287 -0.35 -3.39 14.94
N ILE B 288 -0.43 -2.95 13.67
CA ILE B 288 -1.47 -2.01 13.26
C ILE B 288 -2.85 -2.58 13.53
N ALA B 289 -3.00 -3.90 13.38
CA ALA B 289 -4.28 -4.54 13.66
C ALA B 289 -4.66 -4.41 15.12
N VAL B 290 -3.69 -4.62 16.02
CA VAL B 290 -3.96 -4.46 17.45
C VAL B 290 -4.20 -2.99 17.78
N ALA B 291 -3.39 -2.10 17.18
CA ALA B 291 -3.44 -0.69 17.52
C ALA B 291 -4.81 -0.08 17.22
N LEU B 292 -5.32 -0.33 16.01
CA LEU B 292 -6.63 0.20 15.64
C LEU B 292 -7.73 -0.43 16.47
N SER B 293 -7.62 -1.73 16.73
CA SER B 293 -8.65 -2.41 17.53
C SER B 293 -8.62 -1.94 18.97
N LEU B 294 -7.46 -1.53 19.48
CA LEU B 294 -7.38 -1.02 20.84
C LEU B 294 -7.99 0.37 20.93
N ARG B 295 -7.62 1.27 20.01
CA ARG B 295 -8.18 2.62 20.02
C ARG B 295 -9.69 2.58 19.81
N LEU B 296 -10.19 1.62 19.04
CA LEU B 296 -11.63 1.46 18.90
C LEU B 296 -12.25 0.86 20.15
N ALA B 297 -11.52 0.02 20.88
CA ALA B 297 -12.01 -0.50 22.13
C ALA B 297 -12.08 0.59 23.20
N ILE B 298 -11.05 1.45 23.25
CA ILE B 298 -11.08 2.59 24.16
C ILE B 298 -12.24 3.52 23.81
N ALA B 299 -12.44 3.77 22.52
CA ALA B 299 -13.55 4.62 22.08
C ALA B 299 -14.89 4.00 22.46
N ASN B 300 -15.05 2.71 22.19
CA ASN B 300 -16.29 2.01 22.57
C ASN B 300 -16.51 2.01 24.07
N ALA B 301 -15.44 2.16 24.86
CA ALA B 301 -15.59 2.17 26.31
C ALA B 301 -16.23 3.48 26.77
N LEU B 302 -15.58 4.61 26.51
CA LEU B 302 -16.10 5.92 26.92
C LEU B 302 -17.01 6.48 25.83
N ILE B 303 -18.16 5.82 25.66
CA ILE B 303 -19.09 6.21 24.61
C ILE B 303 -19.66 7.60 24.88
N GLY B 304 -19.75 8.01 26.15
CA GLY B 304 -20.30 9.32 26.47
C GLY B 304 -19.36 10.20 27.25
N ASN B 305 -18.35 9.60 27.88
CA ASN B 305 -17.40 10.37 28.67
C ASN B 305 -16.53 11.25 27.79
N ARG B 306 -15.94 10.67 26.75
CA ARG B 306 -15.05 11.37 25.83
C ARG B 306 -15.41 11.05 24.39
N VAL B 307 -16.63 11.45 23.99
CA VAL B 307 -17.09 11.22 22.62
C VAL B 307 -16.33 12.18 21.71
N GLU B 308 -15.07 11.86 21.44
CA GLU B 308 -14.17 12.72 20.69
C GLU B 308 -14.02 12.24 19.25
N CYS B 309 -13.68 13.17 18.37
CA CYS B 309 -13.37 12.82 17.00
C CYS B 309 -11.93 12.33 16.89
N ILE B 310 -11.65 11.56 15.85
CA ILE B 310 -10.35 10.91 15.67
C ILE B 310 -9.95 11.01 14.21
N ILE B 311 -8.66 11.26 13.98
CA ILE B 311 -8.12 11.47 12.64
C ILE B 311 -6.98 10.51 12.40
N LEU B 312 -7.03 9.78 11.28
CA LEU B 312 -6.04 8.76 10.95
C LEU B 312 -5.40 9.09 9.60
N ASP B 313 -4.07 9.00 9.55
CA ASP B 313 -3.31 9.25 8.32
C ASP B 313 -2.77 7.91 7.82
N GLU B 314 -3.41 7.37 6.79
CA GLU B 314 -3.00 6.16 6.10
C GLU B 314 -2.82 4.98 7.05
N PRO B 315 -3.91 4.48 7.64
CA PRO B 315 -3.77 3.37 8.61
C PRO B 315 -3.60 2.01 7.94
N THR B 316 -4.25 1.82 6.79
CA THR B 316 -4.20 0.54 6.07
C THR B 316 -2.83 0.26 5.45
N VAL B 317 -1.87 1.18 5.57
CA VAL B 317 -0.51 0.87 5.18
C VAL B 317 0.00 -0.27 6.06
N TYR B 318 0.89 -1.10 5.49
CA TYR B 318 1.40 -2.34 6.07
C TYR B 318 0.34 -3.43 6.18
N LEU B 319 -0.92 -3.14 5.85
CA LEU B 319 -1.98 -4.15 5.81
C LEU B 319 -2.13 -4.70 4.39
N ASP B 320 -2.35 -6.00 4.29
CA ASP B 320 -2.50 -6.65 2.99
C ASP B 320 -3.86 -6.31 2.37
N GLU B 321 -4.11 -6.86 1.19
CA GLU B 321 -5.39 -6.63 0.51
C GLU B 321 -6.57 -7.09 1.38
N ASN B 322 -6.41 -8.22 2.07
CA ASN B 322 -7.53 -8.76 2.84
C ASN B 322 -7.81 -7.94 4.09
N ARG B 323 -6.77 -7.61 4.86
CA ARG B 323 -6.96 -6.84 6.08
C ARG B 323 -7.51 -5.44 5.78
N ARG B 324 -7.11 -4.84 4.66
CA ARG B 324 -7.66 -3.54 4.29
C ARG B 324 -9.17 -3.62 4.11
N ALA B 325 -9.66 -4.67 3.44
CA ALA B 325 -11.09 -4.80 3.24
C ALA B 325 -11.80 -5.05 4.57
N LYS B 326 -11.32 -6.02 5.36
CA LYS B 326 -11.99 -6.33 6.61
C LYS B 326 -11.97 -5.14 7.56
N LEU B 327 -10.88 -4.36 7.53
CA LEU B 327 -10.82 -3.14 8.35
C LEU B 327 -11.88 -2.14 7.90
N ALA B 328 -12.20 -2.12 6.61
CA ALA B 328 -13.25 -1.21 6.13
C ALA B 328 -14.61 -1.60 6.68
N GLU B 329 -14.92 -2.90 6.68
CA GLU B 329 -16.17 -3.37 7.29
C GLU B 329 -16.20 -3.14 8.79
N ILE B 330 -15.03 -2.97 9.41
CA ILE B 330 -14.99 -2.59 10.82
C ILE B 330 -15.47 -1.15 11.00
N PHE B 331 -14.86 -0.22 10.25
CA PHE B 331 -15.17 1.19 10.40
C PHE B 331 -16.64 1.48 10.14
N ARG B 332 -17.31 0.65 9.34
CA ARG B 332 -18.73 0.88 9.06
C ARG B 332 -19.60 0.56 10.26
N LYS B 333 -19.24 -0.49 11.01
CA LYS B 333 -19.97 -0.85 12.22
C LYS B 333 -19.64 0.04 13.41
N VAL B 334 -18.59 0.86 13.31
CA VAL B 334 -18.20 1.73 14.41
C VAL B 334 -19.22 2.85 14.55
N LYS B 335 -19.89 2.90 15.70
CA LYS B 335 -20.84 3.97 16.01
C LYS B 335 -20.39 4.83 17.18
N SER B 336 -19.30 4.48 17.85
CA SER B 336 -18.87 5.20 19.05
C SER B 336 -18.19 6.53 18.71
N ILE B 337 -17.53 6.61 17.57
CA ILE B 337 -16.77 7.79 17.18
C ILE B 337 -17.65 8.64 16.28
N PRO B 338 -17.95 9.89 16.66
CA PRO B 338 -18.86 10.69 15.83
C PRO B 338 -18.29 11.05 14.48
N GLN B 339 -17.01 11.41 14.42
CA GLN B 339 -16.38 11.84 13.18
C GLN B 339 -14.96 11.29 13.13
N MET B 340 -14.70 10.41 12.18
CA MET B 340 -13.36 9.85 11.99
C MET B 340 -12.91 10.14 10.56
N ILE B 341 -11.99 11.09 10.43
CA ILE B 341 -11.44 11.44 9.12
C ILE B 341 -10.24 10.54 8.85
N ILE B 342 -10.20 9.95 7.66
CA ILE B 342 -9.15 9.02 7.29
C ILE B 342 -8.53 9.47 5.97
N ILE B 343 -7.21 9.39 5.89
CA ILE B 343 -6.46 9.63 4.66
C ILE B 343 -5.97 8.29 4.14
N THR B 344 -6.02 8.11 2.82
CA THR B 344 -5.48 6.89 2.23
C THR B 344 -5.10 7.14 0.78
N HIS B 345 -4.04 6.46 0.36
CA HIS B 345 -3.71 6.27 -1.04
C HIS B 345 -4.34 5.00 -1.60
N HIS B 346 -5.18 4.34 -0.81
CA HIS B 346 -5.77 3.06 -1.16
C HIS B 346 -7.24 3.22 -1.51
N ARG B 347 -7.73 2.37 -2.40
CA ARG B 347 -9.13 2.38 -2.80
C ARG B 347 -10.01 1.53 -1.90
N GLU B 348 -9.42 0.76 -0.98
CA GLU B 348 -10.17 -0.09 -0.06
C GLU B 348 -11.02 0.68 0.91
N LEU B 349 -10.81 2.00 1.04
CA LEU B 349 -11.55 2.82 1.99
C LEU B 349 -12.49 3.81 1.34
N GLU B 350 -12.29 4.11 0.06
CA GLU B 350 -13.21 5.02 -0.64
C GLU B 350 -14.60 4.44 -0.70
N ASP B 351 -14.73 3.13 -0.93
CA ASP B 351 -16.02 2.51 -1.13
C ASP B 351 -16.85 2.44 0.15
N VAL B 352 -16.23 2.61 1.32
CA VAL B 352 -16.92 2.50 2.59
C VAL B 352 -17.14 3.85 3.26
N ALA B 353 -16.57 4.93 2.71
CA ALA B 353 -16.65 6.24 3.33
C ALA B 353 -18.02 6.88 3.13
N ASP B 354 -18.32 7.86 3.98
CA ASP B 354 -19.55 8.64 3.87
C ASP B 354 -19.36 9.84 2.95
N VAL B 355 -18.24 10.55 3.11
CA VAL B 355 -17.91 11.72 2.30
C VAL B 355 -16.49 11.55 1.78
N ILE B 356 -16.31 11.81 0.49
CA ILE B 356 -15.03 11.58 -0.20
C ILE B 356 -14.50 12.93 -0.67
N ILE B 357 -13.48 13.43 0.02
CA ILE B 357 -12.86 14.71 -0.30
C ILE B 357 -11.65 14.43 -1.20
N ASN B 358 -11.77 14.79 -2.47
CA ASN B 358 -10.73 14.51 -3.45
C ASN B 358 -9.76 15.68 -3.52
N VAL B 359 -8.46 15.38 -3.50
CA VAL B 359 -7.40 16.38 -3.45
C VAL B 359 -6.43 16.08 -4.60
N LYS B 360 -6.39 16.98 -5.58
CA LYS B 360 -5.45 16.89 -6.70
C LYS B 360 -4.48 18.06 -6.64
N LYS B 361 -3.39 17.95 -7.40
CA LYS B 361 -2.37 18.98 -7.42
C LYS B 361 -2.03 19.34 -8.87
N ASP B 362 -2.11 20.63 -9.19
CA ASP B 362 -1.79 21.14 -10.51
C ASP B 362 -0.34 21.65 -10.46
N GLY B 363 0.60 20.75 -10.70
CA GLY B 363 2.01 21.10 -10.60
C GLY B 363 2.49 21.14 -9.17
N ASN B 364 2.45 22.31 -8.54
CA ASN B 364 2.89 22.46 -7.16
C ASN B 364 1.83 23.09 -6.28
N VAL B 365 0.63 23.33 -6.80
CA VAL B 365 -0.48 23.91 -6.04
C VAL B 365 -1.56 22.85 -5.89
N SER B 366 -2.04 22.66 -4.67
CA SER B 366 -3.06 21.65 -4.39
C SER B 366 -4.45 22.25 -4.50
N LYS B 367 -5.34 21.53 -5.18
CA LYS B 367 -6.72 21.95 -5.41
C LYS B 367 -7.66 20.84 -4.97
N VAL B 368 -8.72 21.21 -4.27
CA VAL B 368 -9.63 20.26 -3.63
C VAL B 368 -10.96 20.26 -4.37
N LYS B 369 -11.46 19.06 -4.65
CA LYS B 369 -12.76 18.85 -5.32
C LYS B 369 -13.59 17.92 -4.42
N ILE B 370 -14.43 18.52 -3.58
CA ILE B 370 -15.23 17.73 -2.63
C ILE B 370 -16.50 17.24 -3.32
N ASN B 371 -16.83 15.98 -3.07
CA ASN B 371 -18.10 15.39 -3.50
C ASN B 371 -18.90 15.04 -2.25
N GLY B 372 -20.11 15.59 -2.15
CA GLY B 372 -20.94 15.36 -0.98
C GLY B 372 -21.61 13.99 -0.96
N MET C 21 -7.20 -13.42 -49.94
CA MET C 21 -6.65 -14.08 -48.77
C MET C 21 -5.62 -13.19 -48.07
N MET C 22 -6.08 -12.30 -47.19
CA MET C 22 -5.24 -11.34 -46.50
C MET C 22 -5.53 -11.35 -45.01
N PHE C 23 -4.49 -11.06 -44.21
CA PHE C 23 -4.64 -11.03 -42.76
C PHE C 23 -3.91 -9.83 -42.18
N VAL C 24 -4.21 -9.54 -40.92
CA VAL C 24 -3.68 -8.39 -40.21
C VAL C 24 -2.86 -8.88 -39.02
N HIS C 25 -1.63 -8.39 -38.89
CA HIS C 25 -0.77 -8.67 -37.75
C HIS C 25 -0.67 -7.42 -36.89
N ILE C 26 -1.21 -7.49 -35.68
CA ILE C 26 -1.22 -6.36 -34.75
C ILE C 26 -0.84 -6.86 -33.37
N ALA C 27 -0.17 -6.01 -32.60
CA ALA C 27 0.27 -6.41 -31.27
C ALA C 27 0.55 -5.17 -30.43
N ASP C 28 0.77 -5.41 -29.14
CA ASP C 28 1.23 -4.40 -28.18
C ASP C 28 0.36 -3.16 -28.20
N ASN C 29 -0.87 -3.33 -27.73
CA ASN C 29 -1.78 -2.20 -27.55
C ASN C 29 -1.69 -1.61 -26.16
N HIS C 30 -1.37 -2.42 -25.16
CA HIS C 30 -1.15 -1.97 -23.78
C HIS C 30 -2.32 -1.11 -23.28
N LEU C 31 -3.54 -1.61 -23.49
CA LEU C 31 -4.73 -0.90 -23.03
C LEU C 31 -4.73 -0.78 -21.50
N GLY C 32 -4.98 0.44 -21.03
CA GLY C 32 -5.00 0.75 -19.61
C GLY C 32 -3.75 1.43 -19.11
N TYR C 33 -2.71 1.54 -19.92
CA TYR C 33 -1.48 2.21 -19.53
C TYR C 33 -1.77 3.70 -19.30
N ARG C 34 -1.53 4.16 -18.07
CA ARG C 34 -1.80 5.54 -17.68
C ARG C 34 -0.47 6.26 -17.52
N GLN C 35 0.10 6.69 -18.65
CA GLN C 35 1.38 7.36 -18.65
C GLN C 35 1.30 8.71 -17.94
N TYR C 36 2.36 9.03 -17.19
CA TYR C 36 2.49 10.30 -16.45
C TYR C 36 1.38 10.51 -15.44
N ASN C 37 0.72 9.42 -15.02
CA ASN C 37 -0.44 9.50 -14.12
C ASN C 37 -1.48 10.47 -14.65
N LEU C 38 -1.62 10.54 -15.97
CA LEU C 38 -2.42 11.55 -16.65
C LEU C 38 -3.60 10.90 -17.37
N ASP C 39 -4.80 11.46 -17.18
CA ASP C 39 -6.00 10.90 -17.80
C ASP C 39 -5.90 10.93 -19.33
N ASP C 40 -5.40 12.03 -19.90
CA ASP C 40 -5.36 12.16 -21.35
C ASP C 40 -4.50 11.07 -22.00
N ARG C 41 -3.36 10.75 -21.38
CA ARG C 41 -2.50 9.72 -21.95
C ARG C 41 -3.13 8.33 -21.84
N GLU C 42 -4.02 8.12 -20.86
CA GLU C 42 -4.73 6.86 -20.78
C GLU C 42 -5.75 6.74 -21.90
N LYS C 43 -6.47 7.83 -22.20
CA LYS C 43 -7.45 7.81 -23.28
C LYS C 43 -6.79 7.72 -24.65
N ASP C 44 -5.63 8.38 -24.81
CA ASP C 44 -4.93 8.33 -26.09
C ASP C 44 -4.62 6.91 -26.51
N ILE C 45 -4.45 5.99 -25.56
CA ILE C 45 -4.24 4.60 -25.89
C ILE C 45 -5.52 3.97 -26.41
N TYR C 46 -6.66 4.32 -25.79
CA TYR C 46 -7.94 3.78 -26.21
C TYR C 46 -8.29 4.22 -27.62
N ASP C 47 -8.12 5.52 -27.91
CA ASP C 47 -8.51 6.05 -29.21
C ASP C 47 -7.73 5.36 -30.34
N SER C 48 -6.40 5.32 -30.23
CA SER C 48 -5.59 4.66 -31.25
C SER C 48 -5.98 3.20 -31.40
N PHE C 49 -6.33 2.54 -30.31
CA PHE C 49 -6.81 1.16 -30.38
C PHE C 49 -8.17 1.10 -31.08
N LYS C 50 -9.09 1.98 -30.67
CA LYS C 50 -10.37 2.09 -31.38
C LYS C 50 -10.15 2.43 -32.84
N LEU C 51 -9.19 3.32 -33.14
CA LEU C 51 -8.92 3.68 -34.52
C LEU C 51 -8.30 2.51 -35.29
N CYS C 52 -7.50 1.68 -34.61
CA CYS C 52 -6.99 0.48 -35.25
C CYS C 52 -8.12 -0.49 -35.61
N ILE C 53 -9.05 -0.69 -34.68
CA ILE C 53 -10.22 -1.51 -34.98
C ILE C 53 -11.02 -0.92 -36.13
N LYS C 54 -11.20 0.40 -36.11
CA LYS C 54 -11.94 1.08 -37.19
C LYS C 54 -11.32 0.80 -38.55
N LYS C 55 -10.00 1.00 -38.65
CA LYS C 55 -9.33 0.75 -39.93
C LYS C 55 -9.39 -0.72 -40.31
N ILE C 56 -9.27 -1.63 -39.33
CA ILE C 56 -9.36 -3.05 -39.62
C ILE C 56 -10.75 -3.40 -40.15
N LEU C 57 -11.80 -2.87 -39.52
CA LEU C 57 -13.15 -3.12 -40.01
C LEU C 57 -13.36 -2.51 -41.40
N GLU C 58 -12.74 -1.36 -41.66
CA GLU C 58 -12.85 -0.75 -42.98
C GLU C 58 -12.21 -1.63 -44.04
N ILE C 59 -11.17 -2.37 -43.67
CA ILE C 59 -10.47 -3.22 -44.63
C ILE C 59 -11.22 -4.52 -44.85
N LYS C 60 -11.82 -5.07 -43.78
CA LYS C 60 -12.42 -6.39 -43.73
C LYS C 60 -11.40 -7.45 -44.10
N PRO C 61 -10.41 -7.70 -43.25
CA PRO C 61 -9.45 -8.77 -43.52
C PRO C 61 -10.00 -10.12 -43.12
N ASP C 62 -9.45 -11.16 -43.75
CA ASP C 62 -9.97 -12.50 -43.51
C ASP C 62 -9.64 -12.98 -42.10
N VAL C 63 -8.41 -12.78 -41.65
CA VAL C 63 -7.97 -13.19 -40.31
C VAL C 63 -7.22 -12.03 -39.66
N VAL C 64 -7.40 -11.87 -38.36
CA VAL C 64 -6.63 -10.91 -37.57
C VAL C 64 -5.76 -11.70 -36.59
N LEU C 65 -4.45 -11.46 -36.65
CA LEU C 65 -3.48 -12.10 -35.77
C LEU C 65 -3.01 -11.09 -34.73
N HIS C 66 -3.52 -11.19 -33.51
CA HIS C 66 -3.06 -10.36 -32.40
C HIS C 66 -2.02 -11.17 -31.61
N SER C 67 -0.78 -10.72 -31.62
CA SER C 67 0.32 -11.52 -31.11
C SER C 67 0.78 -11.09 -29.72
N GLY C 68 -0.10 -10.54 -28.90
CA GLY C 68 0.13 -10.40 -27.48
C GLY C 68 0.10 -8.96 -27.00
N ASP C 69 0.08 -8.83 -25.66
CA ASP C 69 0.12 -7.54 -24.96
C ASP C 69 -1.03 -6.63 -25.37
N LEU C 70 -2.23 -7.20 -25.43
CA LEU C 70 -3.42 -6.39 -25.66
C LEU C 70 -3.65 -5.43 -24.50
N PHE C 71 -3.68 -5.95 -23.27
CA PHE C 71 -3.81 -5.15 -22.08
C PHE C 71 -2.44 -4.84 -21.47
N ASN C 72 -2.41 -3.83 -20.61
CA ASN C 72 -1.20 -3.43 -19.93
C ASN C 72 -0.99 -4.14 -18.60
N ASP C 73 -2.06 -4.63 -17.98
CA ASP C 73 -1.98 -5.27 -16.67
C ASP C 73 -2.84 -6.52 -16.69
N LEU C 74 -2.71 -7.32 -15.62
CA LEU C 74 -3.52 -8.52 -15.47
C LEU C 74 -4.90 -8.25 -14.91
N ARG C 75 -5.12 -7.07 -14.31
CA ARG C 75 -6.40 -6.67 -13.74
C ARG C 75 -6.74 -5.28 -14.25
N PRO C 76 -6.98 -5.13 -15.55
CA PRO C 76 -7.14 -3.81 -16.15
C PRO C 76 -8.44 -3.14 -15.69
N PRO C 77 -8.58 -1.84 -15.93
CA PRO C 77 -9.81 -1.15 -15.54
C PRO C 77 -11.01 -1.66 -16.31
N VAL C 78 -12.19 -1.48 -15.70
CA VAL C 78 -13.44 -1.93 -16.30
C VAL C 78 -13.64 -1.30 -17.68
N LYS C 79 -13.23 -0.04 -17.83
CA LYS C 79 -13.37 0.63 -19.12
C LYS C 79 -12.56 -0.07 -20.21
N ALA C 80 -11.30 -0.40 -19.90
CA ALA C 80 -10.44 -1.05 -20.89
C ALA C 80 -10.97 -2.42 -21.31
N LEU C 81 -11.61 -3.14 -20.39
CA LEU C 81 -12.22 -4.41 -20.74
C LEU C 81 -13.43 -4.23 -21.64
N ARG C 82 -14.28 -3.25 -21.33
CA ARG C 82 -15.42 -2.95 -22.18
C ARG C 82 -14.98 -2.52 -23.57
N ILE C 83 -13.99 -1.62 -23.64
CA ILE C 83 -13.51 -1.12 -24.93
C ILE C 83 -12.97 -2.28 -25.78
N ALA C 84 -12.17 -3.15 -25.18
CA ALA C 84 -11.62 -4.28 -25.92
C ALA C 84 -12.71 -5.28 -26.30
N MET C 85 -13.61 -5.58 -25.37
CA MET C 85 -14.67 -6.54 -25.64
C MET C 85 -15.52 -6.10 -26.81
N GLN C 86 -16.11 -4.91 -26.72
CA GLN C 86 -16.96 -4.42 -27.79
C GLN C 86 -16.21 -4.26 -29.09
N ALA C 87 -14.87 -4.20 -29.04
CA ALA C 87 -14.08 -4.13 -30.25
C ALA C 87 -13.98 -5.49 -30.92
N PHE C 88 -13.63 -6.52 -30.15
CA PHE C 88 -13.49 -7.86 -30.72
C PHE C 88 -14.84 -8.50 -31.00
N LYS C 89 -15.92 -8.01 -30.37
CA LYS C 89 -17.25 -8.44 -30.77
C LYS C 89 -17.57 -8.00 -32.19
N LYS C 90 -17.23 -6.74 -32.53
CA LYS C 90 -17.45 -6.27 -33.89
C LYS C 90 -16.69 -7.10 -34.92
N LEU C 91 -15.45 -7.49 -34.61
CA LEU C 91 -14.67 -8.25 -35.58
C LEU C 91 -15.26 -9.64 -35.79
N HIS C 92 -15.77 -10.25 -34.72
CA HIS C 92 -16.35 -11.57 -34.86
C HIS C 92 -17.69 -11.51 -35.59
N GLU C 93 -18.45 -10.42 -35.38
CA GLU C 93 -19.73 -10.27 -36.05
C GLU C 93 -19.57 -10.07 -37.55
N ASN C 94 -18.43 -9.52 -37.99
CA ASN C 94 -18.14 -9.36 -39.41
C ASN C 94 -17.39 -10.55 -39.99
N ASN C 95 -17.49 -11.72 -39.35
CA ASN C 95 -16.92 -12.96 -39.87
C ASN C 95 -15.42 -12.85 -40.10
N ILE C 96 -14.74 -12.13 -39.20
CA ILE C 96 -13.29 -12.07 -39.15
C ILE C 96 -12.84 -12.93 -37.98
N LYS C 97 -12.10 -14.01 -38.27
CA LYS C 97 -11.57 -14.85 -37.20
C LYS C 97 -10.30 -14.21 -36.65
N VAL C 98 -10.30 -13.97 -35.34
CA VAL C 98 -9.18 -13.34 -34.65
C VAL C 98 -8.47 -14.40 -33.82
N TYR C 99 -7.16 -14.52 -34.02
CA TYR C 99 -6.31 -15.39 -33.22
C TYR C 99 -5.41 -14.55 -32.34
N ILE C 100 -5.27 -14.94 -31.08
CA ILE C 100 -4.44 -14.21 -30.12
C ILE C 100 -3.59 -15.19 -29.32
N VAL C 101 -2.41 -14.71 -28.92
CA VAL C 101 -1.55 -15.42 -27.97
C VAL C 101 -1.36 -14.52 -26.77
N ALA C 102 -1.36 -15.13 -25.58
CA ALA C 102 -1.24 -14.34 -24.36
C ALA C 102 0.14 -13.70 -24.28
N GLY C 103 0.16 -12.43 -23.85
CA GLY C 103 1.40 -11.70 -23.69
C GLY C 103 1.98 -11.87 -22.30
N ASN C 104 3.12 -11.20 -22.09
CA ASN C 104 3.78 -11.27 -20.79
C ASN C 104 2.99 -10.53 -19.73
N HIS C 105 2.26 -9.47 -20.11
CA HIS C 105 1.39 -8.76 -19.18
C HIS C 105 0.04 -9.43 -19.02
N GLU C 106 -0.17 -10.60 -19.62
CA GLU C 106 -1.46 -11.27 -19.61
C GLU C 106 -1.40 -12.70 -19.08
N MET C 107 -0.21 -13.24 -18.83
CA MET C 107 -0.08 -14.57 -18.24
C MET C 107 -0.42 -14.49 -16.75
N PRO C 108 -1.41 -15.23 -16.27
CA PRO C 108 -1.77 -15.14 -14.85
C PRO C 108 -0.61 -15.53 -13.94
N ARG C 109 -0.34 -14.67 -12.96
CA ARG C 109 0.78 -14.88 -12.05
C ARG C 109 0.42 -15.73 -10.84
N ARG C 110 -0.81 -15.60 -10.32
CA ARG C 110 -1.25 -16.37 -9.16
C ARG C 110 -2.12 -17.55 -9.57
N LEU C 111 -2.81 -18.13 -8.58
CA LEU C 111 -3.40 -19.46 -8.78
C LEU C 111 -4.77 -19.36 -9.43
N GLY C 112 -5.72 -18.74 -8.72
CA GLY C 112 -7.11 -18.78 -9.09
C GLY C 112 -7.55 -17.69 -10.07
N GLU C 113 -6.73 -16.67 -10.23
CA GLU C 113 -7.09 -15.55 -11.09
C GLU C 113 -6.90 -15.91 -12.56
N GLU C 114 -7.69 -15.26 -13.41
CA GLU C 114 -7.76 -15.53 -14.83
C GLU C 114 -7.07 -14.43 -15.62
N SER C 115 -6.70 -14.75 -16.85
CA SER C 115 -6.17 -13.75 -17.75
C SER C 115 -7.30 -12.83 -18.22
N PRO C 116 -7.00 -11.56 -18.48
CA PRO C 116 -8.05 -10.67 -19.01
C PRO C 116 -8.60 -11.14 -20.34
N LEU C 117 -7.83 -11.91 -21.11
CA LEU C 117 -8.27 -12.36 -22.42
C LEU C 117 -9.42 -13.35 -22.33
N ALA C 118 -9.66 -13.94 -21.14
CA ALA C 118 -10.74 -14.92 -21.01
C ALA C 118 -12.12 -14.30 -21.23
N LEU C 119 -12.24 -12.98 -21.12
CA LEU C 119 -13.51 -12.33 -21.44
C LEU C 119 -13.77 -12.31 -22.94
N LEU C 120 -12.73 -12.49 -23.75
CA LEU C 120 -12.84 -12.48 -25.21
C LEU C 120 -12.89 -13.89 -25.80
N LYS C 121 -13.23 -14.90 -24.99
CA LYS C 121 -13.11 -16.28 -25.44
C LYS C 121 -14.05 -16.62 -26.59
N ASP C 122 -15.23 -15.99 -26.64
CA ASP C 122 -16.23 -16.32 -27.64
C ASP C 122 -16.12 -15.50 -28.91
N TYR C 123 -15.18 -14.56 -28.99
CA TYR C 123 -14.94 -13.79 -30.21
C TYR C 123 -13.54 -13.96 -30.76
N VAL C 124 -12.61 -14.49 -29.97
CA VAL C 124 -11.21 -14.60 -30.36
C VAL C 124 -10.73 -16.00 -29.96
N LYS C 125 -9.94 -16.61 -30.84
CA LYS C 125 -9.29 -17.89 -30.53
C LYS C 125 -7.97 -17.59 -29.84
N ILE C 126 -7.86 -17.96 -28.57
CA ILE C 126 -6.61 -17.81 -27.83
C ILE C 126 -5.71 -18.98 -28.19
N LEU C 127 -4.60 -18.69 -28.87
CA LEU C 127 -3.78 -19.72 -29.48
C LEU C 127 -2.83 -20.33 -28.45
N ASP C 128 -2.95 -21.64 -28.23
CA ASP C 128 -1.96 -22.44 -27.52
C ASP C 128 -1.87 -23.80 -28.20
N GLY C 129 -1.57 -23.79 -29.50
CA GLY C 129 -1.54 -25.03 -30.25
C GLY C 129 -1.68 -24.74 -31.74
N LYS C 130 -2.35 -25.66 -32.42
CA LYS C 130 -2.49 -25.61 -33.87
C LYS C 130 -3.93 -25.28 -34.26
N ASP C 131 -4.09 -24.89 -35.52
CA ASP C 131 -5.38 -24.63 -36.13
C ASP C 131 -5.18 -24.42 -37.62
N VAL C 132 -6.12 -24.89 -38.44
CA VAL C 132 -6.08 -24.72 -39.88
C VAL C 132 -7.32 -23.96 -40.32
N ILE C 133 -7.18 -23.18 -41.38
CA ILE C 133 -8.26 -22.34 -41.90
C ILE C 133 -8.44 -22.60 -43.38
N ASN C 134 -9.70 -22.59 -43.82
CA ASN C 134 -10.04 -22.64 -45.24
C ASN C 134 -10.36 -21.23 -45.71
N VAL C 135 -9.55 -20.72 -46.64
CA VAL C 135 -9.75 -19.39 -47.21
C VAL C 135 -9.85 -19.57 -48.72
N ASN C 136 -11.07 -19.44 -49.24
CA ASN C 136 -11.39 -19.62 -50.67
C ASN C 136 -10.67 -20.83 -51.26
N GLY C 137 -10.71 -21.94 -50.53
CA GLY C 137 -10.25 -23.20 -51.09
C GLY C 137 -8.78 -23.50 -50.86
N GLU C 138 -8.23 -23.10 -49.72
CA GLU C 138 -6.83 -23.34 -49.42
C GLU C 138 -6.63 -23.45 -47.92
N GLU C 139 -5.84 -24.45 -47.53
CA GLU C 139 -5.54 -24.72 -46.12
C GLU C 139 -4.32 -23.91 -45.71
N ILE C 140 -4.49 -23.07 -44.69
CA ILE C 140 -3.41 -22.25 -44.15
C ILE C 140 -3.22 -22.63 -42.69
N PHE C 141 -1.98 -22.89 -42.29
CA PHE C 141 -1.67 -23.40 -40.96
C PHE C 141 -1.31 -22.25 -40.02
N ILE C 142 -2.10 -22.09 -38.96
CA ILE C 142 -1.84 -21.10 -37.92
C ILE C 142 -1.47 -21.84 -36.64
N CYS C 143 -0.44 -21.36 -35.95
CA CYS C 143 -0.06 -21.92 -34.67
C CYS C 143 0.57 -20.81 -33.81
N GLY C 144 0.46 -20.99 -32.49
CA GLY C 144 1.02 -20.00 -31.58
C GLY C 144 0.92 -20.45 -30.14
N THR C 145 1.65 -19.75 -29.28
CA THR C 145 1.63 -20.02 -27.85
C THR C 145 1.86 -18.73 -27.08
N TYR C 146 1.62 -18.81 -25.77
CA TYR C 146 1.73 -17.67 -24.86
C TYR C 146 3.19 -17.30 -24.61
N TYR C 147 3.38 -16.28 -23.78
CA TYR C 147 4.72 -15.82 -23.44
C TYR C 147 5.40 -16.80 -22.49
N HIS C 148 6.51 -17.36 -22.93
CA HIS C 148 7.34 -18.23 -22.11
C HIS C 148 8.51 -17.41 -21.56
N LYS C 149 8.65 -17.37 -20.24
CA LYS C 149 9.80 -16.69 -19.65
C LYS C 149 11.09 -17.44 -19.98
N LYS C 150 12.21 -16.72 -19.85
CA LYS C 150 13.50 -17.27 -20.23
C LYS C 150 13.85 -18.52 -19.43
N SER C 151 13.23 -18.73 -18.27
CA SER C 151 13.52 -19.91 -17.48
C SER C 151 12.97 -21.17 -18.15
N LYS C 152 11.74 -21.10 -18.63
CA LYS C 152 11.07 -22.27 -19.22
C LYS C 152 11.22 -22.27 -20.74
N ARG C 153 12.43 -22.04 -21.23
CA ARG C 153 12.70 -22.09 -22.66
C ARG C 153 12.66 -23.53 -23.17
N GLU C 154 13.13 -24.49 -22.37
CA GLU C 154 13.16 -25.88 -22.80
C GLU C 154 11.77 -26.43 -23.05
N GLU C 155 10.77 -25.97 -22.29
CA GLU C 155 9.39 -26.35 -22.59
C GLU C 155 8.92 -25.69 -23.88
N MET C 156 9.35 -24.44 -24.12
CA MET C 156 9.00 -23.74 -25.35
C MET C 156 9.57 -24.45 -26.58
N LEU C 157 10.83 -24.87 -26.51
CA LEU C 157 11.43 -25.55 -27.65
C LEU C 157 10.68 -26.82 -28.01
N ASP C 158 10.14 -27.53 -27.01
CA ASP C 158 9.32 -28.70 -27.31
C ASP C 158 7.99 -28.31 -27.94
N LYS C 159 7.45 -27.15 -27.58
CA LYS C 159 6.23 -26.69 -28.23
C LYS C 159 6.49 -26.25 -29.66
N LEU C 160 7.68 -25.69 -29.92
CA LEU C 160 8.02 -25.26 -31.28
C LEU C 160 8.36 -26.47 -32.15
N LYS C 161 8.99 -27.48 -31.58
CA LYS C 161 9.33 -28.67 -32.36
C LYS C 161 8.08 -29.50 -32.68
N ASN C 162 7.07 -29.47 -31.80
CA ASN C 162 5.80 -30.10 -32.14
C ASN C 162 5.10 -29.36 -33.26
N PHE C 163 5.11 -28.02 -33.21
CA PHE C 163 4.52 -27.24 -34.28
C PHE C 163 5.25 -27.46 -35.61
N GLU C 164 6.50 -27.90 -35.55
CA GLU C 164 7.24 -28.21 -36.77
C GLU C 164 6.77 -29.52 -37.38
N SER C 165 6.56 -30.54 -36.53
CA SER C 165 6.15 -31.86 -37.01
C SER C 165 4.76 -31.81 -37.64
N GLU C 166 3.86 -31.02 -37.06
CA GLU C 166 2.49 -30.92 -37.55
C GLU C 166 2.36 -29.98 -38.75
N ALA C 167 3.48 -29.46 -39.27
CA ALA C 167 3.42 -28.43 -40.30
C ALA C 167 3.99 -28.85 -41.64
N LYS C 168 4.79 -29.92 -41.70
CA LYS C 168 5.47 -30.29 -42.93
C LYS C 168 4.50 -30.55 -44.08
N ASN C 169 3.24 -30.84 -43.78
CA ASN C 169 2.28 -31.14 -44.85
C ASN C 169 1.78 -29.87 -45.53
N TYR C 170 1.79 -28.73 -44.83
CA TYR C 170 1.19 -27.50 -45.31
C TYR C 170 2.25 -26.57 -45.90
N LYS C 171 2.01 -26.09 -47.12
CA LYS C 171 2.93 -25.16 -47.76
C LYS C 171 2.79 -23.74 -47.24
N LYS C 172 1.66 -23.40 -46.61
CA LYS C 172 1.45 -22.09 -46.01
C LYS C 172 1.27 -22.24 -44.51
N LYS C 173 2.13 -21.59 -43.74
CA LYS C 173 2.13 -21.75 -42.30
C LYS C 173 2.64 -20.48 -41.65
N ILE C 174 2.05 -20.13 -40.51
CA ILE C 174 2.40 -18.92 -39.77
C ILE C 174 2.55 -19.25 -38.29
N LEU C 175 3.45 -18.53 -37.63
CA LEU C 175 3.77 -18.77 -36.23
C LEU C 175 3.57 -17.51 -35.42
N MET C 176 2.75 -17.59 -34.37
CA MET C 176 2.45 -16.47 -33.49
C MET C 176 3.18 -16.67 -32.17
N LEU C 177 4.09 -15.76 -31.85
CA LEU C 177 4.84 -15.83 -30.61
C LEU C 177 4.87 -14.45 -29.98
N HIS C 178 4.93 -14.41 -28.66
CA HIS C 178 5.11 -13.18 -27.91
C HIS C 178 6.41 -13.29 -27.12
N GLN C 179 7.52 -13.36 -27.84
CA GLN C 179 8.83 -13.54 -27.24
C GLN C 179 9.79 -12.49 -27.77
N GLY C 180 11.02 -12.54 -27.27
CA GLY C 180 12.08 -11.71 -27.79
C GLY C 180 13.15 -12.59 -28.41
N ILE C 181 13.52 -12.30 -29.65
CA ILE C 181 14.50 -13.11 -30.38
C ILE C 181 15.86 -12.43 -30.26
N ASN C 182 16.90 -13.26 -30.11
CA ASN C 182 18.24 -12.76 -29.77
C ASN C 182 18.77 -11.67 -30.70
N PRO C 183 18.82 -11.86 -32.02
CA PRO C 183 19.45 -10.84 -32.87
C PRO C 183 18.67 -9.54 -33.00
N TYR C 184 17.52 -9.40 -32.35
CA TYR C 184 16.68 -8.22 -32.46
C TYR C 184 16.56 -7.44 -31.16
N ILE C 185 16.41 -8.13 -30.03
CA ILE C 185 16.43 -7.47 -28.73
C ILE C 185 17.47 -8.17 -27.87
N PRO C 186 18.66 -7.57 -27.68
CA PRO C 186 19.72 -8.23 -26.91
C PRO C 186 19.52 -8.17 -25.40
N LEU C 187 18.82 -7.13 -24.92
CA LEU C 187 18.61 -6.95 -23.49
C LEU C 187 17.86 -8.13 -22.88
N ASP C 188 16.60 -8.30 -23.25
CA ASP C 188 15.73 -9.34 -22.70
C ASP C 188 15.23 -10.20 -23.85
N TYR C 189 16.05 -11.14 -24.28
CA TYR C 189 15.64 -12.15 -25.26
C TYR C 189 15.37 -13.46 -24.53
N GLU C 190 14.29 -14.13 -24.93
CA GLU C 190 13.92 -15.41 -24.33
C GLU C 190 14.13 -16.57 -25.28
N LEU C 191 14.39 -16.30 -26.56
CA LEU C 191 14.66 -17.34 -27.54
C LEU C 191 15.79 -16.87 -28.45
N GLU C 192 16.53 -17.83 -28.99
CA GLU C 192 17.56 -17.53 -29.97
C GLU C 192 16.93 -17.60 -31.36
N HIS C 193 17.72 -17.27 -32.39
CA HIS C 193 17.17 -17.26 -33.73
C HIS C 193 17.11 -18.65 -34.35
N PHE C 194 18.10 -19.50 -34.10
CA PHE C 194 18.16 -20.80 -34.74
C PHE C 194 17.15 -21.80 -34.19
N ASP C 195 16.48 -21.49 -33.08
CA ASP C 195 15.44 -22.38 -32.57
C ASP C 195 14.11 -22.23 -33.31
N LEU C 196 13.96 -21.21 -34.13
CA LEU C 196 12.71 -20.99 -34.84
C LEU C 196 12.64 -21.88 -36.07
N PRO C 197 11.65 -22.78 -36.16
CA PRO C 197 11.50 -23.58 -37.38
C PRO C 197 11.00 -22.74 -38.55
N LYS C 198 11.12 -23.31 -39.75
CA LYS C 198 10.73 -22.62 -40.96
C LYS C 198 9.23 -22.34 -40.97
N PHE C 199 8.87 -21.08 -41.20
CA PHE C 199 7.49 -20.69 -41.42
C PHE C 199 7.46 -19.58 -42.46
N SER C 200 6.32 -19.45 -43.13
CA SER C 200 6.19 -18.42 -44.15
C SER C 200 6.12 -17.03 -43.52
N TYR C 201 5.66 -16.92 -42.28
CA TYR C 201 5.50 -15.63 -41.64
C TYR C 201 5.57 -15.81 -40.13
N TYR C 202 6.16 -14.82 -39.45
CA TYR C 202 6.34 -14.83 -38.01
C TYR C 202 5.62 -13.62 -37.43
N ALA C 203 4.51 -13.87 -36.72
CA ALA C 203 3.72 -12.81 -36.09
C ALA C 203 4.16 -12.71 -34.64
N LEU C 204 5.04 -11.77 -34.35
CA LEU C 204 5.70 -11.68 -33.06
C LEU C 204 5.29 -10.42 -32.32
N GLY C 205 5.72 -10.34 -31.06
CA GLY C 205 5.42 -9.21 -30.21
C GLY C 205 6.41 -9.08 -29.08
N HIS C 206 6.06 -8.23 -28.12
CA HIS C 206 6.76 -7.90 -26.87
C HIS C 206 7.89 -6.88 -27.08
N ILE C 207 8.29 -6.56 -28.30
CA ILE C 207 9.18 -5.43 -28.55
C ILE C 207 8.42 -4.42 -29.40
N HIS C 208 8.52 -3.15 -29.01
CA HIS C 208 7.72 -2.09 -29.60
C HIS C 208 8.41 -1.42 -30.77
N LYS C 209 9.58 -1.92 -31.17
CA LYS C 209 10.22 -1.50 -32.40
C LYS C 209 9.55 -2.23 -33.55
N ARG C 210 9.07 -1.49 -34.55
CA ARG C 210 8.43 -2.10 -35.70
C ARG C 210 9.50 -2.70 -36.58
N ILE C 211 9.51 -4.02 -36.72
CA ILE C 211 10.57 -4.76 -37.39
C ILE C 211 9.96 -5.61 -38.50
N LEU C 212 10.62 -5.64 -39.66
CA LEU C 212 10.15 -6.42 -40.80
C LEU C 212 11.35 -6.82 -41.64
N GLU C 213 11.65 -8.12 -41.68
CA GLU C 213 12.76 -8.62 -42.50
C GLU C 213 12.56 -10.10 -42.75
N ARG C 214 13.33 -10.63 -43.70
CA ARG C 214 13.25 -12.05 -44.04
C ARG C 214 13.99 -12.91 -43.03
N PHE C 215 13.52 -14.15 -42.90
CA PHE C 215 14.05 -15.09 -41.92
C PHE C 215 13.58 -16.49 -42.30
N ASN C 216 14.54 -17.35 -42.64
CA ASN C 216 14.28 -18.76 -42.96
C ASN C 216 13.23 -18.90 -44.06
N ASP C 217 13.55 -18.35 -45.22
CA ASP C 217 12.67 -18.41 -46.40
C ASP C 217 11.27 -17.90 -46.07
N GLY C 218 11.20 -16.89 -45.25
CA GLY C 218 9.93 -16.33 -44.82
C GLY C 218 10.08 -14.89 -44.41
N ILE C 219 9.08 -14.38 -43.72
CA ILE C 219 9.05 -13.00 -43.25
C ILE C 219 8.85 -13.02 -41.75
N LEU C 220 9.84 -12.54 -41.02
CA LEU C 220 9.71 -12.34 -39.58
C LEU C 220 9.28 -10.90 -39.34
N ALA C 221 8.28 -10.71 -38.48
CA ALA C 221 7.69 -9.39 -38.32
C ALA C 221 7.32 -9.15 -36.87
N TYR C 222 7.66 -7.95 -36.39
CA TYR C 222 7.19 -7.41 -35.12
C TYR C 222 6.25 -6.26 -35.47
N SER C 223 4.96 -6.44 -35.22
CA SER C 223 3.99 -5.39 -35.53
C SER C 223 4.23 -4.11 -34.75
N GLY C 224 4.91 -4.19 -33.62
CA GLY C 224 5.20 -3.01 -32.85
C GLY C 224 4.00 -2.55 -32.04
N SER C 225 4.25 -1.56 -31.21
CA SER C 225 3.20 -0.98 -30.38
C SER C 225 2.24 -0.17 -31.24
N THR C 226 1.11 0.20 -30.63
CA THR C 226 0.07 1.01 -31.24
C THR C 226 0.15 2.48 -30.82
N GLU C 227 0.50 2.74 -29.57
CA GLU C 227 0.75 4.08 -29.08
C GLU C 227 2.13 4.13 -28.43
N ILE C 228 2.67 5.34 -28.33
CA ILE C 228 3.98 5.53 -27.70
C ILE C 228 3.84 5.23 -26.21
N ILE C 229 4.48 4.14 -25.76
CA ILE C 229 4.38 3.69 -24.39
C ILE C 229 5.57 4.22 -23.59
N TYR C 230 6.75 3.68 -23.87
CA TYR C 230 7.98 4.15 -23.25
C TYR C 230 8.62 5.23 -24.13
N ARG C 231 9.27 6.19 -23.48
CA ARG C 231 9.68 7.43 -24.13
C ARG C 231 10.67 7.21 -25.29
N ASN C 232 11.24 6.03 -25.42
CA ASN C 232 12.19 5.76 -26.50
C ASN C 232 11.52 5.53 -27.85
N GLU C 233 10.22 5.82 -27.98
CA GLU C 233 9.48 5.41 -29.17
C GLU C 233 8.87 6.55 -29.95
N TYR C 234 9.10 7.81 -29.57
CA TYR C 234 8.73 8.89 -30.49
C TYR C 234 9.79 9.11 -31.57
N GLU C 235 11.06 8.80 -31.28
CA GLU C 235 12.07 8.79 -32.33
C GLU C 235 11.67 7.82 -33.43
N ASP C 236 10.97 6.75 -33.08
CA ASP C 236 10.47 5.83 -34.09
C ASP C 236 9.28 6.41 -34.84
N TYR C 237 8.31 6.98 -34.10
CA TYR C 237 7.07 7.44 -34.71
C TYR C 237 7.31 8.47 -35.79
N LYS C 238 8.33 9.33 -35.63
CA LYS C 238 8.66 10.28 -36.68
C LYS C 238 9.33 9.60 -37.87
N LYS C 239 10.08 8.53 -37.62
CA LYS C 239 10.70 7.73 -38.68
C LYS C 239 9.76 6.64 -39.18
N GLU C 240 9.28 5.80 -38.25
CA GLU C 240 8.45 4.65 -38.56
C GLU C 240 7.09 4.83 -37.87
N GLY C 241 6.05 5.05 -38.66
CA GLY C 241 4.73 5.22 -38.07
C GLY C 241 4.30 3.98 -37.31
N LYS C 242 3.48 4.19 -36.29
CA LYS C 242 2.97 3.10 -35.47
C LYS C 242 1.60 2.66 -35.96
N GLY C 243 1.31 1.37 -35.77
CA GLY C 243 0.08 0.80 -36.25
C GLY C 243 0.12 -0.71 -36.36
N PHE C 244 -0.45 -1.27 -37.42
CA PHE C 244 -0.46 -2.71 -37.63
C PHE C 244 -0.03 -3.03 -39.06
N TYR C 245 0.11 -4.33 -39.33
CA TYR C 245 0.50 -4.83 -40.64
C TYR C 245 -0.72 -5.36 -41.39
N LEU C 246 -0.67 -5.20 -42.71
CA LEU C 246 -1.64 -5.83 -43.61
C LEU C 246 -0.85 -6.67 -44.60
N VAL C 247 -0.97 -7.98 -44.49
CA VAL C 247 -0.18 -8.92 -45.27
C VAL C 247 -1.08 -9.57 -46.32
N ASP C 248 -0.57 -9.68 -47.54
CA ASP C 248 -1.28 -10.30 -48.64
C ASP C 248 -0.69 -11.69 -48.87
N PHE C 249 -1.35 -12.70 -48.30
CA PHE C 249 -0.94 -14.09 -48.45
C PHE C 249 -1.74 -14.80 -49.54
N SER C 250 -2.01 -14.11 -50.65
CA SER C 250 -2.80 -14.70 -51.72
C SER C 250 -1.95 -15.68 -52.55
N GLY C 251 -0.74 -15.26 -52.93
CA GLY C 251 0.17 -16.14 -53.64
C GLY C 251 0.71 -17.25 -52.75
N ASN C 252 1.36 -18.22 -53.40
CA ASN C 252 1.85 -19.40 -52.69
C ASN C 252 2.90 -19.03 -51.63
N ASP C 253 3.73 -18.04 -51.89
CA ASP C 253 4.79 -17.66 -50.97
C ASP C 253 4.57 -16.25 -50.44
N LEU C 254 5.55 -15.75 -49.68
CA LEU C 254 5.49 -14.44 -49.06
C LEU C 254 6.79 -13.70 -49.28
N ASP C 255 6.68 -12.41 -49.56
CA ASP C 255 7.81 -11.51 -49.73
C ASP C 255 7.54 -10.23 -48.95
N ILE C 256 8.46 -9.27 -49.05
CA ILE C 256 8.25 -7.98 -48.42
C ILE C 256 7.27 -7.13 -49.22
N SER C 257 7.15 -7.39 -50.52
CA SER C 257 6.32 -6.57 -51.40
C SER C 257 4.85 -6.60 -50.98
N ASP C 258 4.32 -7.78 -50.64
CA ASP C 258 2.91 -7.93 -50.33
C ASP C 258 2.57 -7.67 -48.87
N ILE C 259 3.33 -6.80 -48.21
CA ILE C 259 3.06 -6.40 -46.82
C ILE C 259 2.99 -4.88 -46.79
N GLU C 260 1.79 -4.35 -46.54
CA GLU C 260 1.57 -2.91 -46.41
C GLU C 260 1.49 -2.53 -44.94
N LYS C 261 2.28 -1.54 -44.53
CA LYS C 261 2.23 -1.04 -43.17
C LYS C 261 1.13 0.02 -43.06
N ILE C 262 0.26 -0.15 -42.07
CA ILE C 262 -0.81 0.81 -41.79
C ILE C 262 -0.39 1.67 -40.61
N ASP C 263 -0.33 2.98 -40.82
CA ASP C 263 0.10 3.92 -39.79
C ASP C 263 -1.14 4.53 -39.12
N ILE C 264 -1.07 4.64 -37.80
CA ILE C 264 -2.13 5.27 -37.01
C ILE C 264 -1.64 6.63 -36.51
N GLU C 265 -2.58 7.47 -36.11
CA GLU C 265 -2.27 8.80 -35.59
C GLU C 265 -2.06 8.72 -34.10
N CYS C 266 -0.92 9.23 -33.63
CA CYS C 266 -0.54 9.19 -32.22
C CYS C 266 -0.45 10.59 -31.64
N ARG C 267 -0.15 10.65 -30.34
CA ARG C 267 0.11 11.90 -29.66
C ARG C 267 1.49 12.44 -30.05
N GLU C 268 1.54 13.70 -30.49
CA GLU C 268 2.80 14.30 -30.89
C GLU C 268 3.66 14.60 -29.66
N PHE C 269 4.97 14.43 -29.81
CA PHE C 269 5.95 14.79 -28.79
C PHE C 269 6.95 15.78 -29.36
N VAL C 270 7.31 16.78 -28.55
CA VAL C 270 8.26 17.80 -28.96
C VAL C 270 9.44 17.76 -27.99
N GLU C 271 10.62 17.45 -28.52
CA GLU C 271 11.84 17.35 -27.73
C GLU C 271 12.63 18.65 -27.85
N VAL C 272 12.97 19.24 -26.71
CA VAL C 272 13.76 20.47 -26.66
C VAL C 272 14.85 20.29 -25.61
N ASN C 273 16.03 20.84 -25.90
CA ASN C 273 17.16 20.83 -24.97
C ASN C 273 17.66 22.27 -24.80
N ILE C 274 16.76 23.14 -24.36
CA ILE C 274 17.02 24.58 -24.31
C ILE C 274 18.10 24.93 -23.30
N LYS C 275 19.33 25.08 -23.78
CA LYS C 275 20.44 25.65 -23.03
C LYS C 275 20.95 26.93 -23.67
N ASP C 276 20.43 27.31 -24.84
CA ASP C 276 20.83 28.51 -25.55
C ASP C 276 19.59 29.33 -25.92
N LYS C 277 19.85 30.53 -26.46
CA LYS C 277 18.77 31.42 -26.87
C LYS C 277 18.23 31.08 -28.26
N LYS C 278 18.97 30.30 -29.05
CA LYS C 278 18.46 29.79 -30.32
C LYS C 278 17.55 28.59 -30.14
N SER C 279 17.57 27.95 -28.98
CA SER C 279 16.75 26.76 -28.76
C SER C 279 15.33 27.10 -28.33
N PHE C 280 14.99 28.38 -28.19
CA PHE C 280 13.61 28.78 -27.97
C PHE C 280 12.87 28.99 -29.28
N ASN C 281 13.62 29.27 -30.37
CA ASN C 281 13.00 29.48 -31.67
C ASN C 281 12.51 28.18 -32.28
N GLU C 282 13.14 27.05 -31.93
CA GLU C 282 12.77 25.76 -32.49
C GLU C 282 11.37 25.33 -32.06
N ALA C 283 10.85 25.87 -30.96
CA ALA C 283 9.64 25.35 -30.33
C ALA C 283 8.37 25.67 -31.10
N VAL C 284 8.01 26.96 -31.16
CA VAL C 284 6.69 27.35 -31.66
C VAL C 284 6.45 26.83 -33.06
N ASN C 285 7.45 26.91 -33.94
CA ASN C 285 7.28 26.45 -35.30
C ASN C 285 7.12 24.93 -35.39
N LYS C 286 7.64 24.20 -34.42
CA LYS C 286 7.47 22.75 -34.37
C LYS C 286 6.19 22.36 -33.64
N ILE C 287 5.87 23.06 -32.54
CA ILE C 287 4.65 22.76 -31.78
C ILE C 287 3.41 22.96 -32.64
N GLU C 288 3.42 23.92 -33.55
CA GLU C 288 2.26 24.13 -34.40
C GLU C 288 2.28 23.24 -35.64
N ARG C 289 3.46 22.96 -36.20
CA ARG C 289 3.58 22.09 -37.36
C ARG C 289 3.50 20.61 -37.02
N CYS C 290 2.58 20.24 -36.13
CA CYS C 290 2.28 18.86 -35.83
C CYS C 290 0.77 18.71 -35.75
N LYS C 291 0.31 17.46 -35.72
CA LYS C 291 -1.12 17.19 -35.86
C LYS C 291 -1.90 17.70 -34.64
N ASN C 292 -1.77 17.03 -33.49
CA ASN C 292 -2.47 17.45 -32.29
C ASN C 292 -1.53 18.15 -31.32
N LYS C 293 -2.12 18.74 -30.29
CA LYS C 293 -1.36 19.51 -29.30
C LYS C 293 -0.36 18.61 -28.58
N PRO C 294 0.95 18.84 -28.72
CA PRO C 294 1.95 17.85 -28.34
C PRO C 294 2.33 17.88 -26.86
N VAL C 295 3.26 17.00 -26.50
CA VAL C 295 3.82 16.91 -25.16
C VAL C 295 5.29 17.26 -25.25
N VAL C 296 5.72 18.25 -24.48
CA VAL C 296 7.09 18.72 -24.49
C VAL C 296 7.86 18.05 -23.35
N PHE C 297 9.12 17.70 -23.62
CA PHE C 297 9.97 17.06 -22.62
C PHE C 297 11.41 17.46 -22.91
N GLY C 298 12.28 17.24 -21.92
CA GLY C 298 13.69 17.57 -22.04
C GLY C 298 14.11 18.56 -20.97
N LYS C 299 14.97 19.50 -21.36
CA LYS C 299 15.52 20.49 -20.46
C LYS C 299 15.27 21.88 -21.04
N ILE C 300 14.85 22.81 -20.18
CA ILE C 300 14.63 24.20 -20.57
C ILE C 300 15.36 25.07 -19.55
N LYS C 301 16.22 25.95 -20.05
CA LYS C 301 16.97 26.83 -19.17
C LYS C 301 16.02 27.71 -18.35
N ARG C 302 16.36 27.91 -17.08
CA ARG C 302 15.48 28.62 -16.15
C ARG C 302 15.12 30.01 -16.65
N GLU C 303 16.06 30.69 -17.32
CA GLU C 303 15.83 32.03 -17.82
C GLU C 303 14.83 32.08 -18.97
N PHE C 304 14.46 30.94 -19.53
CA PHE C 304 13.55 30.90 -20.67
C PHE C 304 12.12 30.50 -20.31
N LYS C 305 11.91 29.91 -19.12
CA LYS C 305 10.59 29.39 -18.78
C LYS C 305 9.50 30.45 -18.71
N PRO C 306 9.67 31.60 -18.04
CA PRO C 306 8.54 32.53 -17.92
C PRO C 306 8.08 33.09 -19.25
N TRP C 307 9.00 33.29 -20.19
CA TRP C 307 8.65 33.69 -21.55
C TRP C 307 8.23 32.51 -22.42
N PHE C 308 8.26 31.29 -21.87
CA PHE C 308 7.76 30.10 -22.52
C PHE C 308 6.31 29.78 -22.13
N ASP C 309 5.82 30.36 -21.04
CA ASP C 309 4.47 30.11 -20.55
C ASP C 309 3.37 30.62 -21.47
N THR C 310 3.70 31.40 -22.50
CA THR C 310 2.65 31.97 -23.35
C THR C 310 1.88 30.94 -24.17
N LEU C 311 2.46 29.77 -24.43
CA LEU C 311 1.82 28.79 -25.29
C LEU C 311 1.52 27.47 -24.57
N LYS C 312 1.37 27.50 -23.25
CA LYS C 312 1.06 26.27 -22.52
C LYS C 312 -0.36 25.80 -22.76
N ASP C 313 -1.15 26.52 -23.56
CA ASP C 313 -2.46 26.06 -24.00
C ASP C 313 -2.40 25.31 -25.32
N LYS C 314 -1.43 25.63 -26.17
CA LYS C 314 -1.20 24.92 -27.43
C LYS C 314 -0.34 23.68 -27.25
N ILE C 315 -0.11 23.29 -25.99
CA ILE C 315 0.65 22.10 -25.60
C ILE C 315 -0.24 21.31 -24.66
N LEU C 316 0.05 20.02 -24.54
CA LEU C 316 -0.69 19.18 -23.58
C LEU C 316 -0.11 19.38 -22.18
N ILE C 317 1.10 18.88 -21.95
CA ILE C 317 1.82 19.06 -20.69
C ILE C 317 3.30 19.27 -21.01
N ASN C 318 4.02 19.83 -20.03
CA ASN C 318 5.44 20.11 -20.18
C ASN C 318 6.22 19.36 -19.10
N LYS C 319 6.69 18.17 -19.44
CA LYS C 319 7.57 17.40 -18.56
C LYS C 319 9.04 17.77 -18.81
N ALA C 320 9.32 19.07 -18.82
CA ALA C 320 10.65 19.59 -19.09
C ALA C 320 11.30 20.07 -17.80
N ILE C 321 12.62 19.91 -17.75
CA ILE C 321 13.41 20.24 -16.56
C ILE C 321 13.81 21.71 -16.60
N ILE C 322 13.77 22.35 -15.44
CA ILE C 322 14.26 23.71 -15.28
C ILE C 322 15.70 23.64 -14.78
N VAL C 323 16.64 24.00 -15.65
CA VAL C 323 18.07 23.92 -15.36
C VAL C 323 18.59 25.31 -15.05
N ASP C 324 19.39 25.43 -13.99
CA ASP C 324 20.02 26.68 -13.64
C ASP C 324 21.36 26.78 -14.36
N ASP C 325 21.53 27.81 -15.19
CA ASP C 325 22.74 28.00 -15.97
C ASP C 325 23.05 26.78 -16.82
N ASN C 340 36.89 2.35 -12.79
CA ASN C 340 37.78 3.39 -13.30
C ASN C 340 38.57 4.01 -12.15
N ILE C 341 38.43 3.43 -10.96
CA ILE C 341 39.11 3.96 -9.79
C ILE C 341 40.60 3.67 -9.82
N LYS C 342 41.00 2.52 -10.36
CA LYS C 342 42.41 2.17 -10.44
C LYS C 342 43.18 3.18 -11.28
N GLU C 343 42.53 3.76 -12.30
CA GLU C 343 43.17 4.82 -13.09
C GLU C 343 43.19 6.14 -12.35
N LEU C 344 42.13 6.45 -11.61
CA LEU C 344 42.03 7.75 -10.96
C LEU C 344 42.91 7.84 -9.71
N LEU C 345 43.18 6.71 -9.06
CA LEU C 345 44.04 6.73 -7.87
C LEU C 345 45.45 7.16 -8.23
N VAL C 346 45.99 6.63 -9.33
CA VAL C 346 47.32 7.03 -9.79
C VAL C 346 47.32 8.50 -10.20
N ASP C 347 46.26 8.93 -10.89
CA ASP C 347 46.13 10.33 -11.27
C ASP C 347 46.15 11.24 -10.04
N TYR C 348 45.55 10.79 -8.94
CA TYR C 348 45.56 11.59 -7.72
C TYR C 348 46.94 11.62 -7.08
N ALA C 349 47.62 10.48 -7.01
CA ALA C 349 48.92 10.42 -6.36
C ALA C 349 49.94 11.31 -7.04
N ASN C 350 49.98 11.28 -8.37
CA ASN C 350 50.93 12.14 -9.09
C ASN C 350 50.59 13.62 -8.90
N ARG C 351 49.32 13.96 -8.75
CA ARG C 351 48.95 15.35 -8.52
C ARG C 351 49.43 15.83 -7.16
N GLN C 352 49.46 14.94 -6.17
CA GLN C 352 50.06 15.26 -4.87
C GLN C 352 51.57 15.15 -4.89
N GLY C 353 52.16 14.56 -5.92
CA GLY C 353 53.58 14.40 -6.01
C GLY C 353 54.12 13.06 -5.57
N ILE C 354 53.37 11.98 -5.77
CA ILE C 354 53.74 10.66 -5.28
C ILE C 354 53.57 9.64 -6.41
N ASP C 355 54.51 8.71 -6.50
CA ASP C 355 54.49 7.63 -7.50
C ASP C 355 53.19 6.84 -7.46
N GLY C 356 52.32 7.05 -8.45
CA GLY C 356 51.04 6.36 -8.45
C GLY C 356 51.13 4.87 -8.65
N ASP C 357 52.01 4.41 -9.55
CA ASP C 357 52.19 2.98 -9.74
C ASP C 357 52.59 2.28 -8.44
N LEU C 358 53.33 2.98 -7.58
CA LEU C 358 53.63 2.44 -6.25
C LEU C 358 52.37 2.38 -5.40
N VAL C 359 51.59 3.46 -5.38
CA VAL C 359 50.37 3.49 -4.60
C VAL C 359 49.43 2.36 -5.00
N LEU C 360 49.31 2.11 -6.31
CA LEU C 360 48.39 1.07 -6.79
C LEU C 360 48.89 -0.33 -6.46
N SER C 361 50.16 -0.62 -6.79
CA SER C 361 50.68 -1.95 -6.52
C SER C 361 50.72 -2.26 -5.03
N LEU C 362 50.93 -1.24 -4.20
CA LEU C 362 50.82 -1.42 -2.76
C LEU C 362 49.36 -1.61 -2.35
N TYR C 363 48.46 -0.82 -2.95
CA TYR C 363 47.02 -0.96 -2.71
C TYR C 363 46.55 -2.39 -2.93
N LYS C 364 47.14 -3.08 -3.91
CA LYS C 364 46.81 -4.49 -4.11
C LYS C 364 47.54 -5.40 -3.13
N ALA C 365 48.75 -5.04 -2.72
CA ALA C 365 49.56 -5.96 -1.91
C ALA C 365 48.93 -6.21 -0.55
N LEU C 366 48.38 -5.19 0.09
CA LEU C 366 47.80 -5.40 1.42
C LEU C 366 46.33 -5.81 1.37
N LEU C 367 45.56 -5.33 0.39
CA LEU C 367 44.16 -5.74 0.31
C LEU C 367 44.04 -7.20 -0.11
N ASN C 368 44.91 -7.67 -0.98
CA ASN C 368 45.01 -9.09 -1.28
C ASN C 368 45.87 -9.83 -0.26
N ASN C 369 46.29 -9.13 0.80
CA ASN C 369 47.05 -9.73 1.90
C ASN C 369 48.29 -10.44 1.39
N GLU C 370 48.99 -9.81 0.44
CA GLU C 370 50.26 -10.30 -0.04
C GLU C 370 51.39 -9.71 0.77
N ASN C 371 52.62 -10.12 0.44
CA ASN C 371 53.80 -9.70 1.19
C ASN C 371 54.20 -8.29 0.78
N TRP C 372 53.67 -7.30 1.52
CA TRP C 372 54.16 -5.94 1.34
C TRP C 372 55.59 -5.80 1.84
N LYS C 373 56.02 -6.69 2.74
CA LYS C 373 57.41 -6.68 3.19
C LYS C 373 58.36 -6.95 2.03
N GLU C 374 58.06 -7.99 1.24
CA GLU C 374 58.89 -8.33 0.09
C GLU C 374 58.87 -7.24 -0.98
N LEU C 375 57.80 -6.44 -1.04
CA LEU C 375 57.67 -5.43 -2.09
C LEU C 375 58.22 -4.07 -1.68
N LEU C 376 58.11 -3.69 -0.41
CA LEU C 376 58.59 -2.38 0.02
C LEU C 376 60.11 -2.33 0.07
N ASP C 377 60.75 -3.41 0.50
CA ASP C 377 62.21 -3.43 0.61
C ASP C 377 62.87 -3.18 -0.74
N GLU C 378 62.21 -3.54 -1.84
CA GLU C 378 62.81 -3.35 -3.17
C GLU C 378 62.81 -1.88 -3.56
N TYR C 379 61.76 -1.14 -3.21
CA TYR C 379 61.58 0.22 -3.70
C TYR C 379 62.65 1.15 -3.14
N TYR C 380 62.98 1.02 -1.85
CA TYR C 380 63.96 1.89 -1.21
C TYR C 380 65.35 1.76 -1.84
N ASN C 381 65.70 0.57 -2.32
CA ASN C 381 67.04 0.36 -2.87
C ASN C 381 67.19 0.95 -4.26
N THR C 382 66.34 0.54 -5.20
CA THR C 382 66.57 0.87 -6.60
C THR C 382 66.06 2.26 -6.96
N LYS C 383 64.74 2.46 -6.86
CA LYS C 383 64.10 3.64 -7.44
C LYS C 383 63.68 4.67 -6.41
N PHE C 384 64.60 5.12 -5.57
CA PHE C 384 64.31 6.18 -4.61
C PHE C 384 65.32 7.32 -4.79
N ARG C 385 65.02 8.45 -4.17
CA ARG C 385 65.85 9.64 -4.28
C ARG C 385 66.25 10.18 -2.91
N MET D 1 31.85 -5.46 -2.79
CA MET D 1 30.69 -6.26 -2.43
C MET D 1 30.08 -6.97 -3.64
N SER D 2 30.67 -8.11 -4.01
CA SER D 2 30.08 -8.98 -5.02
C SER D 2 29.26 -10.05 -4.30
N MET D 3 28.15 -9.59 -3.71
CA MET D 3 27.36 -10.36 -2.78
C MET D 3 26.16 -11.01 -3.45
N ILE D 4 25.92 -12.29 -3.13
CA ILE D 4 24.80 -13.04 -3.69
C ILE D 4 24.44 -14.19 -2.76
N LEU D 5 23.15 -14.34 -2.46
CA LEU D 5 22.67 -15.43 -1.62
C LEU D 5 22.22 -16.61 -2.49
N LYS D 6 22.29 -17.81 -1.92
CA LYS D 6 21.93 -19.03 -2.64
C LYS D 6 20.68 -19.68 -2.04
N GLU D 7 20.78 -20.23 -0.83
CA GLU D 7 19.63 -20.86 -0.19
C GLU D 7 19.80 -20.78 1.32
N ILE D 8 18.70 -21.03 2.03
CA ILE D 8 18.70 -21.02 3.49
C ILE D 8 17.73 -22.11 3.97
N ARG D 9 18.10 -22.76 5.07
CA ARG D 9 17.25 -23.71 5.76
C ARG D 9 17.10 -23.26 7.21
N MET D 10 15.93 -23.49 7.78
CA MET D 10 15.65 -22.97 9.13
C MET D 10 14.70 -23.91 9.86
N ASN D 11 15.02 -24.20 11.12
CA ASN D 11 14.21 -25.08 11.96
C ASN D 11 13.78 -24.33 13.22
N ASN D 12 12.46 -24.30 13.45
CA ASN D 12 11.87 -23.72 14.65
C ASN D 12 12.22 -22.24 14.82
N PHE D 13 12.47 -21.55 13.71
CA PHE D 13 12.82 -20.14 13.74
C PHE D 13 11.55 -19.30 13.64
N LYS D 14 11.13 -18.73 14.77
CA LYS D 14 9.90 -17.95 14.84
C LYS D 14 8.71 -18.77 14.34
N SER D 15 8.13 -18.37 13.20
CA SER D 15 6.97 -19.07 12.67
C SER D 15 7.35 -20.24 11.76
N HIS D 16 8.59 -20.29 11.28
CA HIS D 16 9.02 -21.33 10.35
C HIS D 16 9.55 -22.51 11.15
N VAL D 17 8.71 -23.52 11.37
CA VAL D 17 9.16 -24.73 12.05
C VAL D 17 10.19 -25.46 11.19
N ASN D 18 9.97 -25.49 9.88
CA ASN D 18 10.92 -26.08 8.95
C ASN D 18 10.63 -25.56 7.55
N SER D 19 11.67 -25.05 6.88
CA SER D 19 11.50 -24.47 5.56
C SER D 19 12.86 -24.36 4.88
N ARG D 20 12.96 -24.85 3.64
CA ARG D 20 14.12 -24.63 2.79
C ARG D 20 13.68 -23.80 1.60
N ILE D 21 14.35 -22.67 1.38
CA ILE D 21 13.96 -21.71 0.36
C ILE D 21 15.14 -21.49 -0.57
N LYS D 22 14.89 -21.60 -1.87
CA LYS D 22 15.91 -21.38 -2.89
C LYS D 22 15.81 -19.96 -3.42
N PHE D 23 16.97 -19.32 -3.58
CA PHE D 23 17.05 -17.98 -4.14
C PHE D 23 17.57 -18.05 -5.56
N GLU D 24 17.21 -17.05 -6.36
CA GLU D 24 17.62 -16.98 -7.75
C GLU D 24 18.14 -15.59 -8.07
N LYS D 25 18.93 -15.51 -9.14
CA LYS D 25 19.45 -14.23 -9.60
C LYS D 25 18.34 -13.50 -10.36
N GLY D 26 18.04 -12.28 -9.92
CA GLY D 26 17.00 -11.47 -10.52
C GLY D 26 16.09 -10.89 -9.45
N ILE D 27 14.91 -10.46 -9.88
CA ILE D 27 13.93 -9.86 -8.97
C ILE D 27 13.14 -10.96 -8.28
N VAL D 28 13.59 -11.37 -7.09
CA VAL D 28 12.91 -12.40 -6.32
C VAL D 28 11.87 -11.71 -5.44
N ALA D 29 10.61 -12.15 -5.56
CA ALA D 29 9.50 -11.52 -4.87
C ALA D 29 8.90 -12.52 -3.89
N ILE D 30 8.84 -12.13 -2.62
CA ILE D 30 8.24 -12.95 -1.56
C ILE D 30 6.89 -12.34 -1.23
N ILE D 31 5.82 -13.12 -1.44
CA ILE D 31 4.45 -12.63 -1.27
C ILE D 31 3.75 -13.50 -0.24
N GLY D 32 2.88 -12.87 0.54
CA GLY D 32 2.06 -13.59 1.50
C GLY D 32 1.16 -12.62 2.21
N GLU D 33 0.30 -13.16 3.07
CA GLU D 33 -0.54 -12.32 3.91
C GLU D 33 0.30 -11.72 5.03
N ASN D 34 -0.36 -10.94 5.88
CA ASN D 34 0.34 -10.30 6.98
C ASN D 34 0.60 -11.32 8.08
N GLY D 35 1.85 -11.39 8.56
CA GLY D 35 2.16 -12.35 9.60
C GLY D 35 2.34 -13.74 9.06
N SER D 36 2.52 -13.88 7.76
CA SER D 36 2.64 -15.17 7.09
C SER D 36 4.08 -15.67 7.01
N GLY D 37 5.04 -15.02 7.66
CA GLY D 37 6.42 -15.49 7.58
C GLY D 37 7.29 -14.80 6.57
N LYS D 38 6.86 -13.69 5.99
CA LYS D 38 7.67 -12.99 5.00
C LYS D 38 8.90 -12.33 5.62
N SER D 39 8.70 -11.37 6.53
CA SER D 39 9.84 -10.71 7.17
C SER D 39 10.66 -11.70 7.99
N SER D 40 10.00 -12.74 8.52
CA SER D 40 10.68 -13.72 9.36
C SER D 40 11.80 -14.44 8.63
N ILE D 41 11.76 -14.50 7.30
CA ILE D 41 12.81 -15.19 6.56
C ILE D 41 14.12 -14.41 6.63
N PHE D 42 14.04 -13.08 6.55
CA PHE D 42 15.24 -12.25 6.56
C PHE D 42 15.81 -12.06 7.95
N GLU D 43 14.98 -12.15 8.99
CA GLU D 43 15.51 -12.23 10.34
C GLU D 43 16.36 -13.48 10.53
N ALA D 44 16.08 -14.53 9.76
CA ALA D 44 16.87 -15.74 9.86
C ALA D 44 18.22 -15.58 9.17
N VAL D 45 18.24 -14.93 8.00
CA VAL D 45 19.49 -14.69 7.30
C VAL D 45 20.41 -13.83 8.15
N PHE D 46 19.85 -12.77 8.73
CA PHE D 46 20.61 -11.91 9.63
C PHE D 46 21.11 -12.67 10.84
N PHE D 47 20.35 -13.64 11.34
CA PHE D 47 20.81 -14.47 12.44
C PHE D 47 21.99 -15.34 12.04
N ALA D 48 22.03 -15.81 10.80
CA ALA D 48 23.14 -16.66 10.37
C ALA D 48 24.44 -15.86 10.30
N LEU D 49 24.40 -14.66 9.72
CA LEU D 49 25.61 -13.86 9.60
C LEU D 49 26.10 -13.38 10.96
N PHE D 50 25.18 -12.90 11.80
CA PHE D 50 25.53 -12.35 13.10
C PHE D 50 24.71 -13.07 14.15
N GLY D 51 25.38 -13.58 15.17
CA GLY D 51 24.71 -14.34 16.21
C GLY D 51 23.65 -13.53 16.93
N ALA D 52 22.92 -14.23 17.79
CA ALA D 52 21.89 -13.59 18.60
C ALA D 52 22.51 -12.55 19.51
N GLY D 53 21.95 -11.34 19.50
CA GLY D 53 22.30 -10.31 20.45
C GLY D 53 21.26 -10.21 21.55
N SER D 54 21.47 -9.23 22.44
CA SER D 54 20.42 -8.90 23.39
C SER D 54 19.18 -8.38 22.66
N ASN D 55 19.40 -7.65 21.55
CA ASN D 55 18.30 -7.24 20.68
C ASN D 55 17.74 -8.41 19.89
N PHE D 56 18.52 -9.47 19.69
CA PHE D 56 18.10 -10.67 18.97
C PHE D 56 17.90 -11.80 19.96
N ASN D 57 16.85 -11.68 20.78
CA ASN D 57 16.62 -12.63 21.86
C ASN D 57 16.28 -14.01 21.32
N TYR D 58 16.80 -15.05 21.98
CA TYR D 58 16.45 -16.42 21.58
C TYR D 58 14.99 -16.71 21.84
N ASP D 59 14.49 -16.36 23.03
CA ASP D 59 13.06 -16.50 23.31
C ASP D 59 12.22 -15.72 22.31
N THR D 60 12.79 -14.68 21.68
CA THR D 60 12.09 -13.97 20.63
C THR D 60 12.10 -14.75 19.32
N ILE D 61 13.21 -15.44 19.02
CA ILE D 61 13.35 -16.15 17.74
C ILE D 61 13.05 -17.64 17.85
N ILE D 62 12.94 -18.19 19.06
CA ILE D 62 12.52 -19.57 19.21
C ILE D 62 11.03 -19.67 18.91
N THR D 63 10.62 -20.76 18.28
CA THR D 63 9.19 -21.02 18.14
C THR D 63 8.59 -21.24 19.51
N LYS D 64 7.54 -20.48 19.84
CA LYS D 64 7.06 -20.39 21.22
C LYS D 64 6.81 -21.74 21.88
N GLY D 65 6.59 -22.80 21.10
CA GLY D 65 6.43 -24.11 21.67
C GLY D 65 7.73 -24.88 21.83
N LYS D 66 8.68 -24.64 20.92
CA LYS D 66 9.92 -25.39 20.86
C LYS D 66 10.96 -24.81 21.82
N LYS D 67 12.15 -25.41 21.83
CA LYS D 67 13.23 -25.01 22.72
C LYS D 67 14.59 -24.96 22.02
N SER D 68 14.62 -25.06 20.69
CA SER D 68 15.88 -25.02 19.93
C SER D 68 15.65 -24.32 18.61
N VAL D 69 16.76 -23.93 17.97
CA VAL D 69 16.73 -23.22 16.70
C VAL D 69 17.95 -23.63 15.88
N TYR D 70 17.73 -23.91 14.60
CA TYR D 70 18.79 -24.29 13.68
C TYR D 70 18.58 -23.59 12.34
N VAL D 71 19.68 -23.12 11.74
CA VAL D 71 19.62 -22.44 10.46
C VAL D 71 20.96 -22.52 9.75
N GLU D 72 20.95 -22.95 8.49
CA GLU D 72 22.15 -22.95 7.66
C GLU D 72 21.91 -22.10 6.42
N LEU D 73 22.95 -21.42 5.97
CA LEU D 73 22.85 -20.43 4.89
C LEU D 73 23.96 -20.64 3.88
N ASP D 74 23.58 -20.79 2.61
CA ASP D 74 24.52 -20.88 1.51
C ASP D 74 24.53 -19.55 0.75
N PHE D 75 25.72 -19.14 0.32
CA PHE D 75 25.86 -17.90 -0.41
C PHE D 75 27.24 -17.84 -1.04
N GLU D 76 27.39 -16.93 -2.00
CA GLU D 76 28.66 -16.65 -2.66
C GLU D 76 29.05 -15.20 -2.44
N VAL D 77 30.35 -14.94 -2.51
CA VAL D 77 30.88 -13.58 -2.48
C VAL D 77 32.28 -13.59 -3.07
N ASN D 78 32.49 -12.82 -4.14
CA ASN D 78 33.77 -12.74 -4.84
C ASN D 78 34.21 -14.10 -5.37
N GLY D 79 33.26 -14.99 -5.62
CA GLY D 79 33.52 -16.25 -6.28
C GLY D 79 33.57 -17.47 -5.37
N ASN D 80 33.62 -17.29 -4.06
CA ASN D 80 33.76 -18.41 -3.13
C ASN D 80 32.40 -18.82 -2.57
N ASN D 81 32.25 -20.11 -2.32
CA ASN D 81 31.02 -20.68 -1.79
C ASN D 81 31.15 -20.85 -0.28
N TYR D 82 30.24 -20.24 0.48
CA TYR D 82 30.28 -20.30 1.93
C TYR D 82 29.02 -20.95 2.47
N LYS D 83 29.13 -21.45 3.70
CA LYS D 83 28.02 -22.16 4.35
C LYS D 83 28.09 -21.87 5.84
N ILE D 84 27.12 -21.11 6.35
CA ILE D 84 27.06 -20.77 7.77
C ILE D 84 25.99 -21.64 8.42
N ILE D 85 26.30 -22.17 9.61
CA ILE D 85 25.41 -23.05 10.35
C ILE D 85 25.38 -22.58 11.80
N ARG D 86 24.18 -22.31 12.32
CA ARG D 86 24.02 -21.86 13.70
C ARG D 86 22.91 -22.65 14.39
N GLU D 87 23.13 -22.96 15.66
CA GLU D 87 22.19 -23.77 16.43
C GLU D 87 22.23 -23.38 17.90
N TYR D 88 21.17 -23.76 18.62
CA TYR D 88 21.06 -23.51 20.06
C TYR D 88 20.22 -24.65 20.63
N ASP D 89 20.87 -25.59 21.31
CA ASP D 89 20.24 -26.87 21.63
C ASP D 89 19.30 -26.74 22.83
N SER D 90 19.86 -26.66 24.04
CA SER D 90 19.05 -26.55 25.25
C SER D 90 19.61 -25.55 26.26
N GLY D 91 20.35 -24.54 25.80
CA GLY D 91 21.04 -23.63 26.69
C GLY D 91 22.39 -23.25 26.15
N ARG D 92 22.97 -24.13 25.32
CA ARG D 92 24.26 -23.91 24.70
C ARG D 92 24.08 -23.71 23.20
N GLY D 93 24.95 -22.89 22.63
CA GLY D 93 24.91 -22.61 21.21
C GLY D 93 26.26 -22.87 20.56
N GLY D 94 26.19 -23.25 19.27
CA GLY D 94 27.38 -23.49 18.49
C GLY D 94 27.16 -22.99 17.07
N ALA D 95 28.28 -22.88 16.34
CA ALA D 95 28.22 -22.37 14.98
C ALA D 95 29.35 -22.96 14.15
N LYS D 96 29.05 -23.26 12.89
CA LYS D 96 30.05 -23.75 11.94
C LYS D 96 29.95 -22.94 10.66
N LEU D 97 31.10 -22.64 10.07
CA LEU D 97 31.18 -21.88 8.83
C LEU D 97 32.11 -22.60 7.87
N TYR D 98 31.54 -23.13 6.79
CA TYR D 98 32.29 -23.84 5.77
C TYR D 98 32.60 -22.92 4.60
N LYS D 99 33.76 -23.14 3.99
CA LYS D 99 34.18 -22.41 2.80
C LYS D 99 34.56 -23.43 1.74
N ASN D 100 33.73 -23.59 0.72
CA ASN D 100 33.94 -24.56 -0.35
C ASN D 100 34.14 -25.96 0.23
N GLY D 101 33.12 -26.45 0.92
CA GLY D 101 33.15 -27.80 1.44
C GLY D 101 33.78 -27.92 2.81
N LYS D 102 35.06 -27.56 2.93
CA LYS D 102 35.77 -27.75 4.18
C LYS D 102 35.51 -26.58 5.14
N PRO D 103 35.51 -26.85 6.45
CA PRO D 103 35.14 -25.79 7.41
C PRO D 103 36.23 -24.74 7.57
N TYR D 104 35.80 -23.55 7.96
CA TYR D 104 36.70 -22.42 8.20
C TYR D 104 36.67 -21.94 9.64
N ALA D 105 35.49 -21.85 10.26
CA ALA D 105 35.35 -21.45 11.64
C ALA D 105 34.43 -22.42 12.36
N THR D 106 34.70 -22.64 13.65
CA THR D 106 33.98 -23.64 14.42
C THR D 106 33.33 -23.10 15.69
N THR D 107 33.60 -21.86 16.08
CA THR D 107 32.96 -21.25 17.24
C THR D 107 32.07 -20.11 16.79
N ILE D 108 31.14 -19.72 17.68
CA ILE D 108 30.20 -18.66 17.36
C ILE D 108 30.95 -17.35 17.11
N SER D 109 31.81 -16.97 18.05
CA SER D 109 32.59 -15.74 17.89
C SER D 109 33.54 -15.84 16.69
N ALA D 110 34.06 -17.03 16.40
CA ALA D 110 34.93 -17.20 15.24
C ALA D 110 34.15 -16.96 13.95
N VAL D 111 32.90 -17.41 13.89
CA VAL D 111 32.08 -17.17 12.71
C VAL D 111 31.77 -15.69 12.57
N ASN D 112 31.31 -15.06 13.66
CA ASN D 112 31.07 -13.62 13.64
C ASN D 112 32.32 -12.86 13.21
N LYS D 113 33.49 -13.25 13.73
CA LYS D 113 34.74 -12.61 13.34
C LYS D 113 35.03 -12.85 11.86
N ALA D 114 34.69 -14.03 11.35
CA ALA D 114 34.96 -14.34 9.95
C ALA D 114 34.01 -13.60 9.02
N VAL D 115 32.75 -13.42 9.44
CA VAL D 115 31.75 -12.79 8.56
C VAL D 115 32.12 -11.34 8.28
N ASN D 116 32.51 -10.60 9.32
CA ASN D 116 32.70 -9.16 9.20
C ASN D 116 33.86 -8.79 8.28
N GLU D 117 34.83 -9.69 8.08
CA GLU D 117 35.93 -9.39 7.17
C GLU D 117 35.69 -9.88 5.75
N ILE D 118 34.92 -10.96 5.58
CA ILE D 118 34.55 -11.38 4.24
C ILE D 118 33.56 -10.41 3.63
N LEU D 119 32.63 -9.89 4.42
CA LEU D 119 31.70 -8.89 3.94
C LEU D 119 32.31 -7.50 3.92
N GLY D 120 33.27 -7.22 4.80
CA GLY D 120 33.68 -5.85 5.03
C GLY D 120 32.62 -4.99 5.66
N VAL D 121 31.55 -5.58 6.19
CA VAL D 121 30.42 -4.88 6.77
C VAL D 121 30.08 -5.53 8.11
N ASP D 122 29.78 -4.72 9.12
CA ASP D 122 29.49 -5.21 10.45
C ASP D 122 27.99 -5.49 10.58
N ARG D 123 27.53 -5.67 11.81
CA ARG D 123 26.12 -5.93 12.06
C ARG D 123 25.26 -4.70 11.80
N ASN D 124 25.67 -3.55 12.34
CA ASN D 124 24.82 -2.36 12.29
C ASN D 124 24.81 -1.74 10.89
N MET D 125 25.96 -1.66 10.23
CA MET D 125 26.00 -1.09 8.89
C MET D 125 25.47 -2.05 7.82
N PHE D 126 25.25 -3.32 8.17
CA PHE D 126 24.57 -4.24 7.27
C PHE D 126 23.09 -3.92 7.09
N LEU D 127 22.47 -3.29 8.09
CA LEU D 127 21.06 -2.92 7.99
C LEU D 127 20.83 -1.63 7.22
N ASN D 128 21.87 -0.83 7.01
CA ASN D 128 21.75 0.41 6.24
C ASN D 128 22.14 0.23 4.77
N SER D 129 22.59 -0.96 4.38
CA SER D 129 23.10 -1.18 3.03
C SER D 129 22.36 -2.30 2.31
N ILE D 130 22.39 -3.53 2.84
CA ILE D 130 21.88 -4.70 2.14
C ILE D 130 20.46 -5.04 2.56
N TYR D 131 20.21 -5.11 3.86
CA TYR D 131 18.91 -5.51 4.41
C TYR D 131 18.21 -4.25 4.92
N ILE D 132 17.24 -3.77 4.15
CA ILE D 132 16.45 -2.60 4.50
C ILE D 132 15.09 -3.08 5.01
N LYS D 133 14.77 -2.73 6.26
CA LYS D 133 13.54 -3.22 6.89
C LYS D 133 12.33 -2.38 6.49
N GLN D 134 11.25 -2.47 7.26
CA GLN D 134 10.00 -1.80 6.93
C GLN D 134 10.04 -0.35 7.39
N GLY D 135 9.69 0.57 6.48
CA GLY D 135 9.73 2.00 6.74
C GLY D 135 11.12 2.60 6.85
N GLU D 136 12.13 1.78 7.14
CA GLU D 136 13.52 2.20 7.21
C GLU D 136 14.16 2.33 5.84
N ILE D 137 13.36 2.52 4.79
CA ILE D 137 13.91 2.81 3.47
C ILE D 137 14.56 4.19 3.47
N ALA D 138 13.94 5.15 4.16
CA ALA D 138 14.49 6.50 4.28
C ALA D 138 15.43 6.65 5.47
N LYS D 139 15.61 5.60 6.27
CA LYS D 139 16.53 5.68 7.41
C LYS D 139 17.95 5.99 6.95
N PHE D 140 18.36 5.44 5.80
CA PHE D 140 19.66 5.74 5.26
C PHE D 140 19.80 7.23 4.90
N LEU D 141 18.69 7.88 4.56
CA LEU D 141 18.73 9.30 4.23
C LEU D 141 18.89 10.17 5.47
N SER D 142 18.18 9.86 6.54
CA SER D 142 18.11 10.71 7.72
C SER D 142 19.21 10.39 8.74
N LEU D 143 20.21 9.60 8.37
CA LEU D 143 21.25 9.24 9.33
C LEU D 143 22.03 10.47 9.77
N LYS D 144 22.72 10.34 10.90
CA LYS D 144 23.54 11.41 11.43
C LYS D 144 24.58 11.82 10.38
N PRO D 145 24.97 13.10 10.36
CA PRO D 145 25.95 13.56 9.35
C PRO D 145 27.21 12.72 9.31
N SER D 146 27.76 12.37 10.48
CA SER D 146 28.92 11.47 10.50
C SER D 146 28.52 10.07 10.07
N GLU D 147 27.40 9.56 10.59
CA GLU D 147 26.93 8.23 10.21
C GLU D 147 26.50 8.16 8.76
N LYS D 148 26.02 9.28 8.20
CA LYS D 148 25.57 9.29 6.82
C LYS D 148 26.74 9.04 5.86
N LEU D 149 27.82 9.83 6.02
CA LEU D 149 29.00 9.61 5.19
C LEU D 149 29.75 8.34 5.58
N GLU D 150 29.50 7.82 6.79
CA GLU D 150 30.12 6.56 7.20
C GLU D 150 29.51 5.38 6.44
N THR D 151 28.17 5.33 6.37
CA THR D 151 27.51 4.28 5.61
C THR D 151 27.60 4.51 4.10
N VAL D 152 27.82 5.76 3.68
CA VAL D 152 28.02 6.04 2.25
C VAL D 152 29.35 5.47 1.79
N ALA D 153 30.38 5.50 2.66
CA ALA D 153 31.68 4.95 2.29
C ALA D 153 31.59 3.47 1.96
N LYS D 154 30.81 2.71 2.74
CA LYS D 154 30.60 1.31 2.42
C LYS D 154 29.74 1.16 1.16
N LEU D 155 28.75 2.05 0.97
CA LEU D 155 27.86 1.96 -0.18
C LEU D 155 28.59 2.26 -1.48
N LEU D 156 29.59 3.14 -1.43
CA LEU D 156 30.40 3.47 -2.59
C LEU D 156 31.67 2.64 -2.70
N GLY D 157 32.06 1.89 -1.69
CA GLY D 157 33.26 1.12 -1.95
C GLY D 157 34.52 1.80 -1.52
N ILE D 158 34.40 2.99 -0.96
CA ILE D 158 35.58 3.72 -0.54
C ILE D 158 36.13 3.14 0.76
N ASP D 159 35.32 2.41 1.51
CA ASP D 159 35.74 1.97 2.85
C ASP D 159 36.94 1.04 2.81
N GLU D 160 37.21 0.41 1.67
CA GLU D 160 38.36 -0.47 1.56
C GLU D 160 39.68 0.29 1.57
N PHE D 161 39.66 1.58 1.22
CA PHE D 161 40.87 2.39 1.34
C PHE D 161 41.20 2.69 2.79
N GLU D 162 40.20 2.76 3.66
CA GLU D 162 40.46 2.93 5.09
C GLU D 162 41.15 1.70 5.67
N LYS D 163 40.90 0.52 5.07
CA LYS D 163 41.61 -0.68 5.51
C LYS D 163 43.09 -0.60 5.20
N CYS D 164 43.46 0.08 4.11
CA CYS D 164 44.88 0.31 3.83
C CYS D 164 45.46 1.37 4.77
N TYR D 165 44.71 2.46 4.98
CA TYR D 165 45.17 3.54 5.83
C TYR D 165 45.45 3.07 7.26
N GLN D 166 44.65 2.13 7.78
CA GLN D 166 44.95 1.57 9.10
C GLN D 166 46.06 0.54 9.03
N LYS D 167 46.15 -0.23 7.95
CA LYS D 167 47.26 -1.17 7.80
C LYS D 167 48.55 -0.46 7.42
N MET D 168 48.45 0.80 6.97
CA MET D 168 49.65 1.59 6.73
C MET D 168 50.28 2.04 8.05
N GLY D 169 49.45 2.39 9.04
CA GLY D 169 49.97 2.69 10.36
C GLY D 169 50.76 1.54 10.94
N GLU D 170 50.38 0.31 10.60
CA GLU D 170 51.20 -0.84 10.94
C GLU D 170 52.49 -0.85 10.11
N ILE D 171 52.40 -0.50 8.83
CA ILE D 171 53.56 -0.51 7.95
C ILE D 171 54.48 0.67 8.24
N VAL D 172 53.93 1.87 8.41
CA VAL D 172 54.76 3.05 8.68
C VAL D 172 55.52 2.88 9.98
N LYS D 173 54.86 2.38 11.02
CA LYS D 173 55.50 2.22 12.32
C LYS D 173 56.64 1.21 12.26
N GLU D 174 56.47 0.12 11.50
CA GLU D 174 57.49 -0.92 11.48
C GLU D 174 58.75 -0.46 10.75
N TYR D 175 58.60 0.35 9.69
CA TYR D 175 59.77 0.93 9.05
C TYR D 175 60.39 2.04 9.89
N GLU D 176 59.63 2.59 10.85
CA GLU D 176 60.19 3.59 11.75
C GLU D 176 61.15 2.96 12.75
N LYS D 177 60.88 1.72 13.19
CA LYS D 177 61.78 1.04 14.11
C LYS D 177 63.07 0.60 13.43
N ARG D 178 63.02 0.30 12.13
CA ARG D 178 64.25 0.12 11.37
C ARG D 178 65.05 1.42 11.27
N LEU D 179 64.38 2.56 11.47
CA LEU D 179 65.06 3.84 11.59
C LEU D 179 65.47 4.13 13.03
N GLU D 180 64.65 3.70 14.00
CA GLU D 180 65.05 3.80 15.40
C GLU D 180 66.30 2.99 15.68
N ARG D 181 66.54 1.94 14.89
CA ARG D 181 67.75 1.15 15.04
C ARG D 181 69.01 1.95 14.70
N ILE D 182 68.87 3.03 13.94
CA ILE D 182 69.95 3.97 13.70
C ILE D 182 69.79 5.24 14.54
N GLU D 183 68.56 5.72 14.68
CA GLU D 183 68.31 6.95 15.42
C GLU D 183 68.53 6.78 16.91
N GLY D 184 68.05 5.67 17.48
CA GLY D 184 68.20 5.42 18.89
C GLY D 184 69.62 5.10 19.32
N GLU D 185 70.56 5.21 18.38
CA GLU D 185 71.96 4.94 18.64
C GLU D 185 72.91 6.03 18.15
N LEU D 186 72.47 6.94 17.28
CA LEU D 186 73.34 7.96 16.70
C LEU D 186 73.58 9.14 17.64
N ASN D 187 73.75 8.88 18.92
CA ASN D 187 74.08 9.90 19.91
C ASN D 187 74.77 9.23 21.08
N TYR D 188 74.73 9.89 22.25
CA TYR D 188 75.30 9.43 23.53
C TYR D 188 76.32 8.29 23.47
N ASN D 203 80.08 10.86 2.83
CA ASN D 203 80.51 9.50 2.54
C ASN D 203 79.36 8.52 2.67
N LEU D 204 79.51 7.54 3.56
CA LEU D 204 78.42 6.62 3.86
C LEU D 204 77.40 7.21 4.82
N GLU D 205 77.61 8.44 5.29
CA GLU D 205 76.57 9.15 6.01
C GLU D 205 75.40 9.50 5.12
N LYS D 206 75.62 9.58 3.80
CA LYS D 206 74.53 9.84 2.88
C LYS D 206 73.51 8.71 2.88
N GLU D 207 73.97 7.47 3.08
CA GLU D 207 73.07 6.33 3.16
C GLU D 207 72.20 6.38 4.42
N LYS D 208 72.63 7.10 5.45
CA LYS D 208 71.75 7.32 6.60
C LYS D 208 70.54 8.16 6.20
N GLU D 209 70.74 9.14 5.32
CA GLU D 209 69.65 10.00 4.87
C GLU D 209 68.75 9.32 3.85
N LYS D 210 69.20 8.21 3.27
CA LYS D 210 68.39 7.52 2.27
C LYS D 210 67.20 6.83 2.91
N LEU D 211 67.38 6.28 4.11
CA LEU D 211 66.29 5.63 4.82
C LEU D 211 65.36 6.64 5.49
N THR D 212 65.91 7.76 5.96
CA THR D 212 65.07 8.77 6.61
C THR D 212 64.08 9.38 5.62
N LYS D 213 64.56 9.78 4.44
CA LYS D 213 63.68 10.29 3.40
C LYS D 213 62.69 9.22 2.92
N PHE D 214 63.00 7.94 3.17
CA PHE D 214 62.12 6.87 2.71
C PHE D 214 60.94 6.65 3.64
N VAL D 215 61.16 6.76 4.96
CA VAL D 215 60.06 6.62 5.90
C VAL D 215 59.13 7.82 5.81
N GLU D 216 59.69 9.01 5.60
CA GLU D 216 58.87 10.20 5.40
C GLU D 216 57.97 10.05 4.18
N TYR D 217 58.42 9.28 3.19
CA TYR D 217 57.61 9.05 2.00
C TYR D 217 56.33 8.26 2.34
N LEU D 218 56.43 7.31 3.27
CA LEU D 218 55.31 6.42 3.56
C LEU D 218 54.14 7.18 4.18
N ASP D 219 54.43 8.18 5.03
CA ASP D 219 53.36 8.92 5.70
C ASP D 219 52.51 9.67 4.68
N LYS D 220 53.15 10.38 3.75
CA LYS D 220 52.42 11.06 2.69
C LYS D 220 51.69 10.07 1.79
N VAL D 221 52.13 8.81 1.74
CA VAL D 221 51.36 7.78 1.06
C VAL D 221 50.20 7.33 1.94
N ARG D 222 50.43 7.22 3.25
CA ARG D 222 49.33 6.96 4.17
C ARG D 222 48.29 8.07 4.10
N ARG D 223 48.72 9.32 3.89
CA ARG D 223 47.78 10.42 3.76
C ARG D 223 46.96 10.32 2.47
N ILE D 224 47.50 9.65 1.45
CA ILE D 224 46.73 9.44 0.23
C ILE D 224 45.52 8.56 0.50
N PHE D 225 45.75 7.44 1.19
CA PHE D 225 44.64 6.54 1.54
C PHE D 225 43.75 7.10 2.64
N GLY D 226 44.12 8.22 3.25
CA GLY D 226 43.37 8.75 4.37
C GLY D 226 42.01 9.29 3.98
N ARG D 227 41.27 9.71 5.01
CA ARG D 227 39.91 10.22 4.81
C ARG D 227 39.93 11.49 3.94
N ASN D 228 40.66 12.51 4.40
CA ASN D 228 40.70 13.78 3.69
C ASN D 228 41.49 13.72 2.40
N GLY D 229 42.25 12.66 2.16
CA GLY D 229 43.11 12.56 0.98
C GLY D 229 42.39 12.16 -0.29
N PHE D 230 42.32 10.85 -0.55
CA PHE D 230 41.71 10.32 -1.76
C PHE D 230 40.28 9.86 -1.55
N GLN D 231 39.91 9.45 -0.33
CA GLN D 231 38.54 9.06 -0.06
C GLN D 231 37.58 10.20 -0.34
N ALA D 232 37.84 11.37 0.26
CA ALA D 232 37.02 12.54 -0.02
C ALA D 232 37.13 12.94 -1.49
N TYR D 233 38.34 12.83 -2.06
CA TYR D 233 38.54 13.21 -3.45
C TYR D 233 37.73 12.33 -4.39
N LEU D 234 37.77 11.01 -4.17
CA LEU D 234 36.99 10.10 -5.00
C LEU D 234 35.50 10.27 -4.76
N ARG D 235 35.11 10.52 -3.50
CA ARG D 235 33.70 10.76 -3.19
C ARG D 235 33.22 12.07 -3.81
N GLU D 236 34.08 13.09 -3.84
CA GLU D 236 33.71 14.36 -4.47
C GLU D 236 33.53 14.21 -5.97
N LYS D 237 34.33 13.35 -6.61
CA LYS D 237 34.18 13.08 -8.03
C LYS D 237 33.02 12.14 -8.34
N TYR D 238 32.47 11.46 -7.32
CA TYR D 238 31.36 10.54 -7.49
C TYR D 238 29.99 11.23 -7.46
N VAL D 239 29.91 12.44 -6.89
CA VAL D 239 28.61 13.07 -6.66
C VAL D 239 27.88 13.40 -7.95
N PRO D 240 28.50 14.04 -8.96
CA PRO D 240 27.73 14.34 -10.19
C PRO D 240 27.16 13.11 -10.87
N LEU D 241 27.88 11.99 -10.83
CA LEU D 241 27.37 10.77 -11.46
C LEU D 241 26.13 10.27 -10.74
N ILE D 242 26.18 10.17 -9.40
CA ILE D 242 25.01 9.75 -8.64
C ILE D 242 23.88 10.75 -8.82
N GLN D 243 24.20 12.05 -8.84
CA GLN D 243 23.17 13.06 -9.05
C GLN D 243 22.50 12.91 -10.41
N LYS D 244 23.26 12.46 -11.42
CA LYS D 244 22.67 12.22 -12.74
C LYS D 244 21.74 11.02 -12.71
N TYR D 245 22.19 9.91 -12.13
CA TYR D 245 21.33 8.72 -12.03
C TYR D 245 20.16 8.97 -11.09
N LEU D 246 20.39 9.74 -10.01
CA LEU D 246 19.29 10.08 -9.11
C LEU D 246 18.15 10.77 -9.85
N ASN D 247 18.49 11.68 -10.77
CA ASN D 247 17.46 12.34 -11.55
C ASN D 247 16.82 11.41 -12.56
N GLU D 248 17.61 10.49 -13.12
CA GLU D 248 17.06 9.55 -14.11
C GLU D 248 15.97 8.68 -13.50
N ALA D 249 16.18 8.18 -12.28
CA ALA D 249 15.19 7.33 -11.64
C ALA D 249 14.07 8.12 -10.97
N PHE D 250 14.39 9.27 -10.37
CA PHE D 250 13.36 10.07 -9.71
C PHE D 250 12.36 10.64 -10.71
N SER D 251 12.83 11.02 -11.90
CA SER D 251 11.93 11.52 -12.94
C SER D 251 10.95 10.47 -13.42
N GLU D 252 11.28 9.18 -13.27
CA GLU D 252 10.35 8.11 -13.64
C GLU D 252 9.07 8.14 -12.81
N PHE D 253 9.09 8.82 -11.66
CA PHE D 253 7.91 8.99 -10.82
C PHE D 253 7.04 10.15 -11.26
N ASP D 254 7.29 10.72 -12.44
CA ASP D 254 6.55 11.85 -13.02
C ASP D 254 6.21 12.91 -11.97
N LEU D 255 7.13 13.17 -11.05
CA LEU D 255 6.87 14.12 -9.98
C LEU D 255 7.17 15.54 -10.45
N PRO D 256 6.42 16.54 -9.94
CA PRO D 256 6.56 17.93 -10.41
C PRO D 256 7.67 18.68 -9.68
N TYR D 257 8.91 18.37 -10.03
CA TYR D 257 10.08 19.04 -9.47
C TYR D 257 11.15 19.20 -10.54
N SER D 258 11.84 20.34 -10.51
CA SER D 258 12.83 20.66 -11.53
C SER D 258 13.89 19.58 -11.60
N PHE D 259 14.77 19.52 -10.61
CA PHE D 259 15.79 18.48 -10.57
C PHE D 259 16.25 18.30 -9.14
N VAL D 260 16.77 17.12 -8.85
CA VAL D 260 17.18 16.75 -7.49
C VAL D 260 18.66 17.03 -7.33
N GLU D 261 19.01 17.94 -6.43
CA GLU D 261 20.39 18.29 -6.17
C GLU D 261 20.95 17.43 -5.04
N LEU D 262 22.15 16.89 -5.24
CA LEU D 262 22.83 16.09 -4.23
C LEU D 262 24.10 16.82 -3.81
N THR D 263 24.15 17.23 -2.54
CA THR D 263 25.34 17.87 -2.01
C THR D 263 26.47 16.84 -1.88
N LYS D 264 27.68 17.35 -1.64
CA LYS D 264 28.81 16.46 -1.41
C LYS D 264 28.71 15.76 -0.06
N ASP D 265 27.91 16.30 0.86
CA ASP D 265 27.65 15.67 2.14
C ASP D 265 26.47 14.68 2.07
N PHE D 266 26.02 14.35 0.86
CA PHE D 266 24.95 13.37 0.64
C PHE D 266 23.65 13.77 1.33
N GLU D 267 23.44 15.07 1.51
CA GLU D 267 22.13 15.59 1.87
C GLU D 267 21.41 16.00 0.60
N VAL D 268 20.14 15.64 0.49
CA VAL D 268 19.38 15.77 -0.74
C VAL D 268 18.53 17.04 -0.69
N ARG D 269 18.51 17.77 -1.81
CA ARG D 269 17.68 18.96 -1.96
C ARG D 269 16.86 18.81 -3.23
N VAL D 270 15.56 19.11 -3.13
CA VAL D 270 14.63 19.01 -4.25
C VAL D 270 14.30 20.43 -4.71
N HIS D 271 14.45 20.68 -6.01
CA HIS D 271 14.25 21.99 -6.59
C HIS D 271 12.84 22.11 -7.16
N ALA D 272 12.01 22.91 -6.50
CA ALA D 272 10.69 23.27 -7.00
C ALA D 272 10.80 24.50 -7.88
N PRO D 273 9.75 24.83 -8.64
CA PRO D 273 9.83 26.04 -9.47
C PRO D 273 9.99 27.32 -8.66
N ASN D 274 9.16 27.53 -7.64
CA ASN D 274 9.22 28.76 -6.87
C ASN D 274 9.78 28.52 -5.48
N GLY D 275 10.87 27.79 -5.40
CA GLY D 275 11.51 27.52 -4.12
C GLY D 275 12.31 26.24 -4.17
N VAL D 276 12.93 25.91 -3.03
CA VAL D 276 13.73 24.72 -2.87
C VAL D 276 13.27 24.00 -1.61
N LEU D 277 12.96 22.71 -1.74
CA LEU D 277 12.45 21.90 -0.64
C LEU D 277 13.47 20.85 -0.23
N THR D 278 13.35 20.40 1.02
CA THR D 278 14.17 19.33 1.56
C THR D 278 13.31 18.13 1.89
N ILE D 279 13.97 17.02 2.23
CA ILE D 279 13.27 15.78 2.49
C ILE D 279 12.31 15.92 3.67
N ASP D 280 12.59 16.86 4.57
CA ASP D 280 11.68 17.11 5.70
C ASP D 280 10.30 17.52 5.19
N ASN D 281 10.25 18.40 4.20
CA ASN D 281 8.96 18.91 3.71
C ASN D 281 8.28 17.93 2.78
N LEU D 282 9.05 17.08 2.10
CA LEU D 282 8.46 16.13 1.16
C LEU D 282 7.49 15.20 1.87
N SER D 283 6.51 14.71 1.13
CA SER D 283 5.51 13.81 1.68
C SER D 283 6.15 12.47 2.04
N GLY D 284 5.41 11.68 2.81
CA GLY D 284 5.87 10.35 3.15
C GLY D 284 6.21 9.51 1.92
N GLY D 285 5.40 9.63 0.87
CA GLY D 285 5.65 8.92 -0.37
C GLY D 285 6.78 9.51 -1.20
N GLU D 286 6.86 10.85 -1.23
CA GLU D 286 7.94 11.50 -1.97
C GLU D 286 9.30 11.23 -1.32
N GLN D 287 9.33 11.07 0.00
CA GLN D 287 10.57 10.66 0.66
C GLN D 287 11.04 9.30 0.16
N ILE D 288 10.12 8.32 0.12
CA ILE D 288 10.45 7.01 -0.41
C ILE D 288 10.83 7.09 -1.88
N ALA D 289 10.20 7.98 -2.63
CA ALA D 289 10.57 8.17 -4.03
C ALA D 289 12.02 8.60 -4.17
N VAL D 290 12.52 9.38 -3.22
CA VAL D 290 13.90 9.85 -3.29
C VAL D 290 14.85 8.78 -2.75
N ALA D 291 14.49 8.16 -1.62
CA ALA D 291 15.39 7.21 -0.98
C ALA D 291 15.69 6.02 -1.89
N LEU D 292 14.66 5.48 -2.56
CA LEU D 292 14.88 4.38 -3.48
C LEU D 292 15.72 4.81 -4.68
N SER D 293 15.33 5.92 -5.33
CA SER D 293 16.04 6.35 -6.52
C SER D 293 17.48 6.74 -6.22
N LEU D 294 17.75 7.21 -5.01
CA LEU D 294 19.13 7.47 -4.62
C LEU D 294 19.89 6.18 -4.41
N ARG D 295 19.28 5.20 -3.72
CA ARG D 295 19.92 3.91 -3.52
C ARG D 295 20.19 3.22 -4.85
N LEU D 296 19.29 3.39 -5.82
CA LEU D 296 19.54 2.88 -7.16
C LEU D 296 20.59 3.71 -7.89
N ALA D 297 20.63 5.02 -7.63
CA ALA D 297 21.65 5.85 -8.24
C ALA D 297 23.05 5.45 -7.77
N ILE D 298 23.16 5.05 -6.50
CA ILE D 298 24.42 4.53 -6.00
C ILE D 298 24.77 3.21 -6.69
N ALA D 299 23.77 2.34 -6.85
CA ALA D 299 24.01 1.08 -7.55
C ALA D 299 24.35 1.31 -9.01
N ASN D 300 23.57 2.14 -9.70
CA ASN D 300 23.86 2.44 -11.10
C ASN D 300 25.17 3.19 -11.28
N ALA D 301 25.67 3.86 -10.23
CA ALA D 301 26.95 4.55 -10.33
C ALA D 301 28.09 3.56 -10.49
N LEU D 302 28.18 2.60 -9.57
CA LEU D 302 29.17 1.53 -9.67
C LEU D 302 28.51 0.26 -10.19
N ILE D 303 28.07 0.35 -11.45
CA ILE D 303 27.27 -0.72 -12.04
C ILE D 303 28.08 -2.01 -12.17
N GLY D 304 29.39 -1.90 -12.34
CA GLY D 304 30.23 -3.08 -12.46
C GLY D 304 31.29 -3.16 -11.38
N ASN D 305 31.50 -2.05 -10.66
CA ASN D 305 32.52 -2.03 -9.63
C ASN D 305 32.09 -2.84 -8.41
N ARG D 306 30.85 -2.66 -7.97
CA ARG D 306 30.34 -3.24 -6.71
C ARG D 306 28.98 -3.87 -6.99
N VAL D 307 29.00 -5.07 -7.56
CA VAL D 307 27.78 -5.79 -7.90
C VAL D 307 27.20 -6.40 -6.63
N GLU D 308 26.50 -5.60 -5.84
CA GLU D 308 25.93 -6.01 -4.57
C GLU D 308 24.49 -6.46 -4.73
N CYS D 309 24.07 -7.39 -3.87
CA CYS D 309 22.67 -7.79 -3.81
C CYS D 309 21.93 -6.91 -2.81
N ILE D 310 20.61 -6.80 -3.01
CA ILE D 310 19.79 -5.87 -2.24
C ILE D 310 18.54 -6.59 -1.74
N ILE D 311 18.15 -6.30 -0.51
CA ILE D 311 16.99 -6.91 0.12
C ILE D 311 16.09 -5.79 0.63
N LEU D 312 14.80 -5.86 0.28
CA LEU D 312 13.83 -4.83 0.63
C LEU D 312 12.60 -5.48 1.26
N ASP D 313 12.08 -4.85 2.31
CA ASP D 313 10.88 -5.33 3.01
C ASP D 313 9.81 -4.25 2.88
N GLU D 314 8.87 -4.46 1.96
CA GLU D 314 7.74 -3.58 1.69
C GLU D 314 8.21 -2.16 1.38
N PRO D 315 8.72 -1.90 0.18
CA PRO D 315 9.15 -0.54 -0.17
C PRO D 315 8.04 0.30 -0.78
N THR D 316 7.09 -0.36 -1.45
CA THR D 316 5.98 0.34 -2.10
C THR D 316 4.99 0.93 -1.11
N VAL D 317 5.16 0.66 0.18
CA VAL D 317 4.28 1.28 1.18
C VAL D 317 4.45 2.80 1.14
N TYR D 318 3.36 3.50 1.44
CA TYR D 318 3.20 4.96 1.38
C TYR D 318 3.15 5.48 -0.05
N LEU D 319 3.31 4.64 -1.06
CA LEU D 319 3.22 5.05 -2.45
C LEU D 319 1.85 4.69 -3.02
N ASP D 320 1.29 5.58 -3.84
CA ASP D 320 -0.06 5.41 -4.33
C ASP D 320 -0.09 4.35 -5.44
N GLU D 321 -1.25 4.21 -6.10
CA GLU D 321 -1.38 3.19 -7.13
C GLU D 321 -0.39 3.40 -8.26
N ASN D 322 -0.29 4.64 -8.76
CA ASN D 322 0.58 4.90 -9.90
C ASN D 322 2.05 4.77 -9.54
N ARG D 323 2.44 5.27 -8.37
CA ARG D 323 3.85 5.25 -7.99
C ARG D 323 4.33 3.82 -7.72
N ARG D 324 3.45 2.97 -7.21
CA ARG D 324 3.77 1.55 -7.08
C ARG D 324 3.99 0.92 -8.45
N ALA D 325 3.16 1.30 -9.42
CA ALA D 325 3.29 0.74 -10.78
C ALA D 325 4.58 1.22 -11.43
N LYS D 326 4.80 2.54 -11.45
CA LYS D 326 6.01 3.08 -12.06
C LYS D 326 7.27 2.47 -11.43
N LEU D 327 7.23 2.21 -10.13
CA LEU D 327 8.39 1.64 -9.44
C LEU D 327 8.72 0.26 -9.99
N ALA D 328 7.71 -0.51 -10.38
CA ALA D 328 7.95 -1.84 -10.94
C ALA D 328 8.72 -1.75 -12.26
N GLU D 329 8.27 -0.87 -13.16
CA GLU D 329 8.97 -0.67 -14.41
C GLU D 329 10.37 -0.13 -14.20
N ILE D 330 10.61 0.56 -13.08
CA ILE D 330 11.97 0.98 -12.75
C ILE D 330 12.82 -0.23 -12.37
N PHE D 331 12.27 -1.13 -11.55
CA PHE D 331 13.02 -2.32 -11.13
C PHE D 331 13.35 -3.22 -12.32
N ARG D 332 12.47 -3.25 -13.32
CA ARG D 332 12.70 -4.14 -14.46
C ARG D 332 13.86 -3.66 -15.32
N LYS D 333 14.00 -2.34 -15.48
CA LYS D 333 15.10 -1.79 -16.27
C LYS D 333 16.40 -1.73 -15.48
N VAL D 334 16.37 -1.96 -14.18
CA VAL D 334 17.59 -1.96 -13.38
C VAL D 334 18.40 -3.21 -13.71
N LYS D 335 19.59 -3.00 -14.29
CA LYS D 335 20.52 -4.07 -14.56
C LYS D 335 21.77 -3.99 -13.70
N SER D 336 21.83 -3.03 -12.78
CA SER D 336 23.02 -2.79 -11.99
C SER D 336 23.14 -3.74 -10.79
N ILE D 337 22.04 -4.30 -10.33
CA ILE D 337 22.02 -5.15 -9.14
C ILE D 337 21.71 -6.57 -9.60
N PRO D 338 22.58 -7.54 -9.33
CA PRO D 338 22.35 -8.90 -9.86
C PRO D 338 21.15 -9.60 -9.24
N GLN D 339 20.91 -9.40 -7.94
CA GLN D 339 19.84 -10.12 -7.25
C GLN D 339 19.23 -9.19 -6.21
N MET D 340 17.98 -8.76 -6.43
CA MET D 340 17.26 -7.91 -5.49
C MET D 340 16.00 -8.63 -5.03
N ILE D 341 15.94 -8.97 -3.75
CA ILE D 341 14.81 -9.68 -3.16
C ILE D 341 13.91 -8.67 -2.49
N ILE D 342 12.62 -8.70 -2.83
CA ILE D 342 11.66 -7.70 -2.37
C ILE D 342 10.48 -8.40 -1.73
N ILE D 343 10.03 -7.88 -0.59
CA ILE D 343 8.81 -8.33 0.06
C ILE D 343 7.72 -7.33 -0.24
N THR D 344 6.50 -7.82 -0.50
CA THR D 344 5.38 -6.93 -0.72
C THR D 344 4.08 -7.66 -0.41
N HIS D 345 3.12 -6.90 0.09
CA HIS D 345 1.73 -7.32 0.15
C HIS D 345 0.92 -6.78 -1.02
N HIS D 346 1.60 -6.26 -2.05
CA HIS D 346 0.96 -5.62 -3.19
C HIS D 346 1.23 -6.42 -4.45
N ARG D 347 0.25 -6.39 -5.36
CA ARG D 347 0.33 -7.12 -6.62
C ARG D 347 1.18 -6.40 -7.67
N GLU D 348 1.54 -5.14 -7.44
CA GLU D 348 2.26 -4.38 -8.46
C GLU D 348 3.65 -4.96 -8.73
N LEU D 349 4.13 -5.85 -7.88
CA LEU D 349 5.47 -6.40 -8.02
C LEU D 349 5.48 -7.89 -8.34
N GLU D 350 4.33 -8.58 -8.19
CA GLU D 350 4.24 -9.95 -8.66
C GLU D 350 4.49 -10.03 -10.17
N ASP D 351 3.90 -9.09 -10.92
CA ASP D 351 3.91 -9.16 -12.37
C ASP D 351 5.25 -8.79 -12.99
N VAL D 352 6.19 -8.25 -12.19
CA VAL D 352 7.49 -7.84 -12.72
C VAL D 352 8.61 -8.78 -12.27
N ALA D 353 8.35 -9.68 -11.34
CA ALA D 353 9.39 -10.55 -10.81
C ALA D 353 9.65 -11.73 -11.75
N ASP D 354 10.84 -12.30 -11.62
CA ASP D 354 11.18 -13.54 -12.31
C ASP D 354 10.80 -14.77 -11.50
N VAL D 355 11.07 -14.75 -10.20
CA VAL D 355 10.75 -15.83 -9.28
C VAL D 355 9.86 -15.27 -8.19
N ILE D 356 8.75 -15.95 -7.91
CA ILE D 356 7.76 -15.52 -6.95
C ILE D 356 7.63 -16.60 -5.88
N ILE D 357 8.01 -16.26 -4.65
CA ILE D 357 8.03 -17.21 -3.53
C ILE D 357 6.79 -16.95 -2.68
N ASN D 358 5.82 -17.84 -2.75
CA ASN D 358 4.56 -17.68 -2.03
C ASN D 358 4.67 -18.30 -0.65
N VAL D 359 4.19 -17.56 0.36
CA VAL D 359 4.31 -17.95 1.77
C VAL D 359 2.96 -17.80 2.43
N LYS D 360 2.38 -18.91 2.90
CA LYS D 360 1.13 -18.89 3.64
C LYS D 360 1.34 -19.57 4.99
N LYS D 361 0.32 -19.49 5.85
CA LYS D 361 0.40 -19.99 7.22
C LYS D 361 -0.78 -20.89 7.51
N ASP D 362 -0.52 -22.06 8.10
CA ASP D 362 -1.54 -23.05 8.38
C ASP D 362 -2.01 -22.96 9.83
N GLY D 363 -1.26 -23.56 10.75
CA GLY D 363 -1.58 -23.50 12.16
C GLY D 363 -0.50 -22.77 12.93
N ASN D 364 -0.42 -21.45 12.74
CA ASN D 364 0.66 -20.60 13.21
C ASN D 364 2.00 -21.00 12.60
N VAL D 365 2.01 -21.89 11.61
CA VAL D 365 3.22 -22.41 11.00
C VAL D 365 3.21 -22.03 9.53
N SER D 366 4.32 -21.45 9.06
CA SER D 366 4.43 -20.97 7.70
C SER D 366 4.89 -22.08 6.76
N LYS D 367 4.42 -22.00 5.51
CA LYS D 367 4.75 -22.99 4.48
C LYS D 367 5.19 -22.25 3.22
N VAL D 368 6.25 -22.76 2.59
CA VAL D 368 6.90 -22.09 1.47
C VAL D 368 6.61 -22.84 0.19
N LYS D 369 6.27 -22.10 -0.87
CA LYS D 369 5.96 -22.66 -2.19
C LYS D 369 6.72 -21.82 -3.23
N ILE D 370 7.81 -22.38 -3.77
CA ILE D 370 8.66 -21.67 -4.71
C ILE D 370 8.13 -21.84 -6.12
N ASN D 371 8.16 -20.75 -6.89
CA ASN D 371 7.76 -20.76 -8.30
C ASN D 371 8.92 -20.29 -9.15
N GLY D 372 9.23 -21.06 -10.19
CA GLY D 372 10.34 -20.73 -11.08
C GLY D 372 9.96 -19.84 -12.24
#